data_7XNZ
#
_entry.id   7XNZ
#
_cell.length_a   1.00
_cell.length_b   1.00
_cell.length_c   1.00
_cell.angle_alpha   90.00
_cell.angle_beta   90.00
_cell.angle_gamma   90.00
#
_symmetry.space_group_name_H-M   'P 1'
#
loop_
_entity.id
_entity.type
_entity.pdbx_description
1 polymer 'Putative cystathionine beta-synthase Rv1077'
2 non-polymer "PYRIDOXAL-5'-PHOSPHATE"
#
_entity_poly.entity_id   1
_entity_poly.type   'polypeptide(L)'
_entity_poly.pdbx_seq_one_letter_code
;MARIAQHISELIGGTPLVRLNSVVPDGAGTVAAKVEYLNPGGSSKDRIAVKMIEAAEASGQLKPGGTIVEPTSGNTGVGL
ALVAQRRGYKCVFVCPDKVSEDKRNVLIAYGAEVVVCPTAVPPHDPASYYSVSDRLVRDIDGAWKPDQYANPEGPASHYV
TTGPEIWADTEGKVTHFVAGIGTGGTITGAGRYLKEVSGGRVRIVGADPEGSVYSGGAGRPYLVEGVGEDFWPAAYDPSV
PDEIIAVSDSDSFDMTRRLAREEAMLVGGSCGMAVVAALKVAEEAGPDALIVVLLPDGGRGYMSKIFNDAWMSSYGFLRS
RLDGSTEQSTVGDVLRRKSGALPALVHTHPSETVRDAIGILREYGVSQMPVVGAEPPVMAGEVAGSVSERELLSAVFEGR
AKLADAVSAHMSPPLRMIGAGELVSAAGKALRDWDALMVVEEGKPVGVITRYDLLGFLSEGAGRRKLAAALEHHHHHH
;
_entity_poly.pdbx_strand_id   B,A,C,D
#
loop_
_chem_comp.id
_chem_comp.type
_chem_comp.name
_chem_comp.formula
PLP non-polymer PYRIDOXAL-5'-PHOSPHATE 'C8 H10 N O6 P'
#
# COMPACT_ATOMS: atom_id res chain seq x y z
N ILE A 4 -40.17 -14.46 -42.44
CA ILE A 4 -39.27 -13.42 -41.97
C ILE A 4 -39.96 -12.52 -40.97
N ALA A 5 -39.62 -12.67 -39.70
CA ALA A 5 -40.20 -11.83 -38.66
C ALA A 5 -39.94 -10.36 -38.98
N GLN A 6 -40.81 -9.49 -38.48
CA GLN A 6 -40.69 -8.07 -38.76
C GLN A 6 -39.79 -7.34 -37.77
N HIS A 7 -39.83 -7.74 -36.49
CA HIS A 7 -38.96 -7.20 -35.47
C HIS A 7 -38.49 -8.34 -34.60
N ILE A 8 -37.45 -8.10 -33.80
CA ILE A 8 -36.95 -9.13 -32.90
C ILE A 8 -37.91 -9.43 -31.77
N SER A 9 -38.84 -8.52 -31.48
CA SER A 9 -39.81 -8.72 -30.42
C SER A 9 -41.08 -9.41 -30.91
N GLU A 10 -41.05 -10.02 -32.09
CA GLU A 10 -42.14 -10.85 -32.55
C GLU A 10 -41.96 -12.31 -32.23
N LEU A 11 -40.74 -12.73 -31.90
CA LEU A 11 -40.43 -14.11 -31.57
C LEU A 11 -40.62 -14.41 -30.09
N ILE A 12 -41.27 -13.52 -29.35
CA ILE A 12 -41.47 -13.70 -27.91
C ILE A 12 -42.68 -14.60 -27.71
N GLY A 13 -42.44 -15.86 -27.41
CA GLY A 13 -43.51 -16.80 -27.12
C GLY A 13 -43.25 -18.16 -27.71
N GLY A 14 -44.16 -19.08 -27.42
CA GLY A 14 -44.03 -20.44 -27.94
C GLY A 14 -42.76 -21.13 -27.52
N THR A 15 -42.21 -20.77 -26.37
CA THR A 15 -40.97 -21.37 -25.93
C THR A 15 -41.15 -22.87 -25.70
N PRO A 16 -40.14 -23.67 -26.00
CA PRO A 16 -40.31 -25.13 -25.98
C PRO A 16 -40.63 -25.66 -24.59
N LEU A 17 -40.90 -26.96 -24.51
CA LEU A 17 -41.26 -27.63 -23.26
C LEU A 17 -40.45 -28.93 -23.20
N VAL A 18 -39.27 -28.86 -22.61
CA VAL A 18 -38.39 -30.01 -22.50
C VAL A 18 -38.59 -30.65 -21.14
N ARG A 19 -38.19 -31.91 -21.02
CA ARG A 19 -38.39 -32.69 -19.80
C ARG A 19 -37.07 -32.95 -19.12
N LEU A 20 -37.12 -33.03 -17.79
CA LEU A 20 -35.96 -33.38 -16.98
C LEU A 20 -35.97 -34.89 -16.73
N ASN A 21 -34.86 -35.55 -17.06
CA ASN A 21 -34.82 -37.00 -16.98
C ASN A 21 -33.69 -37.56 -16.12
N SER A 22 -32.96 -36.70 -15.39
CA SER A 22 -31.88 -37.18 -14.54
C SER A 22 -31.92 -36.63 -13.12
N VAL A 23 -32.71 -35.60 -12.86
CA VAL A 23 -32.81 -35.04 -11.51
C VAL A 23 -33.96 -35.67 -10.73
N VAL A 24 -35.09 -35.89 -11.37
CA VAL A 24 -36.22 -36.53 -10.69
C VAL A 24 -35.86 -37.97 -10.37
N PRO A 25 -36.18 -38.47 -9.18
CA PRO A 25 -35.82 -39.85 -8.84
C PRO A 25 -36.57 -40.86 -9.69
N ASP A 26 -36.23 -42.13 -9.51
CA ASP A 26 -36.90 -43.21 -10.21
C ASP A 26 -38.23 -43.52 -9.54
N GLY A 27 -39.18 -44.00 -10.35
CA GLY A 27 -40.50 -44.33 -9.83
C GLY A 27 -41.36 -43.12 -9.52
N ALA A 28 -41.21 -42.04 -10.27
CA ALA A 28 -41.99 -40.83 -10.08
C ALA A 28 -42.52 -40.34 -11.41
N GLY A 29 -43.53 -39.47 -11.35
CA GLY A 29 -44.17 -38.97 -12.55
C GLY A 29 -43.21 -38.25 -13.48
N THR A 30 -43.73 -37.75 -14.59
CA THR A 30 -42.94 -37.03 -15.56
C THR A 30 -42.83 -35.57 -15.16
N VAL A 31 -41.64 -35.00 -15.31
CA VAL A 31 -41.38 -33.60 -15.02
C VAL A 31 -40.96 -32.93 -16.31
N ALA A 32 -41.83 -32.11 -16.87
CA ALA A 32 -41.52 -31.31 -18.05
C ALA A 32 -41.20 -29.90 -17.60
N ALA A 33 -40.01 -29.42 -17.94
CA ALA A 33 -39.56 -28.09 -17.56
C ALA A 33 -39.74 -27.17 -18.76
N LYS A 34 -40.70 -26.25 -18.66
CA LYS A 34 -40.96 -25.33 -19.77
C LYS A 34 -39.86 -24.29 -19.81
N VAL A 35 -38.75 -24.67 -20.44
CA VAL A 35 -37.60 -23.78 -20.60
C VAL A 35 -38.09 -22.48 -21.20
N GLU A 36 -37.88 -21.37 -20.48
CA GLU A 36 -38.40 -20.08 -20.91
C GLU A 36 -37.31 -19.03 -21.07
N TYR A 37 -36.05 -19.44 -21.09
CA TYR A 37 -34.95 -18.50 -21.32
C TYR A 37 -34.56 -18.42 -22.79
N LEU A 38 -35.35 -19.01 -23.68
CA LEU A 38 -35.12 -18.92 -25.11
C LEU A 38 -35.82 -17.73 -25.75
N ASN A 39 -36.54 -16.94 -24.97
CA ASN A 39 -37.15 -15.74 -25.53
C ASN A 39 -36.05 -14.79 -25.99
N PRO A 40 -36.33 -13.95 -26.98
CA PRO A 40 -35.29 -13.02 -27.45
C PRO A 40 -34.77 -12.11 -26.35
N GLY A 41 -35.61 -11.75 -25.38
CA GLY A 41 -35.18 -10.91 -24.28
C GLY A 41 -34.46 -11.63 -23.17
N GLY A 42 -34.33 -12.95 -23.25
CA GLY A 42 -33.58 -13.71 -22.27
C GLY A 42 -34.39 -14.33 -21.16
N SER A 43 -35.46 -13.69 -20.70
CA SER A 43 -36.22 -14.18 -19.57
C SER A 43 -37.69 -14.37 -19.97
N SER A 44 -38.50 -14.73 -18.97
CA SER A 44 -39.94 -14.88 -19.18
C SER A 44 -40.66 -13.55 -19.17
N LYS A 45 -40.08 -12.51 -18.57
CA LYS A 45 -40.77 -11.24 -18.42
C LYS A 45 -41.16 -10.65 -19.75
N ASP A 46 -40.50 -11.05 -20.83
CA ASP A 46 -40.86 -10.55 -22.15
C ASP A 46 -42.35 -10.70 -22.38
N ARG A 47 -42.91 -11.86 -22.06
CA ARG A 47 -44.35 -12.06 -22.27
C ARG A 47 -45.13 -10.87 -21.73
N ILE A 48 -45.06 -10.63 -20.42
CA ILE A 48 -45.82 -9.55 -19.82
C ILE A 48 -45.48 -8.24 -20.52
N ALA A 49 -44.20 -7.97 -20.71
CA ALA A 49 -43.77 -6.74 -21.34
C ALA A 49 -44.62 -6.44 -22.57
N VAL A 50 -44.59 -7.36 -23.54
CA VAL A 50 -45.36 -7.12 -24.76
C VAL A 50 -46.78 -6.70 -24.42
N LYS A 51 -47.47 -7.55 -23.68
CA LYS A 51 -48.86 -7.28 -23.36
C LYS A 51 -49.01 -5.87 -22.78
N MET A 52 -48.19 -5.55 -21.77
CA MET A 52 -48.34 -4.26 -21.12
C MET A 52 -48.25 -3.14 -22.14
N ILE A 53 -47.22 -3.17 -23.00
CA ILE A 53 -47.07 -2.10 -23.97
C ILE A 53 -48.32 -1.99 -24.82
N GLU A 54 -48.84 -3.14 -25.28
CA GLU A 54 -50.04 -3.12 -26.11
C GLU A 54 -51.14 -2.33 -25.43
N ALA A 55 -51.35 -2.55 -24.12
CA ALA A 55 -52.40 -1.82 -23.42
C ALA A 55 -52.19 -0.32 -23.56
N ALA A 56 -50.96 0.15 -23.30
CA ALA A 56 -50.70 1.59 -23.36
C ALA A 56 -50.97 2.16 -24.73
N GLU A 57 -51.05 1.32 -25.77
CA GLU A 57 -51.39 1.79 -27.10
C GLU A 57 -52.87 1.70 -27.41
N ALA A 58 -53.57 0.71 -26.84
CA ALA A 58 -55.01 0.60 -27.06
C ALA A 58 -55.76 1.56 -26.14
N SER A 59 -55.44 1.54 -24.85
CA SER A 59 -56.04 2.45 -23.89
C SER A 59 -55.64 3.90 -24.12
N GLY A 60 -54.79 4.18 -25.09
CA GLY A 60 -54.38 5.54 -25.34
C GLY A 60 -53.69 6.21 -24.17
N GLN A 61 -53.21 5.42 -23.21
CA GLN A 61 -52.60 5.96 -22.01
C GLN A 61 -51.11 6.24 -22.18
N LEU A 62 -50.53 5.90 -23.33
CA LEU A 62 -49.12 6.15 -23.62
C LEU A 62 -49.06 6.82 -24.99
N LYS A 63 -49.11 8.15 -25.01
CA LYS A 63 -49.12 8.88 -26.26
C LYS A 63 -47.81 8.63 -27.01
N PRO A 64 -47.86 8.54 -28.34
CA PRO A 64 -46.63 8.26 -29.10
C PRO A 64 -45.55 9.30 -28.80
N GLY A 65 -44.31 8.83 -28.72
CA GLY A 65 -43.20 9.66 -28.30
C GLY A 65 -43.04 9.78 -26.81
N GLY A 66 -43.91 9.17 -26.02
CA GLY A 66 -43.81 9.25 -24.58
C GLY A 66 -42.70 8.37 -24.04
N THR A 67 -42.35 8.62 -22.79
CA THR A 67 -41.27 7.91 -22.11
C THR A 67 -41.85 6.91 -21.13
N ILE A 68 -41.21 5.74 -21.04
CA ILE A 68 -41.59 4.71 -20.09
C ILE A 68 -40.69 4.84 -18.87
N VAL A 69 -41.29 5.04 -17.71
CA VAL A 69 -40.57 5.13 -16.45
C VAL A 69 -40.91 3.89 -15.63
N GLU A 70 -39.92 3.32 -14.98
CA GLU A 70 -40.16 2.08 -14.25
C GLU A 70 -39.04 1.80 -13.25
N PRO A 71 -39.36 1.53 -11.99
CA PRO A 71 -38.34 1.01 -11.08
C PRO A 71 -38.06 -0.45 -11.40
N THR A 72 -36.93 -0.70 -12.03
CA THR A 72 -36.69 -1.99 -12.65
C THR A 72 -36.11 -2.98 -11.64
N SER A 73 -36.18 -4.26 -12.00
CA SER A 73 -35.50 -5.32 -11.28
C SER A 73 -34.28 -5.84 -12.01
N GLY A 74 -34.31 -5.86 -13.34
CA GLY A 74 -33.19 -6.38 -14.10
C GLY A 74 -33.63 -7.23 -15.28
N ASN A 75 -34.77 -7.90 -15.14
CA ASN A 75 -35.35 -8.67 -16.22
C ASN A 75 -36.49 -7.96 -16.91
N THR A 76 -37.43 -7.39 -16.14
CA THR A 76 -38.49 -6.61 -16.76
C THR A 76 -37.92 -5.46 -17.58
N GLY A 77 -36.81 -4.88 -17.13
CA GLY A 77 -36.17 -3.84 -17.91
C GLY A 77 -35.72 -4.33 -19.26
N VAL A 78 -35.16 -5.54 -19.33
CA VAL A 78 -34.68 -6.06 -20.61
C VAL A 78 -35.83 -6.16 -21.61
N GLY A 79 -36.94 -6.77 -21.21
CA GLY A 79 -38.06 -6.91 -22.12
C GLY A 79 -38.69 -5.58 -22.48
N LEU A 80 -38.88 -4.70 -21.48
CA LEU A 80 -39.45 -3.40 -21.76
C LEU A 80 -38.61 -2.63 -22.76
N ALA A 81 -37.28 -2.63 -22.57
CA ALA A 81 -36.41 -1.97 -23.54
C ALA A 81 -36.51 -2.64 -24.90
N LEU A 82 -36.46 -3.97 -24.94
CA LEU A 82 -36.47 -4.68 -26.21
C LEU A 82 -37.71 -4.37 -27.03
N VAL A 83 -38.83 -4.08 -26.37
CA VAL A 83 -40.08 -3.81 -27.10
C VAL A 83 -40.27 -2.32 -27.37
N ALA A 84 -40.15 -1.50 -26.33
CA ALA A 84 -40.28 -0.06 -26.52
C ALA A 84 -39.27 0.48 -27.51
N GLN A 85 -38.18 -0.25 -27.74
CA GLN A 85 -37.25 0.13 -28.79
C GLN A 85 -37.80 -0.18 -30.17
N ARG A 86 -38.65 -1.20 -30.29
CA ARG A 86 -39.34 -1.42 -31.56
C ARG A 86 -40.34 -0.30 -31.82
N ARG A 87 -41.16 0.04 -30.82
CA ARG A 87 -42.10 1.13 -31.04
C ARG A 87 -41.39 2.47 -31.17
N GLY A 88 -40.27 2.65 -30.48
CA GLY A 88 -39.56 3.90 -30.49
C GLY A 88 -39.80 4.78 -29.28
N TYR A 89 -40.26 4.22 -28.16
CA TYR A 89 -40.57 5.00 -26.96
C TYR A 89 -39.31 5.08 -26.10
N LYS A 90 -38.88 6.30 -25.79
CA LYS A 90 -37.75 6.47 -24.89
C LYS A 90 -38.05 5.83 -23.55
N CYS A 91 -37.10 5.06 -23.04
CA CYS A 91 -37.28 4.30 -21.81
C CYS A 91 -36.25 4.74 -20.78
N VAL A 92 -36.71 5.02 -19.57
CA VAL A 92 -35.85 5.48 -18.48
C VAL A 92 -36.18 4.69 -17.23
N PHE A 93 -35.20 4.00 -16.68
CA PHE A 93 -35.35 3.20 -15.47
C PHE A 93 -34.74 3.92 -14.27
N VAL A 94 -35.15 3.48 -13.08
CA VAL A 94 -34.58 3.96 -11.83
C VAL A 94 -34.22 2.74 -10.99
N CYS A 95 -32.93 2.45 -10.88
CA CYS A 95 -32.52 1.15 -10.38
C CYS A 95 -31.83 1.28 -9.03
N PRO A 96 -32.06 0.33 -8.12
CA PRO A 96 -31.30 0.31 -6.87
C PRO A 96 -29.84 -0.05 -7.14
N ASP A 97 -28.94 0.61 -6.40
CA ASP A 97 -27.51 0.34 -6.58
C ASP A 97 -27.15 -1.10 -6.25
N LYS A 98 -28.09 -1.89 -5.72
CA LYS A 98 -27.81 -3.29 -5.44
C LYS A 98 -27.53 -4.07 -6.72
N VAL A 99 -28.01 -3.60 -7.86
CA VAL A 99 -27.81 -4.30 -9.12
C VAL A 99 -26.38 -4.12 -9.59
N SER A 100 -25.79 -5.20 -10.11
CA SER A 100 -24.39 -5.17 -10.51
C SER A 100 -24.18 -4.25 -11.71
N GLU A 101 -22.94 -4.12 -12.15
CA GLU A 101 -22.64 -3.26 -13.29
C GLU A 101 -23.03 -3.93 -14.60
N ASP A 102 -22.84 -5.24 -14.71
CA ASP A 102 -23.18 -5.93 -15.95
C ASP A 102 -24.66 -5.85 -16.25
N LYS A 103 -25.51 -6.02 -15.23
CA LYS A 103 -26.95 -6.03 -15.46
C LYS A 103 -27.43 -4.70 -16.02
N ARG A 104 -27.13 -3.59 -15.33
CA ARG A 104 -27.57 -2.30 -15.84
C ARG A 104 -26.79 -1.88 -17.07
N ASN A 105 -25.59 -2.41 -17.27
CA ASN A 105 -24.89 -2.15 -18.52
C ASN A 105 -25.63 -2.77 -19.70
N VAL A 106 -26.13 -4.00 -19.53
CA VAL A 106 -27.03 -4.57 -20.52
C VAL A 106 -28.25 -3.69 -20.69
N LEU A 107 -28.86 -3.31 -19.57
CA LEU A 107 -30.07 -2.48 -19.60
C LEU A 107 -29.86 -1.20 -20.38
N ILE A 108 -28.63 -0.67 -20.37
CA ILE A 108 -28.30 0.51 -21.16
C ILE A 108 -28.09 0.15 -22.62
N ALA A 109 -27.35 -0.93 -22.87
CA ALA A 109 -27.00 -1.28 -24.25
C ALA A 109 -28.23 -1.38 -25.13
N TYR A 110 -29.37 -1.77 -24.55
CA TYR A 110 -30.62 -1.83 -25.30
C TYR A 110 -31.20 -0.46 -25.58
N GLY A 111 -30.60 0.60 -25.08
CA GLY A 111 -31.10 1.94 -25.29
C GLY A 111 -31.96 2.48 -24.19
N ALA A 112 -31.74 2.05 -22.95
CA ALA A 112 -32.50 2.51 -21.80
C ALA A 112 -31.64 3.43 -20.96
N GLU A 113 -32.26 4.48 -20.43
CA GLU A 113 -31.57 5.43 -19.57
C GLU A 113 -31.82 5.04 -18.12
N VAL A 114 -30.75 4.62 -17.44
CA VAL A 114 -30.84 4.12 -16.07
C VAL A 114 -30.27 5.17 -15.13
N VAL A 115 -31.12 5.71 -14.27
CA VAL A 115 -30.71 6.65 -13.23
C VAL A 115 -30.73 5.91 -11.90
N VAL A 116 -29.59 5.86 -11.24
CA VAL A 116 -29.43 5.06 -10.03
C VAL A 116 -29.68 5.92 -8.80
N CYS A 117 -30.18 5.28 -7.75
CA CYS A 117 -30.42 5.91 -6.47
C CYS A 117 -29.97 4.95 -5.37
N PRO A 118 -29.62 5.48 -4.19
CA PRO A 118 -29.21 4.62 -3.08
C PRO A 118 -30.29 3.62 -2.72
N THR A 119 -29.88 2.56 -2.02
CA THR A 119 -30.77 1.46 -1.67
C THR A 119 -30.74 1.25 -0.16
N ALA A 120 -31.57 0.31 0.30
CA ALA A 120 -31.68 -0.06 1.71
C ALA A 120 -32.43 1.01 2.49
N VAL A 121 -32.75 2.13 1.85
CA VAL A 121 -33.56 3.19 2.47
C VAL A 121 -35.02 2.76 2.36
N PRO A 122 -35.89 3.24 3.24
CA PRO A 122 -37.30 2.83 3.18
C PRO A 122 -37.90 3.15 1.82
N PRO A 123 -38.78 2.27 1.31
CA PRO A 123 -39.34 2.52 -0.03
C PRO A 123 -40.18 3.78 -0.11
N HIS A 124 -40.78 4.20 1.00
CA HIS A 124 -41.72 5.31 1.01
C HIS A 124 -41.06 6.68 1.14
N ASP A 125 -39.74 6.75 1.24
CA ASP A 125 -39.04 8.01 1.41
C ASP A 125 -38.43 8.46 0.09
N PRO A 126 -37.98 9.73 0.02
CA PRO A 126 -37.47 10.27 -1.24
C PRO A 126 -36.17 9.63 -1.72
N ALA A 127 -35.53 8.78 -0.92
CA ALA A 127 -34.27 8.17 -1.32
C ALA A 127 -34.48 6.88 -2.11
N SER A 128 -35.37 6.01 -1.65
CA SER A 128 -35.63 4.78 -2.37
C SER A 128 -36.18 5.09 -3.76
N TYR A 129 -36.14 4.09 -4.64
CA TYR A 129 -36.43 4.35 -6.05
C TYR A 129 -37.92 4.44 -6.35
N TYR A 130 -38.79 4.03 -5.44
CA TYR A 130 -40.23 4.18 -5.70
C TYR A 130 -40.64 5.64 -5.76
N SER A 131 -40.23 6.42 -4.75
CA SER A 131 -40.58 7.83 -4.72
C SER A 131 -39.92 8.58 -5.87
N VAL A 132 -38.67 8.24 -6.20
CA VAL A 132 -37.99 8.91 -7.31
C VAL A 132 -38.66 8.56 -8.63
N SER A 133 -39.13 7.31 -8.76
CA SER A 133 -39.88 6.93 -9.97
C SER A 133 -41.15 7.75 -10.09
N ASP A 134 -41.86 7.94 -8.96
CA ASP A 134 -43.05 8.78 -9.00
C ASP A 134 -42.71 10.22 -9.37
N ARG A 135 -41.60 10.74 -8.84
CA ARG A 135 -41.19 12.10 -9.17
C ARG A 135 -40.89 12.23 -10.66
N LEU A 136 -40.20 11.24 -11.23
CA LEU A 136 -39.95 11.24 -12.67
C LEU A 136 -41.26 11.20 -13.44
N VAL A 137 -42.20 10.37 -12.98
CA VAL A 137 -43.51 10.32 -13.63
C VAL A 137 -44.14 11.69 -13.65
N ARG A 138 -44.00 12.44 -12.55
CA ARG A 138 -44.57 13.79 -12.50
C ARG A 138 -43.84 14.72 -13.48
N ASP A 139 -42.52 14.84 -13.35
CA ASP A 139 -41.78 15.82 -14.14
C ASP A 139 -41.92 15.56 -15.64
N ILE A 140 -41.43 14.41 -16.10
CA ILE A 140 -41.45 14.13 -17.53
C ILE A 140 -42.88 14.17 -18.04
N ASP A 141 -43.02 14.42 -19.34
CA ASP A 141 -44.33 14.44 -19.98
C ASP A 141 -44.57 13.13 -20.71
N GLY A 142 -45.84 12.76 -20.82
CA GLY A 142 -46.21 11.51 -21.47
C GLY A 142 -45.67 10.28 -20.79
N ALA A 143 -45.27 10.41 -19.53
CA ALA A 143 -44.74 9.27 -18.79
C ALA A 143 -45.83 8.23 -18.55
N TRP A 144 -45.42 6.98 -18.43
CA TRP A 144 -46.35 5.88 -18.18
C TRP A 144 -45.63 4.83 -17.34
N LYS A 145 -45.86 4.89 -16.04
CA LYS A 145 -45.26 3.93 -15.12
C LYS A 145 -46.03 2.61 -15.22
N PRO A 146 -45.48 1.60 -15.89
CA PRO A 146 -46.25 0.36 -16.09
C PRO A 146 -46.68 -0.29 -14.78
N ASP A 147 -45.90 -0.14 -13.72
CA ASP A 147 -46.28 -0.65 -12.40
C ASP A 147 -46.56 -2.15 -12.45
N GLN A 148 -45.48 -2.90 -12.73
CA GLN A 148 -45.59 -4.33 -12.94
C GLN A 148 -46.17 -5.08 -11.75
N TYR A 149 -46.36 -4.40 -10.61
CA TYR A 149 -46.85 -5.06 -9.41
C TYR A 149 -48.36 -4.93 -9.21
N ALA A 150 -49.00 -3.95 -9.83
CA ALA A 150 -50.43 -3.75 -9.69
C ALA A 150 -51.06 -3.53 -11.06
N ASN A 151 -50.68 -4.36 -12.02
CA ASN A 151 -51.14 -4.22 -13.40
C ASN A 151 -51.84 -5.51 -13.83
N PRO A 152 -53.16 -5.50 -14.03
CA PRO A 152 -53.84 -6.74 -14.42
C PRO A 152 -53.33 -7.31 -15.73
N GLU A 153 -52.87 -6.45 -16.64
CA GLU A 153 -52.35 -6.94 -17.91
C GLU A 153 -51.18 -7.90 -17.70
N GLY A 154 -50.44 -7.73 -16.62
CA GLY A 154 -49.35 -8.63 -16.30
C GLY A 154 -49.82 -10.08 -16.29
N PRO A 155 -50.66 -10.43 -15.32
CA PRO A 155 -51.19 -11.81 -15.29
C PRO A 155 -52.05 -12.15 -16.50
N ALA A 156 -52.74 -11.16 -17.09
CA ALA A 156 -53.56 -11.46 -18.26
C ALA A 156 -52.70 -11.97 -19.41
N SER A 157 -51.50 -11.43 -19.56
CA SER A 157 -50.63 -11.86 -20.66
C SER A 157 -50.25 -13.33 -20.51
N HIS A 158 -49.92 -13.76 -19.30
CA HIS A 158 -49.66 -15.18 -19.07
C HIS A 158 -50.92 -16.01 -19.25
N TYR A 159 -52.08 -15.46 -18.86
CA TYR A 159 -53.33 -16.16 -19.10
C TYR A 159 -53.58 -16.39 -20.58
N VAL A 160 -53.12 -15.48 -21.42
CA VAL A 160 -53.36 -15.60 -22.85
C VAL A 160 -52.31 -16.47 -23.53
N THR A 161 -51.04 -16.34 -23.15
CA THR A 161 -49.95 -16.93 -23.94
C THR A 161 -48.97 -17.73 -23.09
N THR A 162 -49.38 -18.23 -21.93
CA THR A 162 -48.55 -19.16 -21.17
C THR A 162 -49.31 -20.40 -20.73
N GLY A 163 -50.62 -20.29 -20.55
CA GLY A 163 -51.45 -21.43 -20.27
C GLY A 163 -51.71 -22.23 -21.53
N PRO A 164 -52.12 -21.55 -22.61
CA PRO A 164 -52.35 -22.28 -23.86
C PRO A 164 -51.14 -23.08 -24.32
N GLU A 165 -49.93 -22.55 -24.18
CA GLU A 165 -48.76 -23.34 -24.52
C GLU A 165 -48.63 -24.56 -23.63
N ILE A 166 -48.81 -24.36 -22.31
CA ILE A 166 -48.72 -25.49 -21.39
C ILE A 166 -49.80 -26.52 -21.69
N TRP A 167 -50.99 -26.05 -22.05
CA TRP A 167 -52.10 -26.97 -22.28
C TRP A 167 -52.01 -27.66 -23.63
N ALA A 168 -51.33 -27.07 -24.61
CA ALA A 168 -51.25 -27.64 -25.94
C ALA A 168 -50.02 -28.52 -26.12
N ASP A 169 -48.87 -28.11 -25.59
CA ASP A 169 -47.67 -28.93 -25.73
C ASP A 169 -47.80 -30.28 -25.05
N THR A 170 -48.74 -30.42 -24.11
CA THR A 170 -48.97 -31.67 -23.42
C THR A 170 -50.29 -32.33 -23.81
N GLU A 171 -51.10 -31.68 -24.64
CA GLU A 171 -52.36 -32.24 -25.13
C GLU A 171 -53.33 -32.46 -23.97
N GLY A 172 -53.60 -31.39 -23.23
CA GLY A 172 -54.61 -31.39 -22.19
C GLY A 172 -54.38 -32.40 -21.10
N LYS A 173 -53.14 -32.87 -20.93
CA LYS A 173 -52.80 -33.89 -19.94
C LYS A 173 -51.68 -33.35 -19.06
N VAL A 174 -52.05 -32.63 -18.01
CA VAL A 174 -51.10 -32.08 -17.05
C VAL A 174 -51.71 -32.15 -15.67
N THR A 175 -51.12 -32.96 -14.80
CA THR A 175 -51.67 -33.14 -13.45
C THR A 175 -51.44 -31.90 -12.59
N HIS A 176 -50.24 -31.33 -12.65
CA HIS A 176 -49.88 -30.19 -11.82
C HIS A 176 -49.19 -29.12 -12.66
N PHE A 177 -49.00 -27.96 -12.05
CA PHE A 177 -48.24 -26.88 -12.68
C PHE A 177 -47.58 -26.08 -11.57
N VAL A 178 -46.31 -26.40 -11.28
CA VAL A 178 -45.56 -25.71 -10.26
C VAL A 178 -44.77 -24.59 -10.92
N ALA A 179 -44.72 -23.43 -10.25
CA ALA A 179 -44.06 -22.27 -10.83
C ALA A 179 -43.68 -21.31 -9.72
N GLY A 180 -42.47 -20.74 -9.83
CA GLY A 180 -42.03 -19.78 -8.85
C GLY A 180 -42.98 -18.60 -8.76
N ILE A 181 -43.29 -18.19 -7.53
CA ILE A 181 -44.24 -17.11 -7.29
C ILE A 181 -43.45 -15.95 -6.70
N GLY A 182 -43.16 -14.96 -7.53
CA GLY A 182 -42.45 -13.77 -7.10
C GLY A 182 -43.40 -12.60 -6.94
N THR A 183 -43.41 -11.71 -7.93
CA THR A 183 -44.36 -10.60 -7.93
C THR A 183 -45.78 -11.10 -8.15
N GLY A 184 -45.93 -12.35 -8.58
CA GLY A 184 -47.26 -12.91 -8.75
C GLY A 184 -47.98 -12.58 -10.06
N GLY A 185 -47.37 -13.00 -11.18
CA GLY A 185 -48.14 -13.13 -12.40
C GLY A 185 -48.10 -14.52 -13.01
N THR A 186 -46.97 -15.24 -12.92
CA THR A 186 -46.89 -16.50 -13.67
C THR A 186 -47.85 -17.54 -13.16
N ILE A 187 -47.94 -17.71 -11.84
CA ILE A 187 -48.84 -18.68 -11.24
C ILE A 187 -50.29 -18.26 -11.41
N THR A 188 -50.61 -16.99 -11.18
CA THR A 188 -51.99 -16.56 -11.27
C THR A 188 -52.53 -16.73 -12.69
N GLY A 189 -51.89 -16.04 -13.65
CA GLY A 189 -52.38 -16.07 -15.01
C GLY A 189 -52.29 -17.41 -15.70
N ALA A 190 -51.45 -18.32 -15.20
CA ALA A 190 -51.37 -19.65 -15.77
C ALA A 190 -52.33 -20.63 -15.11
N GLY A 191 -52.34 -20.68 -13.77
CA GLY A 191 -53.25 -21.59 -13.08
C GLY A 191 -54.71 -21.24 -13.30
N ARG A 192 -55.03 -19.94 -13.38
CA ARG A 192 -56.41 -19.57 -13.64
C ARG A 192 -56.90 -20.22 -14.93
N TYR A 193 -56.10 -20.17 -15.99
CA TYR A 193 -56.50 -20.79 -17.25
C TYR A 193 -56.47 -22.31 -17.16
N LEU A 194 -55.44 -22.88 -16.55
CA LEU A 194 -55.39 -24.33 -16.42
C LEU A 194 -56.64 -24.87 -15.71
N LYS A 195 -57.15 -24.12 -14.75
CA LYS A 195 -58.37 -24.51 -14.05
C LYS A 195 -59.62 -24.24 -14.88
N GLU A 196 -59.69 -23.08 -15.54
CA GLU A 196 -60.86 -22.80 -16.39
C GLU A 196 -61.01 -23.84 -17.48
N VAL A 197 -59.90 -24.41 -17.94
CA VAL A 197 -59.95 -25.34 -19.06
C VAL A 197 -59.86 -26.79 -18.61
N SER A 198 -59.70 -27.04 -17.31
CA SER A 198 -59.66 -28.41 -16.82
C SER A 198 -60.54 -28.60 -15.59
N GLY A 199 -61.62 -27.84 -15.48
CA GLY A 199 -62.43 -27.92 -14.28
C GLY A 199 -61.61 -27.56 -13.06
N GLY A 200 -61.24 -28.56 -12.28
CA GLY A 200 -60.34 -28.35 -11.17
C GLY A 200 -59.28 -29.41 -11.05
N ARG A 201 -58.95 -30.06 -12.17
CA ARG A 201 -58.05 -31.20 -12.13
C ARG A 201 -56.63 -30.78 -11.79
N VAL A 202 -56.01 -29.97 -12.65
CA VAL A 202 -54.60 -29.66 -12.51
C VAL A 202 -54.42 -28.77 -11.29
N ARG A 203 -53.82 -29.31 -10.23
CA ARG A 203 -53.63 -28.58 -8.99
C ARG A 203 -52.42 -27.66 -9.14
N ILE A 204 -52.67 -26.35 -9.07
CA ILE A 204 -51.60 -25.38 -9.19
C ILE A 204 -50.79 -25.35 -7.89
N VAL A 205 -49.48 -25.37 -8.01
CA VAL A 205 -48.57 -25.27 -6.88
C VAL A 205 -47.63 -24.10 -7.12
N GLY A 206 -47.25 -23.44 -6.04
CA GLY A 206 -46.36 -22.30 -6.17
C GLY A 206 -45.23 -22.32 -5.16
N ALA A 207 -43.99 -22.33 -5.66
CA ALA A 207 -42.81 -22.32 -4.80
C ALA A 207 -42.46 -20.90 -4.39
N ASP A 208 -42.02 -20.74 -3.15
CA ASP A 208 -41.69 -19.45 -2.59
C ASP A 208 -40.44 -19.58 -1.73
N PRO A 209 -39.51 -18.64 -1.83
CA PRO A 209 -38.30 -18.73 -1.00
C PRO A 209 -38.66 -18.78 0.48
N GLU A 210 -37.89 -19.58 1.22
CA GLU A 210 -38.19 -19.82 2.63
C GLU A 210 -38.27 -18.51 3.39
N GLY A 211 -39.37 -18.31 4.10
CA GLY A 211 -39.53 -17.14 4.94
C GLY A 211 -39.96 -15.88 4.21
N SER A 212 -40.93 -16.00 3.32
CA SER A 212 -41.48 -14.84 2.61
C SER A 212 -42.93 -14.63 3.04
N VAL A 213 -43.55 -13.61 2.45
CA VAL A 213 -44.94 -13.30 2.80
C VAL A 213 -45.86 -14.43 2.39
N TYR A 214 -45.71 -14.91 1.15
CA TYR A 214 -46.60 -15.96 0.66
C TYR A 214 -46.47 -17.24 1.48
N SER A 215 -45.24 -17.61 1.81
CA SER A 215 -45.02 -18.81 2.59
C SER A 215 -45.45 -18.68 4.04
N GLY A 216 -46.08 -17.57 4.41
CA GLY A 216 -46.61 -17.39 5.75
C GLY A 216 -45.67 -16.75 6.74
N GLY A 217 -44.39 -16.60 6.40
CA GLY A 217 -43.43 -15.99 7.29
C GLY A 217 -43.44 -14.48 7.19
N ALA A 218 -42.44 -13.87 7.82
CA ALA A 218 -42.25 -12.43 7.78
C ALA A 218 -41.16 -12.08 6.77
N GLY A 219 -40.82 -10.80 6.71
CA GLY A 219 -39.81 -10.34 5.77
C GLY A 219 -38.49 -11.08 5.94
N ARG A 220 -37.61 -10.85 4.97
CA ARG A 220 -36.30 -11.50 4.96
C ARG A 220 -35.42 -10.88 3.88
N PRO A 221 -34.11 -10.82 4.08
CA PRO A 221 -33.21 -10.44 2.98
C PRO A 221 -33.15 -11.55 1.95
N TYR A 222 -33.51 -11.23 0.71
CA TYR A 222 -33.66 -12.22 -0.35
C TYR A 222 -32.43 -12.23 -1.24
N LEU A 223 -31.98 -13.44 -1.59
CA LEU A 223 -30.84 -13.63 -2.47
C LEU A 223 -31.23 -14.08 -3.87
N VAL A 224 -32.18 -15.00 -3.99
CA VAL A 224 -32.61 -15.46 -5.31
C VAL A 224 -33.29 -14.30 -6.01
N GLU A 225 -32.63 -13.75 -7.03
CA GLU A 225 -33.18 -12.60 -7.72
C GLU A 225 -34.52 -12.96 -8.38
N GLY A 226 -35.50 -12.08 -8.23
CA GLY A 226 -36.83 -12.37 -8.70
C GLY A 226 -37.80 -12.73 -7.58
N VAL A 227 -38.01 -14.03 -7.39
CA VAL A 227 -39.00 -14.54 -6.44
C VAL A 227 -38.82 -13.92 -5.06
N GLY A 228 -39.90 -13.80 -4.32
CA GLY A 228 -39.89 -13.29 -2.96
C GLY A 228 -40.48 -11.89 -2.89
N GLU A 229 -41.11 -11.60 -1.76
CA GLU A 229 -41.70 -10.29 -1.55
C GLU A 229 -41.87 -10.03 -0.06
N ASP A 230 -42.09 -8.77 0.28
CA ASP A 230 -42.37 -8.35 1.66
C ASP A 230 -43.78 -7.82 1.83
N PHE A 231 -44.57 -7.75 0.76
CA PHE A 231 -45.94 -7.30 0.84
C PHE A 231 -46.75 -8.07 -0.19
N TRP A 232 -48.07 -7.93 -0.12
CA TRP A 232 -48.95 -8.62 -1.05
C TRP A 232 -49.13 -7.76 -2.29
N PRO A 233 -48.61 -8.17 -3.44
CA PRO A 233 -48.80 -7.37 -4.66
C PRO A 233 -50.28 -7.28 -5.00
N ALA A 234 -50.65 -6.15 -5.60
CA ALA A 234 -52.04 -5.95 -5.99
C ALA A 234 -52.44 -6.82 -7.16
N ALA A 235 -51.52 -7.61 -7.73
CA ALA A 235 -51.80 -8.41 -8.91
C ALA A 235 -51.51 -9.88 -8.67
N TYR A 236 -51.76 -10.37 -7.46
CA TYR A 236 -51.61 -11.80 -7.15
C TYR A 236 -52.85 -12.22 -6.36
N ASP A 237 -53.79 -12.87 -7.02
CA ASP A 237 -55.00 -13.33 -6.36
C ASP A 237 -54.68 -14.60 -5.58
N PRO A 238 -54.54 -14.51 -4.25
CA PRO A 238 -54.09 -15.67 -3.47
C PRO A 238 -55.04 -16.85 -3.50
N SER A 239 -56.16 -16.75 -4.23
CA SER A 239 -57.10 -17.87 -4.29
C SER A 239 -56.69 -18.94 -5.29
N VAL A 240 -55.78 -18.63 -6.21
CA VAL A 240 -55.45 -19.54 -7.30
C VAL A 240 -54.56 -20.68 -6.80
N PRO A 241 -53.37 -20.38 -6.29
CA PRO A 241 -52.46 -21.47 -5.89
C PRO A 241 -53.08 -22.36 -4.83
N ASP A 242 -52.86 -23.66 -4.96
CA ASP A 242 -53.43 -24.64 -4.04
C ASP A 242 -52.45 -25.11 -2.99
N GLU A 243 -51.15 -24.88 -3.18
CA GLU A 243 -50.16 -25.22 -2.15
C GLU A 243 -48.89 -24.44 -2.44
N ILE A 244 -48.56 -23.51 -1.54
CA ILE A 244 -47.33 -22.75 -1.64
C ILE A 244 -46.25 -23.51 -0.86
N ILE A 245 -45.49 -24.34 -1.56
CA ILE A 245 -44.44 -25.14 -0.96
C ILE A 245 -43.16 -24.30 -0.92
N ALA A 246 -42.84 -23.77 0.24
CA ALA A 246 -41.66 -22.93 0.42
C ALA A 246 -40.39 -23.77 0.39
N VAL A 247 -39.32 -23.19 -0.15
CA VAL A 247 -38.04 -23.87 -0.27
C VAL A 247 -36.93 -22.92 0.17
N SER A 248 -35.87 -23.49 0.73
CA SER A 248 -34.78 -22.69 1.28
C SER A 248 -33.96 -22.07 0.16
N ASP A 249 -32.88 -21.38 0.54
CA ASP A 249 -32.00 -20.75 -0.44
C ASP A 249 -30.86 -21.66 -0.85
N SER A 250 -30.19 -22.29 0.12
CA SER A 250 -29.13 -23.22 -0.22
C SER A 250 -29.66 -24.34 -1.11
N ASP A 251 -30.85 -24.85 -0.80
CA ASP A 251 -31.44 -25.90 -1.62
C ASP A 251 -31.65 -25.42 -3.05
N SER A 252 -32.19 -24.21 -3.21
CA SER A 252 -32.47 -23.72 -4.56
C SER A 252 -31.18 -23.52 -5.35
N PHE A 253 -30.15 -22.94 -4.72
CA PHE A 253 -28.89 -22.73 -5.43
C PHE A 253 -28.26 -24.07 -5.81
N ASP A 254 -28.25 -25.03 -4.89
CA ASP A 254 -27.69 -26.33 -5.21
C ASP A 254 -28.47 -27.01 -6.32
N MET A 255 -29.80 -26.89 -6.29
CA MET A 255 -30.60 -27.48 -7.36
C MET A 255 -30.30 -26.82 -8.70
N THR A 256 -30.11 -25.50 -8.72
CA THR A 256 -29.75 -24.84 -9.97
C THR A 256 -28.42 -25.38 -10.50
N ARG A 257 -27.43 -25.49 -9.63
CA ARG A 257 -26.13 -25.97 -10.07
C ARG A 257 -26.22 -27.41 -10.58
N ARG A 258 -26.88 -28.28 -9.82
CA ARG A 258 -27.01 -29.67 -10.23
C ARG A 258 -27.84 -29.80 -11.49
N LEU A 259 -28.80 -28.90 -11.70
CA LEU A 259 -29.60 -28.91 -12.92
C LEU A 259 -28.74 -28.55 -14.12
N ALA A 260 -27.95 -27.48 -14.00
CA ALA A 260 -27.04 -27.13 -15.09
C ALA A 260 -26.04 -28.22 -15.36
N ARG A 261 -25.69 -29.02 -14.35
CA ARG A 261 -24.68 -30.04 -14.56
C ARG A 261 -25.24 -31.36 -15.06
N GLU A 262 -26.49 -31.70 -14.74
CA GLU A 262 -27.06 -32.99 -15.08
C GLU A 262 -28.22 -32.92 -16.06
N GLU A 263 -28.56 -31.74 -16.56
CA GLU A 263 -29.63 -31.61 -17.54
C GLU A 263 -29.30 -30.64 -18.67
N ALA A 264 -28.13 -30.04 -18.67
CA ALA A 264 -27.72 -29.12 -19.73
C ALA A 264 -28.68 -27.94 -19.84
N MET A 265 -28.94 -27.31 -18.69
CA MET A 265 -29.75 -26.09 -18.64
C MET A 265 -29.07 -25.10 -17.71
N LEU A 266 -28.77 -23.90 -18.21
CA LEU A 266 -28.22 -22.83 -17.38
C LEU A 266 -29.36 -21.96 -16.88
N VAL A 267 -30.08 -22.50 -15.90
CA VAL A 267 -31.17 -21.78 -15.26
C VAL A 267 -30.63 -21.00 -14.09
N GLY A 268 -31.40 -20.03 -13.60
CA GLY A 268 -30.96 -19.16 -12.54
C GLY A 268 -31.22 -19.69 -11.14
N GLY A 269 -31.63 -18.81 -10.23
CA GLY A 269 -31.95 -19.22 -8.88
C GLY A 269 -33.41 -19.60 -8.73
N SER A 270 -34.30 -18.72 -9.18
CA SER A 270 -35.71 -19.04 -9.16
C SER A 270 -36.00 -20.32 -9.92
N CYS A 271 -35.23 -20.59 -10.98
CA CYS A 271 -35.41 -21.85 -11.70
C CYS A 271 -35.13 -23.03 -10.81
N GLY A 272 -34.03 -22.98 -10.05
CA GLY A 272 -33.74 -24.06 -9.13
C GLY A 272 -34.79 -24.20 -8.05
N MET A 273 -35.29 -23.07 -7.55
CA MET A 273 -36.34 -23.11 -6.54
C MET A 273 -37.59 -23.81 -7.09
N ALA A 274 -38.00 -23.43 -8.30
CA ALA A 274 -39.17 -24.06 -8.90
C ALA A 274 -38.93 -25.55 -9.13
N VAL A 275 -37.73 -25.92 -9.58
CA VAL A 275 -37.46 -27.32 -9.85
C VAL A 275 -37.47 -28.14 -8.57
N VAL A 276 -36.96 -27.57 -7.47
CA VAL A 276 -36.98 -28.30 -6.21
C VAL A 276 -38.41 -28.43 -5.70
N ALA A 277 -39.20 -27.36 -5.82
CA ALA A 277 -40.60 -27.45 -5.43
C ALA A 277 -41.31 -28.54 -6.23
N ALA A 278 -41.04 -28.61 -7.53
CA ALA A 278 -41.60 -29.69 -8.34
C ALA A 278 -41.15 -31.03 -7.80
N LEU A 279 -39.84 -31.31 -7.86
CA LEU A 279 -39.33 -32.60 -7.41
C LEU A 279 -39.90 -33.01 -6.05
N LYS A 280 -40.30 -32.03 -5.24
CA LYS A 280 -40.98 -32.36 -4.00
C LYS A 280 -42.43 -32.78 -4.25
N VAL A 281 -43.19 -31.94 -4.96
CA VAL A 281 -44.61 -32.25 -5.18
C VAL A 281 -44.77 -33.53 -5.98
N ALA A 282 -43.77 -33.88 -6.79
CA ALA A 282 -43.80 -35.05 -7.64
C ALA A 282 -43.69 -36.35 -6.86
N GLU A 283 -43.68 -36.27 -5.52
CA GLU A 283 -43.70 -37.46 -4.69
C GLU A 283 -45.11 -37.85 -4.29
N GLU A 284 -45.92 -36.87 -3.87
CA GLU A 284 -47.31 -37.14 -3.51
C GLU A 284 -48.18 -37.38 -4.72
N ALA A 285 -47.61 -37.29 -5.93
CA ALA A 285 -48.30 -37.65 -7.17
C ALA A 285 -47.55 -38.83 -7.76
N GLY A 286 -48.11 -40.03 -7.59
CA GLY A 286 -47.48 -41.23 -8.05
C GLY A 286 -47.35 -41.26 -9.56
N PRO A 287 -47.04 -42.42 -10.11
CA PRO A 287 -46.89 -42.52 -11.58
C PRO A 287 -48.06 -41.91 -12.33
N ASP A 288 -47.84 -41.56 -13.58
CA ASP A 288 -48.81 -40.92 -14.47
C ASP A 288 -49.01 -39.44 -14.15
N ALA A 289 -48.10 -38.82 -13.40
CA ALA A 289 -48.16 -37.40 -13.13
C ALA A 289 -47.30 -36.64 -14.12
N LEU A 290 -47.77 -35.46 -14.53
CA LEU A 290 -47.06 -34.63 -15.51
C LEU A 290 -46.97 -33.22 -14.92
N ILE A 291 -45.85 -32.94 -14.27
CA ILE A 291 -45.63 -31.65 -13.61
C ILE A 291 -44.83 -30.78 -14.57
N VAL A 292 -45.40 -29.66 -14.99
CA VAL A 292 -44.74 -28.74 -15.91
C VAL A 292 -44.23 -27.56 -15.09
N VAL A 293 -42.96 -27.62 -14.72
CA VAL A 293 -42.32 -26.50 -14.04
C VAL A 293 -42.10 -25.37 -15.02
N LEU A 294 -41.96 -24.15 -14.49
CA LEU A 294 -41.75 -22.96 -15.31
C LEU A 294 -40.41 -22.35 -14.93
N LEU A 295 -39.35 -22.79 -15.62
CA LEU A 295 -38.02 -22.21 -15.42
C LEU A 295 -37.98 -20.86 -16.11
N PRO A 296 -38.04 -19.75 -15.35
CA PRO A 296 -38.31 -18.44 -15.97
C PRO A 296 -37.09 -17.58 -16.29
N ASP A 297 -35.87 -18.09 -16.17
CA ASP A 297 -34.69 -17.27 -16.40
C ASP A 297 -33.57 -18.10 -17.02
N GLY A 298 -32.58 -17.40 -17.55
CA GLY A 298 -31.39 -18.02 -18.11
C GLY A 298 -30.18 -17.72 -17.24
N GLY A 299 -29.48 -18.78 -16.85
CA GLY A 299 -28.40 -18.64 -15.90
C GLY A 299 -27.08 -18.16 -16.48
N ARG A 300 -27.13 -17.13 -17.32
CA ARG A 300 -25.90 -16.52 -17.82
C ARG A 300 -25.51 -15.27 -17.05
N GLY A 301 -26.47 -14.56 -16.48
CA GLY A 301 -26.14 -13.39 -15.69
C GLY A 301 -25.58 -13.74 -14.33
N TYR A 302 -26.00 -14.86 -13.76
CA TYR A 302 -25.50 -15.31 -12.47
C TYR A 302 -24.17 -16.03 -12.57
N MET A 303 -23.59 -16.10 -13.77
CA MET A 303 -22.39 -16.90 -13.96
C MET A 303 -21.30 -16.59 -12.95
N SER A 304 -21.30 -15.40 -12.36
CA SER A 304 -20.38 -15.05 -11.29
C SER A 304 -21.08 -14.84 -9.96
N LYS A 305 -22.31 -15.32 -9.82
CA LYS A 305 -23.07 -15.09 -8.60
C LYS A 305 -23.45 -16.39 -7.90
N ILE A 306 -23.82 -17.43 -8.64
CA ILE A 306 -24.11 -18.71 -8.02
C ILE A 306 -23.25 -19.85 -8.57
N PHE A 307 -22.62 -19.68 -9.72
CA PHE A 307 -21.68 -20.66 -10.22
C PHE A 307 -20.25 -20.38 -9.79
N ASN A 308 -20.05 -19.39 -8.93
CA ASN A 308 -18.73 -18.99 -8.46
C ASN A 308 -18.53 -19.56 -7.06
N ASP A 309 -17.59 -20.50 -6.92
CA ASP A 309 -17.39 -21.15 -5.62
C ASP A 309 -17.03 -20.15 -4.54
N ALA A 310 -16.43 -19.01 -4.89
CA ALA A 310 -16.08 -18.02 -3.90
C ALA A 310 -17.33 -17.40 -3.28
N TRP A 311 -18.16 -16.76 -4.10
CA TRP A 311 -19.40 -16.17 -3.62
C TRP A 311 -20.26 -17.22 -2.93
N MET A 312 -20.49 -18.35 -3.61
CA MET A 312 -21.34 -19.39 -3.05
C MET A 312 -20.80 -19.92 -1.73
N SER A 313 -19.53 -19.65 -1.41
CA SER A 313 -18.97 -20.07 -0.14
C SER A 313 -19.01 -18.99 0.93
N SER A 314 -19.05 -17.72 0.52
CA SER A 314 -19.13 -16.64 1.51
C SER A 314 -20.44 -16.70 2.29
N TYR A 315 -21.53 -17.01 1.60
CA TYR A 315 -22.84 -17.11 2.26
C TYR A 315 -23.12 -18.51 2.79
N GLY A 316 -22.19 -19.09 3.55
CA GLY A 316 -22.41 -20.41 4.11
C GLY A 316 -23.14 -21.38 3.21
N PHE A 317 -22.60 -21.64 2.04
CA PHE A 317 -23.24 -22.44 0.99
C PHE A 317 -22.17 -23.35 0.40
N LEU A 318 -22.41 -23.84 -0.81
CA LEU A 318 -21.39 -24.58 -1.54
C LEU A 318 -21.08 -25.93 -0.93
N ARG A 319 -22.10 -26.80 -0.85
CA ARG A 319 -21.88 -28.19 -0.47
C ARG A 319 -20.61 -28.75 -1.10
N SER A 320 -20.48 -28.60 -2.42
CA SER A 320 -19.32 -29.11 -3.14
C SER A 320 -18.90 -28.10 -4.19
N ARG A 321 -17.75 -28.36 -4.79
CA ARG A 321 -17.21 -27.49 -5.83
C ARG A 321 -17.62 -28.00 -7.21
N LEU A 322 -17.67 -27.09 -8.17
CA LEU A 322 -18.17 -27.43 -9.50
C LEU A 322 -17.37 -28.56 -10.13
N ASP A 323 -16.05 -28.50 -10.03
CA ASP A 323 -15.20 -29.36 -10.84
C ASP A 323 -15.00 -30.74 -10.25
N GLY A 324 -14.92 -30.87 -8.93
CA GLY A 324 -14.53 -32.14 -8.36
C GLY A 324 -14.26 -32.17 -6.88
N SER A 325 -13.08 -32.68 -6.49
CA SER A 325 -12.77 -32.94 -5.10
C SER A 325 -13.06 -31.74 -4.21
N THR A 326 -13.26 -31.99 -2.93
CA THR A 326 -13.93 -31.01 -2.06
C THR A 326 -12.98 -29.92 -1.56
N GLU A 327 -12.01 -30.27 -0.73
CA GLU A 327 -11.29 -29.27 0.07
C GLU A 327 -9.78 -29.52 0.05
N GLN A 328 -9.20 -29.61 -1.15
CA GLN A 328 -7.77 -29.85 -1.27
C GLN A 328 -6.93 -28.85 -0.47
N SER A 329 -7.39 -27.60 -0.40
CA SER A 329 -6.63 -26.66 0.41
C SER A 329 -6.76 -27.02 1.88
N THR A 330 -5.64 -26.91 2.57
CA THR A 330 -5.28 -27.22 3.95
C THR A 330 -5.00 -25.91 4.66
N VAL A 331 -5.00 -25.96 6.00
CA VAL A 331 -4.95 -24.74 6.80
C VAL A 331 -3.67 -23.96 6.54
N GLY A 332 -2.56 -24.67 6.26
CA GLY A 332 -1.32 -23.97 6.00
C GLY A 332 -1.43 -22.98 4.86
N ASP A 333 -2.26 -23.28 3.86
CA ASP A 333 -2.39 -22.36 2.73
C ASP A 333 -3.04 -21.05 3.15
N VAL A 334 -3.85 -21.08 4.22
CA VAL A 334 -4.39 -19.83 4.76
C VAL A 334 -3.26 -18.88 5.14
N LEU A 335 -2.11 -19.44 5.52
CA LEU A 335 -0.95 -18.62 5.87
C LEU A 335 -0.16 -18.16 4.66
N ARG A 336 -0.42 -18.71 3.48
CA ARG A 336 0.39 -18.44 2.29
C ARG A 336 -0.12 -17.24 1.50
N ARG A 337 -0.73 -16.27 2.18
CA ARG A 337 -1.19 -15.06 1.50
C ARG A 337 -0.04 -14.33 0.83
N LYS A 338 1.19 -14.55 1.29
CA LYS A 338 2.38 -13.97 0.67
C LYS A 338 3.05 -14.95 -0.28
N SER A 339 2.24 -15.74 -0.98
CA SER A 339 2.73 -16.73 -1.94
C SER A 339 3.58 -17.80 -1.26
N GLY A 340 2.97 -18.54 -0.34
CA GLY A 340 3.66 -19.61 0.36
C GLY A 340 4.86 -19.10 1.12
N ALA A 341 4.65 -18.04 1.89
CA ALA A 341 5.73 -17.26 2.49
C ALA A 341 5.46 -17.01 3.96
N LEU A 342 5.27 -18.09 4.75
CA LEU A 342 5.01 -17.95 6.20
C LEU A 342 5.65 -16.67 6.74
N PRO A 343 4.90 -15.77 7.41
CA PRO A 343 5.43 -14.45 7.83
C PRO A 343 6.30 -14.33 9.10
N ALA A 344 7.33 -15.16 9.26
CA ALA A 344 8.30 -15.00 10.38
C ALA A 344 7.71 -15.26 11.78
N LEU A 345 6.39 -15.38 11.93
CA LEU A 345 5.84 -15.73 13.23
C LEU A 345 6.10 -14.61 14.25
N VAL A 346 5.42 -13.49 14.01
CA VAL A 346 5.51 -12.36 14.93
C VAL A 346 5.34 -12.86 16.36
N HIS A 347 6.26 -12.48 17.23
CA HIS A 347 6.27 -13.00 18.59
C HIS A 347 6.76 -11.93 19.56
N THR A 348 6.64 -12.23 20.84
CA THR A 348 7.15 -11.39 21.91
C THR A 348 7.63 -12.29 23.04
N HIS A 349 8.45 -11.74 23.92
CA HIS A 349 9.09 -12.53 24.95
C HIS A 349 8.61 -12.12 26.33
N PRO A 350 8.74 -12.99 27.32
CA PRO A 350 8.23 -12.69 28.66
C PRO A 350 8.92 -11.53 29.35
N SER A 351 9.87 -10.86 28.68
CA SER A 351 10.54 -9.71 29.28
C SER A 351 10.24 -8.39 28.58
N GLU A 352 9.76 -8.43 27.33
CA GLU A 352 9.46 -7.20 26.62
C GLU A 352 8.38 -6.42 27.37
N THR A 353 8.18 -5.18 26.93
CA THR A 353 7.26 -4.27 27.59
C THR A 353 5.89 -4.34 26.92
N VAL A 354 4.84 -4.21 27.74
CA VAL A 354 3.48 -4.21 27.21
C VAL A 354 3.37 -3.23 26.05
N ARG A 355 4.01 -2.06 26.19
CA ARG A 355 4.00 -1.10 25.09
C ARG A 355 4.62 -1.70 23.84
N ASP A 356 5.71 -2.45 24.00
CA ASP A 356 6.35 -3.06 22.84
C ASP A 356 5.49 -4.17 22.23
N ALA A 357 4.77 -4.92 23.06
CA ALA A 357 3.87 -5.93 22.53
C ALA A 357 2.75 -5.29 21.71
N ILE A 358 2.14 -4.23 22.26
CA ILE A 358 1.13 -3.50 21.50
C ILE A 358 1.74 -2.94 20.22
N GLY A 359 2.99 -2.50 20.30
CA GLY A 359 3.67 -2.00 19.12
C GLY A 359 3.81 -3.03 18.02
N ILE A 360 4.28 -4.23 18.36
CA ILE A 360 4.41 -5.27 17.35
C ILE A 360 3.04 -5.63 16.79
N LEU A 361 2.04 -5.77 17.66
CA LEU A 361 0.69 -6.08 17.19
C LEU A 361 0.21 -5.04 16.18
N ARG A 362 0.35 -3.76 16.51
CA ARG A 362 -0.09 -2.72 15.59
C ARG A 362 0.72 -2.76 14.30
N GLU A 363 2.04 -2.96 14.41
CA GLU A 363 2.90 -2.82 13.24
C GLU A 363 2.72 -3.96 12.25
N TYR A 364 2.34 -5.15 12.70
CA TYR A 364 2.19 -6.28 11.79
C TYR A 364 0.74 -6.62 11.48
N GLY A 365 -0.21 -5.83 11.98
CA GLY A 365 -1.61 -6.04 11.64
C GLY A 365 -2.26 -7.18 12.38
N VAL A 366 -1.47 -8.19 12.74
CA VAL A 366 -2.03 -9.34 13.43
C VAL A 366 -2.65 -8.90 14.76
N SER A 367 -3.56 -9.73 15.27
CA SER A 367 -4.26 -9.44 16.50
C SER A 367 -3.96 -10.42 17.62
N GLN A 368 -3.10 -11.40 17.41
CA GLN A 368 -2.70 -12.33 18.46
C GLN A 368 -1.26 -12.74 18.22
N MET A 369 -0.55 -13.02 19.31
CA MET A 369 0.86 -13.34 19.15
C MET A 369 1.34 -14.24 20.29
N PRO A 370 2.06 -15.31 19.98
CA PRO A 370 2.55 -16.20 21.04
C PRO A 370 3.84 -15.66 21.64
N VAL A 371 3.82 -15.40 22.94
CA VAL A 371 5.04 -15.04 23.66
C VAL A 371 5.87 -16.31 23.83
N VAL A 372 7.06 -16.33 23.22
CA VAL A 372 7.91 -17.49 23.14
C VAL A 372 9.27 -17.14 23.73
N GLY A 373 9.84 -18.08 24.48
CA GLY A 373 11.02 -17.82 25.27
C GLY A 373 12.33 -17.81 24.50
N ALA A 374 12.29 -17.60 23.19
CA ALA A 374 13.51 -17.52 22.40
C ALA A 374 13.18 -16.82 21.09
N GLU A 375 13.79 -15.65 20.87
CA GLU A 375 13.58 -14.92 19.62
C GLU A 375 13.78 -15.81 18.41
N PRO A 376 14.75 -16.70 18.36
CA PRO A 376 14.81 -17.68 17.29
C PRO A 376 13.48 -18.38 17.11
N PRO A 377 12.83 -18.19 15.98
CA PRO A 377 11.52 -18.82 15.74
C PRO A 377 11.64 -20.31 15.46
N VAL A 378 12.15 -21.06 16.44
CA VAL A 378 12.32 -22.49 16.29
C VAL A 378 11.76 -23.25 17.49
N MET A 379 10.97 -22.57 18.33
CA MET A 379 10.47 -23.19 19.55
C MET A 379 9.69 -24.46 19.23
N ALA A 380 9.87 -25.47 20.09
CA ALA A 380 9.19 -26.75 19.95
C ALA A 380 7.97 -26.78 20.87
N GLY A 381 6.92 -26.07 20.46
CA GLY A 381 5.66 -26.10 21.17
C GLY A 381 5.75 -25.74 22.64
N GLU A 382 6.77 -24.96 23.03
CA GLU A 382 6.94 -24.54 24.41
C GLU A 382 6.82 -23.03 24.56
N VAL A 383 5.92 -22.42 23.78
CA VAL A 383 5.69 -20.99 23.88
C VAL A 383 5.15 -20.65 25.27
N ALA A 384 5.70 -19.60 25.88
CA ALA A 384 5.35 -19.30 27.26
C ALA A 384 3.91 -18.86 27.41
N GLY A 385 3.37 -18.10 26.46
CA GLY A 385 2.00 -17.64 26.60
C GLY A 385 1.47 -17.07 25.31
N SER A 386 0.33 -16.38 25.42
CA SER A 386 -0.27 -15.71 24.26
C SER A 386 -0.73 -14.33 24.68
N VAL A 387 -0.48 -13.34 23.81
CA VAL A 387 -0.88 -11.96 24.02
C VAL A 387 -1.87 -11.59 22.93
N SER A 388 -3.03 -11.07 23.33
CA SER A 388 -4.07 -10.66 22.41
C SER A 388 -4.24 -9.15 22.52
N GLU A 389 -4.14 -8.46 21.39
CA GLU A 389 -4.15 -7.00 21.39
C GLU A 389 -5.33 -6.46 22.16
N ARG A 390 -6.52 -7.06 21.98
CA ARG A 390 -7.69 -6.60 22.71
C ARG A 390 -7.45 -6.69 24.21
N GLU A 391 -6.95 -7.83 24.69
CA GLU A 391 -6.74 -8.02 26.12
C GLU A 391 -5.74 -7.01 26.67
N LEU A 392 -4.65 -6.79 25.93
CA LEU A 392 -3.67 -5.79 26.35
C LEU A 392 -4.32 -4.43 26.46
N LEU A 393 -4.89 -3.93 25.36
CA LEU A 393 -5.51 -2.61 25.37
C LEU A 393 -6.50 -2.48 26.52
N SER A 394 -7.23 -3.54 26.83
CA SER A 394 -8.15 -3.51 27.95
C SER A 394 -7.40 -3.34 29.27
N ALA A 395 -6.38 -4.16 29.50
CA ALA A 395 -5.63 -4.06 30.75
C ALA A 395 -4.80 -2.79 30.84
N VAL A 396 -4.65 -2.07 29.74
CA VAL A 396 -3.87 -0.85 29.72
C VAL A 396 -4.74 0.38 29.92
N PHE A 397 -5.96 0.36 29.39
CA PHE A 397 -6.89 1.47 29.58
C PHE A 397 -7.74 1.32 30.83
N GLU A 398 -7.61 0.21 31.55
CA GLU A 398 -8.29 0.04 32.83
C GLU A 398 -7.33 0.04 34.00
N GLY A 399 -6.15 0.65 33.84
CA GLY A 399 -5.22 0.81 34.93
C GLY A 399 -4.69 -0.47 35.52
N ARG A 400 -5.06 -1.61 34.96
CA ARG A 400 -4.61 -2.90 35.47
C ARG A 400 -3.22 -3.27 34.98
N ALA A 401 -2.60 -2.45 34.13
CA ALA A 401 -1.25 -2.73 33.65
C ALA A 401 -0.66 -1.45 33.11
N LYS A 402 0.43 -0.99 33.74
CA LYS A 402 1.14 0.17 33.22
C LYS A 402 1.71 -0.18 31.84
N LEU A 403 1.82 0.85 30.99
CA LEU A 403 2.39 0.62 29.67
C LEU A 403 3.77 0.01 29.76
N ALA A 404 4.53 0.33 30.80
CA ALA A 404 5.91 -0.13 30.92
C ALA A 404 6.04 -1.48 31.61
N ASP A 405 4.97 -1.98 32.24
CA ASP A 405 5.07 -3.24 32.96
C ASP A 405 5.49 -4.36 32.02
N ALA A 406 6.21 -5.33 32.57
CA ALA A 406 6.63 -6.47 31.77
C ALA A 406 5.42 -7.25 31.28
N VAL A 407 5.53 -7.80 30.07
CA VAL A 407 4.39 -8.49 29.47
C VAL A 407 4.06 -9.77 30.23
N SER A 408 5.05 -10.36 30.90
CA SER A 408 4.85 -11.65 31.54
C SER A 408 3.79 -11.58 32.64
N ALA A 409 3.46 -10.39 33.12
CA ALA A 409 2.47 -10.24 34.18
C ALA A 409 1.05 -10.07 33.66
N HIS A 410 0.86 -9.99 32.33
CA HIS A 410 -0.46 -9.74 31.77
C HIS A 410 -0.69 -10.58 30.52
N MET A 411 -0.05 -11.74 30.42
CA MET A 411 -0.20 -12.61 29.26
C MET A 411 -1.16 -13.75 29.59
N SER A 412 -2.05 -14.06 28.64
CA SER A 412 -3.06 -15.07 28.84
C SER A 412 -2.49 -16.46 28.58
N PRO A 413 -3.25 -17.51 28.90
CA PRO A 413 -2.77 -18.87 28.68
C PRO A 413 -2.52 -19.12 27.20
N PRO A 414 -1.68 -20.10 26.86
CA PRO A 414 -1.40 -20.37 25.45
C PRO A 414 -2.66 -20.74 24.70
N LEU A 415 -2.65 -20.46 23.40
CA LEU A 415 -3.76 -20.79 22.52
C LEU A 415 -3.52 -22.15 21.88
N ARG A 416 -4.59 -22.93 21.73
CA ARG A 416 -4.49 -24.30 21.28
C ARG A 416 -3.82 -24.37 19.90
N MET A 417 -3.45 -25.59 19.51
CA MET A 417 -2.69 -25.81 18.30
C MET A 417 -3.42 -26.77 17.37
N ILE A 418 -3.23 -26.57 16.07
CA ILE A 418 -3.74 -27.46 15.05
C ILE A 418 -2.65 -27.63 13.99
N GLY A 419 -2.62 -28.80 13.37
CA GLY A 419 -1.62 -29.07 12.35
C GLY A 419 -1.73 -28.11 11.18
N ALA A 420 -0.65 -28.07 10.39
CA ALA A 420 -0.60 -27.20 9.22
C ALA A 420 -0.99 -27.92 7.95
N GLY A 421 -1.00 -29.25 7.94
CA GLY A 421 -1.39 -30.00 6.77
C GLY A 421 -2.80 -30.55 6.87
N GLU A 422 -3.62 -29.91 7.69
CA GLU A 422 -4.99 -30.34 7.91
C GLU A 422 -5.96 -29.48 7.11
N LEU A 423 -7.07 -30.08 6.72
CA LEU A 423 -8.00 -29.42 5.81
C LEU A 423 -8.71 -28.25 6.48
N VAL A 424 -9.10 -27.27 5.68
CA VAL A 424 -9.71 -26.05 6.20
C VAL A 424 -11.02 -26.36 6.91
N SER A 425 -11.72 -27.43 6.51
CA SER A 425 -12.93 -27.81 7.22
C SER A 425 -12.62 -28.16 8.68
N ALA A 426 -11.52 -28.86 8.91
CA ALA A 426 -11.08 -29.13 10.28
C ALA A 426 -10.79 -27.82 11.01
N ALA A 427 -10.19 -26.85 10.32
CA ALA A 427 -9.92 -25.57 10.95
C ALA A 427 -11.21 -24.87 11.37
N GLY A 428 -12.24 -24.93 10.52
CA GLY A 428 -13.53 -24.38 10.91
C GLY A 428 -14.11 -25.10 12.11
N LYS A 429 -14.08 -26.43 12.08
CA LYS A 429 -14.59 -27.20 13.21
C LYS A 429 -13.88 -26.82 14.49
N ALA A 430 -12.57 -26.59 14.42
CA ALA A 430 -11.80 -26.23 15.61
C ALA A 430 -12.15 -24.82 16.07
N LEU A 431 -11.97 -23.82 15.20
CA LEU A 431 -12.28 -22.45 15.56
C LEU A 431 -13.72 -22.27 16.01
N ARG A 432 -14.59 -23.25 15.75
CA ARG A 432 -15.95 -23.17 16.27
C ARG A 432 -16.01 -23.01 17.78
N ASP A 433 -14.91 -23.27 18.49
CA ASP A 433 -14.94 -23.25 19.94
C ASP A 433 -13.96 -22.28 20.58
N TRP A 434 -12.91 -21.87 19.88
CA TRP A 434 -11.95 -20.90 20.41
C TRP A 434 -11.94 -19.65 19.54
N ASP A 435 -11.05 -18.72 19.87
CA ASP A 435 -10.98 -17.46 19.16
C ASP A 435 -9.91 -17.46 18.06
N ALA A 436 -8.85 -18.24 18.23
CA ALA A 436 -7.82 -18.38 17.22
C ALA A 436 -6.82 -19.41 17.74
N LEU A 437 -6.06 -20.01 16.82
CA LEU A 437 -5.16 -21.08 17.24
C LEU A 437 -3.94 -21.10 16.34
N MET A 438 -2.81 -21.50 16.93
CA MET A 438 -1.53 -21.50 16.22
C MET A 438 -1.34 -22.83 15.51
N VAL A 439 -0.81 -22.77 14.30
CA VAL A 439 -0.60 -23.95 13.47
C VAL A 439 0.83 -24.45 13.71
N VAL A 440 0.94 -25.59 14.38
CA VAL A 440 2.24 -26.19 14.70
C VAL A 440 2.61 -27.10 13.52
N GLU A 441 3.52 -26.62 12.68
CA GLU A 441 3.92 -27.32 11.47
C GLU A 441 5.13 -28.20 11.77
N GLU A 442 4.90 -29.50 11.89
CA GLU A 442 5.94 -30.48 12.21
C GLU A 442 6.81 -30.01 13.38
N GLY A 443 6.16 -29.87 14.53
CA GLY A 443 6.82 -29.50 15.77
C GLY A 443 6.84 -28.02 16.11
N LYS A 444 7.30 -27.19 15.17
CA LYS A 444 7.42 -25.77 15.49
C LYS A 444 6.17 -25.00 15.07
N PRO A 445 5.84 -23.92 15.77
CA PRO A 445 4.73 -23.06 15.33
C PRO A 445 5.16 -22.17 14.18
N VAL A 446 4.19 -21.85 13.32
CA VAL A 446 4.48 -21.05 12.13
C VAL A 446 3.46 -19.92 11.96
N GLY A 447 2.66 -19.67 12.98
CA GLY A 447 1.71 -18.58 12.92
C GLY A 447 0.43 -18.94 13.66
N VAL A 448 -0.55 -18.04 13.53
CA VAL A 448 -1.85 -18.21 14.18
C VAL A 448 -2.94 -17.94 13.16
N ILE A 449 -3.82 -18.91 12.97
CA ILE A 449 -5.01 -18.73 12.14
C ILE A 449 -6.17 -18.35 13.03
N THR A 450 -6.94 -17.35 12.61
CA THR A 450 -7.98 -16.77 13.44
C THR A 450 -9.29 -16.73 12.66
N ARG A 451 -10.40 -16.70 13.40
CA ARG A 451 -11.72 -16.71 12.77
C ARG A 451 -11.80 -15.72 11.61
N TYR A 452 -11.36 -14.48 11.86
CA TYR A 452 -11.42 -13.45 10.84
C TYR A 452 -10.63 -13.85 9.61
N ASP A 453 -9.45 -14.42 9.82
CA ASP A 453 -8.61 -14.82 8.69
C ASP A 453 -9.21 -15.99 7.91
N LEU A 454 -9.72 -16.99 8.61
CA LEU A 454 -10.32 -18.14 7.92
C LEU A 454 -11.53 -17.70 7.11
N LEU A 455 -12.42 -16.90 7.72
CA LEU A 455 -13.61 -16.45 7.03
C LEU A 455 -13.29 -15.43 5.94
N GLY A 456 -12.12 -14.80 6.01
CA GLY A 456 -11.68 -13.96 4.90
C GLY A 456 -11.10 -14.76 3.76
N PHE A 457 -10.46 -15.89 4.08
CA PHE A 457 -9.92 -16.74 3.02
C PHE A 457 -11.03 -17.49 2.28
N LEU A 458 -12.02 -18.01 3.02
CA LEU A 458 -13.10 -18.73 2.36
C LEU A 458 -13.79 -17.87 1.30
N SER A 459 -13.89 -16.57 1.55
CA SER A 459 -14.62 -15.66 0.69
C SER A 459 -13.82 -15.21 -0.52
N GLU A 460 -12.62 -15.74 -0.73
CA GLU A 460 -11.83 -15.36 -1.90
C GLU A 460 -11.29 -16.55 -2.67
N GLY A 461 -11.12 -17.70 -2.03
CA GLY A 461 -10.59 -18.87 -2.69
C GLY A 461 -11.36 -20.14 -2.39
N ILE B 4 50.10 21.37 25.75
CA ILE B 4 49.59 20.59 24.63
C ILE B 4 49.47 19.13 25.00
N ALA B 5 48.24 18.67 25.22
CA ALA B 5 48.02 17.26 25.53
C ALA B 5 48.61 16.39 24.43
N GLN B 6 48.96 15.16 24.80
CA GLN B 6 49.58 14.24 23.84
C GLN B 6 48.56 13.44 23.07
N HIS B 7 47.46 13.04 23.71
CA HIS B 7 46.37 12.33 23.06
C HIS B 7 45.06 12.90 23.59
N ILE B 8 43.97 12.61 22.90
CA ILE B 8 42.66 13.09 23.35
C ILE B 8 42.21 12.39 24.62
N SER B 9 42.77 11.22 24.94
CA SER B 9 42.40 10.49 26.14
C SER B 9 43.24 10.89 27.35
N GLU B 10 43.95 12.02 27.28
CA GLU B 10 44.64 12.55 28.44
C GLU B 10 43.81 13.58 29.19
N LEU B 11 42.76 14.11 28.57
CA LEU B 11 41.89 15.10 29.19
C LEU B 11 40.75 14.48 29.97
N ILE B 12 40.81 13.17 30.21
CA ILE B 12 39.75 12.46 30.92
C ILE B 12 39.95 12.66 32.43
N GLY B 13 39.17 13.55 33.01
CA GLY B 13 39.23 13.77 34.44
C GLY B 13 39.10 15.24 34.79
N GLY B 14 39.07 15.51 36.09
CA GLY B 14 38.97 16.87 36.57
C GLY B 14 37.74 17.61 36.08
N THR B 15 36.66 16.87 35.82
CA THR B 15 35.45 17.49 35.32
C THR B 15 34.90 18.46 36.35
N PRO B 16 34.33 19.59 35.90
CA PRO B 16 33.93 20.65 36.84
C PRO B 16 32.85 20.20 37.81
N LEU B 17 32.52 21.08 38.74
CA LEU B 17 31.52 20.81 39.78
C LEU B 17 30.62 22.04 39.88
N VAL B 18 29.55 22.05 39.10
CA VAL B 18 28.61 23.15 39.07
C VAL B 18 27.45 22.85 40.01
N ARG B 19 26.75 23.89 40.42
CA ARG B 19 25.66 23.77 41.39
C ARG B 19 24.32 24.03 40.72
N LEU B 20 23.29 23.36 41.21
CA LEU B 20 21.92 23.55 40.76
C LEU B 20 21.25 24.58 41.66
N ASN B 21 20.69 25.63 41.05
CA ASN B 21 20.14 26.73 41.83
C ASN B 21 18.69 27.05 41.52
N SER B 22 18.00 26.23 40.73
CA SER B 22 16.61 26.48 40.41
C SER B 22 15.69 25.28 40.58
N VAL B 23 16.25 24.07 40.73
CA VAL B 23 15.43 22.88 40.92
C VAL B 23 15.24 22.56 42.40
N VAL B 24 16.28 22.74 43.20
CA VAL B 24 16.16 22.49 44.64
C VAL B 24 15.25 23.56 45.25
N PRO B 25 14.34 23.19 46.15
CA PRO B 25 13.43 24.20 46.71
C PRO B 25 14.17 25.19 47.58
N ASP B 26 13.42 26.19 48.06
CA ASP B 26 14.00 27.18 48.95
C ASP B 26 14.09 26.65 50.36
N GLY B 27 15.07 27.14 51.11
CA GLY B 27 15.28 26.69 52.48
C GLY B 27 15.88 25.30 52.60
N ALA B 28 16.74 24.93 51.65
CA ALA B 28 17.40 23.63 51.66
C ALA B 28 18.89 23.82 51.40
N GLY B 29 19.66 22.79 51.73
CA GLY B 29 21.11 22.85 51.57
C GLY B 29 21.53 23.09 50.14
N THR B 30 22.85 23.14 49.94
CA THR B 30 23.40 23.36 48.61
C THR B 30 23.50 22.05 47.86
N VAL B 31 23.16 22.08 46.58
CA VAL B 31 23.24 20.91 45.71
C VAL B 31 24.24 21.23 44.61
N ALA B 32 25.41 20.62 44.67
CA ALA B 32 26.41 20.75 43.62
C ALA B 32 26.34 19.50 42.75
N ALA B 33 26.13 19.70 41.46
CA ALA B 33 26.02 18.61 40.50
C ALA B 33 27.35 18.48 39.76
N LYS B 34 28.09 17.42 40.05
CA LYS B 34 29.38 17.22 39.41
C LYS B 34 29.15 16.80 37.96
N VAL B 35 28.92 17.78 37.11
CA VAL B 35 28.72 17.54 35.68
C VAL B 35 29.88 16.70 35.16
N GLU B 36 29.55 15.53 34.63
CA GLU B 36 30.58 14.59 34.20
C GLU B 36 30.46 14.21 32.73
N TYR B 37 29.67 14.95 31.95
CA TYR B 37 29.55 14.70 30.53
C TYR B 37 30.51 15.55 29.71
N LEU B 38 31.43 16.25 30.36
CA LEU B 38 32.46 17.04 29.69
C LEU B 38 33.71 16.23 29.39
N ASN B 39 33.76 14.97 29.77
CA ASN B 39 34.90 14.13 29.41
C ASN B 39 34.97 14.00 27.89
N PRO B 40 36.17 13.81 27.35
CA PRO B 40 36.28 13.66 25.88
C PRO B 40 35.44 12.53 25.34
N GLY B 41 35.25 11.46 26.10
CA GLY B 41 34.43 10.35 25.66
C GLY B 41 32.94 10.53 25.83
N GLY B 42 32.51 11.64 26.42
CA GLY B 42 31.10 11.94 26.55
C GLY B 42 30.46 11.56 27.87
N SER B 43 30.90 10.48 28.50
CA SER B 43 30.27 9.99 29.73
C SER B 43 31.30 9.87 30.84
N SER B 44 30.86 9.36 31.99
CA SER B 44 31.73 9.12 33.11
C SER B 44 32.55 7.85 32.96
N LYS B 45 32.10 6.91 32.13
CA LYS B 45 32.77 5.62 32.02
C LYS B 45 34.21 5.76 31.59
N ASP B 46 34.56 6.87 30.95
CA ASP B 46 35.94 7.09 30.56
C ASP B 46 36.88 6.84 31.72
N ARG B 47 36.56 7.39 32.89
CA ARG B 47 37.43 7.19 34.04
C ARG B 47 37.81 5.73 34.17
N ILE B 48 36.83 4.86 34.41
CA ILE B 48 37.13 3.44 34.60
C ILE B 48 37.91 2.92 33.41
N ALA B 49 37.45 3.23 32.20
CA ALA B 49 38.11 2.76 31.00
C ALA B 49 39.62 2.92 31.12
N VAL B 50 40.07 4.16 31.29
CA VAL B 50 41.51 4.40 31.37
C VAL B 50 42.14 3.43 32.35
N LYS B 51 41.66 3.47 33.59
CA LYS B 51 42.26 2.63 34.63
C LYS B 51 42.33 1.18 34.16
N MET B 52 41.21 0.65 33.66
CA MET B 52 41.20 -0.75 33.27
C MET B 52 42.30 -1.04 32.28
N ILE B 53 42.41 -0.22 31.23
CA ILE B 53 43.43 -0.47 30.22
C ILE B 53 44.80 -0.49 30.86
N GLU B 54 45.06 0.47 31.75
CA GLU B 54 46.36 0.52 32.42
C GLU B 54 46.69 -0.82 33.07
N ALA B 55 45.71 -1.41 33.75
CA ALA B 55 45.96 -2.70 34.39
C ALA B 55 46.44 -3.72 33.37
N ALA B 56 45.74 -3.83 32.25
CA ALA B 56 46.10 -4.83 31.24
C ALA B 56 47.51 -4.62 30.71
N GLU B 57 48.08 -3.44 30.90
CA GLU B 57 49.45 -3.17 30.49
C GLU B 57 50.45 -3.42 31.60
N ALA B 58 50.06 -3.18 32.85
CA ALA B 58 50.98 -3.45 33.96
C ALA B 58 50.98 -4.92 34.33
N SER B 59 49.80 -5.50 34.49
CA SER B 59 49.68 -6.93 34.77
C SER B 59 50.10 -7.81 33.60
N GLY B 60 50.49 -7.21 32.47
CA GLY B 60 50.89 -8.00 31.33
C GLY B 60 49.83 -8.94 30.81
N GLN B 61 48.57 -8.69 31.17
CA GLN B 61 47.48 -9.57 30.78
C GLN B 61 46.90 -9.22 29.41
N LEU B 62 47.37 -8.14 28.77
CA LEU B 62 46.92 -7.73 27.45
C LEU B 62 48.17 -7.48 26.61
N LYS B 63 48.63 -8.52 25.92
CA LYS B 63 49.85 -8.40 25.14
C LYS B 63 49.67 -7.38 24.02
N PRO B 64 50.68 -6.61 23.68
CA PRO B 64 50.52 -5.58 22.64
C PRO B 64 50.04 -6.20 21.34
N GLY B 65 49.16 -5.48 20.65
CA GLY B 65 48.51 -6.00 19.46
C GLY B 65 47.29 -6.84 19.74
N GLY B 66 46.95 -7.08 21.01
CA GLY B 66 45.81 -7.89 21.32
C GLY B 66 44.51 -7.15 21.11
N THR B 67 43.42 -7.91 21.10
CA THR B 67 42.08 -7.38 20.85
C THR B 67 41.31 -7.33 22.16
N ILE B 68 40.53 -6.27 22.33
CA ILE B 68 39.65 -6.10 23.48
C ILE B 68 38.26 -6.57 23.08
N VAL B 69 37.74 -7.56 23.82
CA VAL B 69 36.40 -8.08 23.60
C VAL B 69 35.56 -7.68 24.80
N GLU B 70 34.32 -7.26 24.53
CA GLU B 70 33.49 -6.78 25.62
C GLU B 70 32.02 -6.74 25.22
N PRO B 71 31.13 -7.32 26.01
CA PRO B 71 29.69 -7.09 25.79
C PRO B 71 29.32 -5.70 26.26
N THR B 72 29.13 -4.79 25.32
CA THR B 72 29.05 -3.38 25.65
C THR B 72 27.65 -2.97 26.05
N SER B 73 27.56 -1.80 26.68
CA SER B 73 26.28 -1.17 26.95
C SER B 73 26.02 0.03 26.05
N GLY B 74 27.07 0.77 25.67
CA GLY B 74 26.90 1.94 24.84
C GLY B 74 27.76 3.09 25.28
N ASN B 75 28.06 3.17 26.57
CA ASN B 75 28.96 4.18 27.10
C ASN B 75 30.36 3.63 27.39
N THR B 76 30.44 2.47 28.04
CA THR B 76 31.75 1.86 28.26
C THR B 76 32.45 1.61 26.94
N GLY B 77 31.68 1.26 25.90
CA GLY B 77 32.27 1.08 24.59
C GLY B 77 32.93 2.34 24.07
N VAL B 78 32.30 3.49 24.28
CA VAL B 78 32.86 4.75 23.78
C VAL B 78 34.22 5.00 24.41
N GLY B 79 34.31 4.90 25.74
CA GLY B 79 35.59 5.15 26.40
C GLY B 79 36.64 4.11 26.05
N LEU B 80 36.24 2.83 26.03
CA LEU B 80 37.19 1.78 25.70
C LEU B 80 37.75 1.99 24.30
N ALA B 81 36.90 2.32 23.33
CA ALA B 81 37.39 2.61 21.99
C ALA B 81 38.30 3.84 22.01
N LEU B 82 37.87 4.91 22.67
CA LEU B 82 38.63 6.14 22.67
C LEU B 82 40.03 5.95 23.21
N VAL B 83 40.23 5.01 24.13
CA VAL B 83 41.54 4.80 24.72
C VAL B 83 42.34 3.72 23.98
N ALA B 84 41.73 2.56 23.76
CA ALA B 84 42.42 1.50 23.03
C ALA B 84 42.81 1.96 21.64
N GLN B 85 42.18 3.00 21.11
CA GLN B 85 42.60 3.57 19.85
C GLN B 85 43.88 4.39 20.02
N ARG B 86 44.10 4.97 21.19
CA ARG B 86 45.39 5.60 21.45
C ARG B 86 46.49 4.56 21.54
N ARG B 87 46.26 3.49 22.30
CA ARG B 87 47.30 2.46 22.38
C ARG B 87 47.45 1.73 21.06
N GLY B 88 46.37 1.57 20.31
CA GLY B 88 46.38 0.83 19.07
C GLY B 88 45.86 -0.59 19.15
N TYR B 89 45.06 -0.92 20.17
CA TYR B 89 44.54 -2.26 20.36
C TYR B 89 43.22 -2.39 19.61
N LYS B 90 43.14 -3.37 18.72
CA LYS B 90 41.89 -3.63 18.02
C LYS B 90 40.80 -3.95 19.03
N CYS B 91 39.64 -3.32 18.86
CA CYS B 91 38.53 -3.46 19.80
C CYS B 91 37.33 -4.04 19.08
N VAL B 92 36.71 -5.06 19.68
CA VAL B 92 35.55 -5.72 19.09
C VAL B 92 34.50 -5.91 20.18
N PHE B 93 33.31 -5.35 19.96
CA PHE B 93 32.21 -5.44 20.89
C PHE B 93 31.18 -6.45 20.40
N VAL B 94 30.33 -6.90 21.34
CA VAL B 94 29.20 -7.77 21.02
C VAL B 94 27.97 -7.16 21.67
N CYS B 95 27.10 -6.58 20.86
CA CYS B 95 26.06 -5.71 21.40
C CYS B 95 24.68 -6.32 21.22
N PRO B 96 23.79 -6.16 22.20
CA PRO B 96 22.40 -6.57 22.01
C PRO B 96 21.71 -5.68 20.99
N ASP B 97 20.87 -6.30 20.16
CA ASP B 97 20.15 -5.54 19.14
C ASP B 97 19.23 -4.48 19.74
N LYS B 98 19.06 -4.47 21.06
CA LYS B 98 18.25 -3.44 21.70
C LYS B 98 18.83 -2.05 21.50
N VAL B 99 20.15 -1.95 21.26
CA VAL B 99 20.78 -0.65 21.09
C VAL B 99 20.43 -0.08 19.73
N SER B 100 20.17 1.22 19.68
CA SER B 100 19.75 1.88 18.46
C SER B 100 20.86 1.88 17.43
N GLU B 101 20.58 2.42 16.25
CA GLU B 101 21.58 2.46 15.19
C GLU B 101 22.59 3.57 15.44
N ASP B 102 22.15 4.71 15.98
CA ASP B 102 23.08 5.81 16.22
C ASP B 102 24.14 5.44 17.25
N LYS B 103 23.74 4.74 18.32
CA LYS B 103 24.69 4.41 19.36
C LYS B 103 25.82 3.53 18.84
N ARG B 104 25.47 2.40 18.21
CA ARG B 104 26.53 1.52 17.70
C ARG B 104 27.20 2.12 16.48
N ASN B 105 26.55 3.03 15.77
CA ASN B 105 27.22 3.73 14.69
C ASN B 105 28.34 4.61 15.23
N VAL B 106 28.08 5.31 16.34
CA VAL B 106 29.15 6.01 17.05
C VAL B 106 30.22 5.02 17.47
N LEU B 107 29.80 3.91 18.09
CA LEU B 107 30.75 2.91 18.56
C LEU B 107 31.65 2.41 17.45
N ILE B 108 31.15 2.37 16.22
CA ILE B 108 31.97 2.00 15.08
C ILE B 108 32.87 3.14 14.65
N ALA B 109 32.33 4.36 14.58
CA ALA B 109 33.09 5.49 14.06
C ALA B 109 34.42 5.65 14.80
N TYR B 110 34.45 5.27 16.08
CA TYR B 110 35.68 5.32 16.85
C TYR B 110 36.66 4.23 16.47
N GLY B 111 36.28 3.32 15.58
CA GLY B 111 37.15 2.24 15.17
C GLY B 111 36.93 0.95 15.91
N ALA B 112 35.72 0.67 16.35
CA ALA B 112 35.38 -0.55 17.05
C ALA B 112 34.56 -1.45 16.15
N GLU B 113 34.82 -2.75 16.23
CA GLU B 113 34.08 -3.73 15.45
C GLU B 113 32.95 -4.29 16.30
N VAL B 114 31.71 -3.99 15.92
CA VAL B 114 30.54 -4.37 16.69
C VAL B 114 29.85 -5.52 15.97
N VAL B 115 29.79 -6.68 16.61
CA VAL B 115 29.08 -7.84 16.11
C VAL B 115 27.81 -8.00 16.95
N VAL B 116 26.66 -7.96 16.30
CA VAL B 116 25.38 -7.93 16.98
C VAL B 116 24.83 -9.35 17.09
N CYS B 117 24.08 -9.59 18.17
CA CYS B 117 23.41 -10.85 18.41
C CYS B 117 22.01 -10.56 18.92
N PRO B 118 21.08 -11.50 18.74
CA PRO B 118 19.71 -11.30 19.23
C PRO B 118 19.69 -11.08 20.73
N THR B 119 18.59 -10.50 21.21
CA THR B 119 18.44 -10.12 22.61
C THR B 119 17.18 -10.77 23.18
N ALA B 120 16.97 -10.54 24.47
CA ALA B 120 15.82 -11.07 25.20
C ALA B 120 15.95 -12.56 25.46
N VAL B 121 16.98 -13.19 24.89
CA VAL B 121 17.28 -14.60 25.14
C VAL B 121 18.01 -14.69 26.48
N PRO B 122 17.95 -15.82 27.18
CA PRO B 122 18.63 -15.92 28.48
C PRO B 122 20.10 -15.61 28.35
N PRO B 123 20.69 -14.95 29.34
CA PRO B 123 22.11 -14.58 29.23
C PRO B 123 23.04 -15.78 29.17
N HIS B 124 22.64 -16.92 29.75
CA HIS B 124 23.50 -18.09 29.88
C HIS B 124 23.47 -19.01 28.67
N ASP B 125 22.71 -18.69 27.64
CA ASP B 125 22.61 -19.52 26.46
C ASP B 125 23.45 -18.98 25.32
N PRO B 126 23.67 -19.77 24.26
CA PRO B 126 24.55 -19.34 23.17
C PRO B 126 24.02 -18.16 22.36
N ALA B 127 22.78 -17.73 22.57
CA ALA B 127 22.22 -16.64 21.80
C ALA B 127 22.52 -15.28 22.41
N SER B 128 22.37 -15.13 23.73
CA SER B 128 22.66 -13.87 24.38
C SER B 128 24.15 -13.54 24.21
N TYR B 129 24.49 -12.27 24.44
CA TYR B 129 25.82 -11.80 24.08
C TYR B 129 26.89 -12.18 25.08
N TYR B 130 26.53 -12.64 26.28
CA TYR B 130 27.54 -13.07 27.24
C TYR B 130 28.29 -14.30 26.73
N SER B 131 27.53 -15.34 26.32
CA SER B 131 28.15 -16.56 25.83
C SER B 131 28.94 -16.29 24.54
N VAL B 132 28.41 -15.45 23.65
CA VAL B 132 29.12 -15.15 22.42
C VAL B 132 30.40 -14.37 22.71
N SER B 133 30.35 -13.48 23.71
CA SER B 133 31.56 -12.78 24.12
C SER B 133 32.60 -13.77 24.63
N ASP B 134 32.18 -14.74 25.43
CA ASP B 134 33.11 -15.77 25.90
C ASP B 134 33.68 -16.56 24.73
N ARG B 135 32.84 -16.90 23.75
CA ARG B 135 33.32 -17.64 22.59
C ARG B 135 34.36 -16.84 21.81
N LEU B 136 34.11 -15.53 21.63
CA LEU B 136 35.10 -14.69 20.99
C LEU B 136 36.38 -14.63 21.79
N VAL B 137 36.28 -14.56 23.11
CA VAL B 137 37.47 -14.57 23.96
C VAL B 137 38.27 -15.84 23.69
N ARG B 138 37.58 -16.98 23.52
CA ARG B 138 38.28 -18.23 23.24
C ARG B 138 38.95 -18.19 21.88
N ASP B 139 38.17 -17.92 20.83
CA ASP B 139 38.71 -18.02 19.46
C ASP B 139 39.86 -17.05 19.25
N ILE B 140 39.59 -15.75 19.34
CA ILE B 140 40.61 -14.76 19.06
C ILE B 140 41.80 -14.97 19.99
N ASP B 141 42.97 -14.51 19.56
CA ASP B 141 44.18 -14.58 20.36
C ASP B 141 44.45 -13.24 21.04
N GLY B 142 45.10 -13.31 22.19
CA GLY B 142 45.41 -12.11 22.95
C GLY B 142 44.19 -11.36 23.41
N ALA B 143 43.03 -12.01 23.42
CA ALA B 143 41.81 -11.36 23.86
C ALA B 143 41.89 -11.03 25.35
N TRP B 144 41.15 -9.99 25.74
CA TRP B 144 41.11 -9.58 27.14
C TRP B 144 39.73 -9.00 27.43
N LYS B 145 38.85 -9.82 27.98
CA LYS B 145 37.51 -9.38 28.33
C LYS B 145 37.57 -8.56 29.60
N PRO B 146 37.48 -7.23 29.52
CA PRO B 146 37.64 -6.41 30.73
C PRO B 146 36.66 -6.74 31.82
N ASP B 147 35.45 -7.20 31.47
CA ASP B 147 34.46 -7.64 32.46
C ASP B 147 34.17 -6.53 33.47
N GLN B 148 33.57 -5.46 32.95
CA GLN B 148 33.33 -4.27 33.76
C GLN B 148 32.48 -4.52 34.98
N TYR B 149 31.92 -5.72 35.12
CA TYR B 149 31.03 -6.02 36.24
C TYR B 149 31.72 -6.72 37.40
N ALA B 150 32.86 -7.35 37.18
CA ALA B 150 33.60 -8.04 38.23
C ALA B 150 35.08 -7.66 38.16
N ASN B 151 35.36 -6.37 38.02
CA ASN B 151 36.72 -5.88 37.88
C ASN B 151 37.01 -4.88 38.98
N PRO B 152 37.87 -5.20 39.94
CA PRO B 152 38.16 -4.24 41.02
C PRO B 152 38.71 -2.93 40.51
N GLU B 153 39.45 -2.95 39.40
CA GLU B 153 40.00 -1.71 38.86
C GLU B 153 38.90 -0.70 38.55
N GLY B 154 37.71 -1.19 38.21
CA GLY B 154 36.59 -0.32 37.97
C GLY B 154 36.36 0.65 39.11
N PRO B 155 35.95 0.13 40.27
CA PRO B 155 35.77 1.01 41.43
C PRO B 155 37.06 1.65 41.91
N ALA B 156 38.21 1.00 41.72
CA ALA B 156 39.47 1.59 42.15
C ALA B 156 39.74 2.89 41.40
N SER B 157 39.38 2.94 40.12
CA SER B 157 39.62 4.15 39.34
C SER B 157 38.84 5.33 39.89
N HIS B 158 37.57 5.11 40.24
CA HIS B 158 36.80 6.17 40.88
C HIS B 158 37.35 6.51 42.26
N TYR B 159 37.85 5.50 42.97
CA TYR B 159 38.48 5.76 44.27
C TYR B 159 39.68 6.68 44.12
N VAL B 160 40.39 6.57 43.00
CA VAL B 160 41.60 7.36 42.80
C VAL B 160 41.28 8.75 42.25
N THR B 161 40.34 8.85 41.29
CA THR B 161 40.18 10.08 40.54
C THR B 161 38.73 10.57 40.47
N THR B 162 37.89 10.18 41.43
CA THR B 162 36.55 10.75 41.51
C THR B 162 36.22 11.23 42.92
N GLY B 163 36.82 10.63 43.93
CA GLY B 163 36.68 11.10 45.29
C GLY B 163 37.54 12.32 45.53
N PRO B 164 38.82 12.24 45.15
CA PRO B 164 39.69 13.42 45.32
C PRO B 164 39.15 14.68 44.68
N GLU B 165 38.54 14.58 43.50
CA GLU B 165 37.92 15.76 42.89
C GLU B 165 36.76 16.26 43.74
N ILE B 166 35.90 15.34 44.19
CA ILE B 166 34.77 15.73 45.02
C ILE B 166 35.25 16.34 46.32
N TRP B 167 36.32 15.80 46.89
CA TRP B 167 36.82 16.27 48.17
C TRP B 167 37.59 17.58 48.06
N ALA B 168 38.17 17.87 46.89
CA ALA B 168 38.98 19.06 46.73
C ALA B 168 38.18 20.24 46.20
N ASP B 169 37.28 20.00 45.24
CA ASP B 169 36.48 21.09 44.70
C ASP B 169 35.58 21.72 45.76
N THR B 170 35.31 21.02 46.85
CA THR B 170 34.49 21.55 47.93
C THR B 170 35.30 21.85 49.19
N GLU B 171 36.59 21.54 49.21
CA GLU B 171 37.46 21.83 50.35
C GLU B 171 37.02 21.05 51.60
N GLY B 172 36.94 19.74 51.43
CA GLY B 172 36.68 18.85 52.56
C GLY B 172 35.38 19.12 53.28
N LYS B 173 34.43 19.77 52.61
CA LYS B 173 33.14 20.14 53.22
C LYS B 173 32.02 19.61 52.33
N VAL B 174 31.64 18.36 52.55
CA VAL B 174 30.56 17.72 51.81
C VAL B 174 29.78 16.82 52.77
N THR B 175 28.53 17.17 53.03
CA THR B 175 27.72 16.40 53.97
C THR B 175 27.32 15.04 53.39
N HIS B 176 26.90 15.02 52.13
CA HIS B 176 26.43 13.80 51.48
C HIS B 176 27.07 13.65 50.11
N PHE B 177 26.86 12.48 49.51
CA PHE B 177 27.29 12.23 48.14
C PHE B 177 26.32 11.21 47.53
N VAL B 178 25.32 11.71 46.82
CA VAL B 178 24.34 10.87 46.18
C VAL B 178 24.78 10.61 44.74
N ALA B 179 24.61 9.37 44.29
CA ALA B 179 25.08 8.99 42.96
C ALA B 179 24.33 7.76 42.49
N GLY B 180 23.95 7.77 41.21
CA GLY B 180 23.25 6.63 40.65
C GLY B 180 24.07 5.36 40.77
N ILE B 181 23.42 4.28 41.18
CA ILE B 181 24.09 3.00 41.42
C ILE B 181 23.57 2.04 40.36
N GLY B 182 24.38 1.82 39.32
CA GLY B 182 24.06 0.89 38.27
C GLY B 182 24.81 -0.41 38.41
N THR B 183 25.88 -0.57 37.63
CA THR B 183 26.75 -1.73 37.77
C THR B 183 27.53 -1.69 39.08
N GLY B 184 27.54 -0.53 39.73
CA GLY B 184 28.21 -0.43 41.02
C GLY B 184 29.71 -0.20 40.99
N GLY B 185 30.13 0.93 40.40
CA GLY B 185 31.46 1.44 40.68
C GLY B 185 31.46 2.86 41.22
N THR B 186 30.55 3.74 40.76
CA THR B 186 30.67 5.14 41.13
C THR B 186 30.46 5.37 42.62
N ILE B 187 29.43 4.76 43.19
CA ILE B 187 29.13 4.90 44.60
C ILE B 187 30.19 4.20 45.46
N THR B 188 30.58 2.98 45.08
CA THR B 188 31.54 2.25 45.90
C THR B 188 32.87 2.99 45.96
N GLY B 189 33.50 3.18 44.80
CA GLY B 189 34.82 3.78 44.75
C GLY B 189 34.86 5.23 45.20
N ALA B 190 33.73 5.92 45.20
CA ALA B 190 33.70 7.29 45.68
C ALA B 190 33.39 7.39 47.17
N GLY B 191 32.35 6.69 47.63
CA GLY B 191 32.01 6.74 49.04
C GLY B 191 33.07 6.11 49.91
N ARG B 192 33.73 5.05 49.44
CA ARG B 192 34.80 4.46 50.23
C ARG B 192 35.85 5.50 50.57
N TYR B 193 36.27 6.30 49.57
CA TYR B 193 37.26 7.34 49.83
C TYR B 193 36.69 8.47 50.66
N LEU B 194 35.46 8.91 50.36
CA LEU B 194 34.88 9.99 51.15
C LEU B 194 34.83 9.62 52.62
N LYS B 195 34.58 8.34 52.93
CA LYS B 195 34.59 7.88 54.31
C LYS B 195 35.99 7.73 54.87
N GLU B 196 36.92 7.16 54.10
CA GLU B 196 38.28 7.02 54.58
C GLU B 196 38.89 8.37 54.93
N VAL B 197 38.47 9.42 54.22
CA VAL B 197 39.06 10.74 54.41
C VAL B 197 38.19 11.65 55.28
N SER B 198 37.02 11.18 55.69
CA SER B 198 36.17 11.98 56.56
C SER B 198 35.63 11.19 57.73
N GLY B 199 36.37 10.18 58.20
CA GLY B 199 35.85 9.34 59.26
C GLY B 199 34.57 8.68 58.80
N GLY B 200 33.44 9.14 59.30
CA GLY B 200 32.16 8.65 58.83
C GLY B 200 31.15 9.76 58.62
N ARG B 201 31.64 10.97 58.37
CA ARG B 201 30.75 12.13 58.30
C ARG B 201 29.85 12.07 57.07
N VAL B 202 30.46 12.11 55.88
CA VAL B 202 29.68 12.25 54.66
C VAL B 202 28.93 10.95 54.40
N ARG B 203 27.61 11.00 54.58
CA ARG B 203 26.78 9.81 54.42
C ARG B 203 26.54 9.56 52.94
N ILE B 204 27.04 8.44 52.44
CA ILE B 204 26.86 8.08 51.04
C ILE B 204 25.43 7.61 50.80
N VAL B 205 24.81 8.14 49.75
CA VAL B 205 23.47 7.72 49.35
C VAL B 205 23.53 7.25 47.90
N GLY B 206 22.70 6.27 47.59
CA GLY B 206 22.68 5.75 46.24
C GLY B 206 21.28 5.58 45.67
N ALA B 207 21.00 6.25 44.57
CA ALA B 207 19.70 6.15 43.92
C ALA B 207 19.65 4.95 43.00
N ASP B 208 18.49 4.29 42.97
CA ASP B 208 18.31 3.08 42.17
C ASP B 208 16.92 3.12 41.55
N PRO B 209 16.79 2.74 40.27
CA PRO B 209 15.46 2.75 39.65
C PRO B 209 14.49 1.87 40.41
N GLU B 210 13.24 2.34 40.49
CA GLU B 210 12.23 1.66 41.29
C GLU B 210 12.10 0.20 40.88
N GLY B 211 12.21 -0.69 41.85
CA GLY B 211 12.01 -2.11 41.61
C GLY B 211 13.23 -2.82 41.04
N SER B 212 14.41 -2.56 41.56
CA SER B 212 15.62 -3.24 41.14
C SER B 212 16.14 -4.12 42.29
N VAL B 213 17.26 -4.78 42.04
CA VAL B 213 17.83 -5.66 43.05
C VAL B 213 18.29 -4.85 44.27
N TYR B 214 19.01 -3.76 44.03
CA TYR B 214 19.54 -2.97 45.13
C TYR B 214 18.43 -2.38 45.98
N SER B 215 17.38 -1.88 45.32
CA SER B 215 16.26 -1.29 46.05
C SER B 215 15.42 -2.33 46.77
N GLY B 216 15.83 -3.60 46.79
CA GLY B 216 15.13 -4.62 47.52
C GLY B 216 14.06 -5.37 46.74
N GLY B 217 13.67 -4.88 45.56
CA GLY B 217 12.66 -5.52 44.76
C GLY B 217 13.22 -6.64 43.91
N ALA B 218 12.40 -7.14 42.99
CA ALA B 218 12.78 -8.17 42.05
C ALA B 218 13.11 -7.54 40.70
N GLY B 219 13.37 -8.39 39.72
CA GLY B 219 13.71 -7.92 38.40
C GLY B 219 12.64 -7.01 37.82
N ARG B 220 12.99 -6.38 36.71
CA ARG B 220 12.07 -5.45 36.03
C ARG B 220 12.65 -5.07 34.68
N PRO B 221 11.81 -4.79 33.68
CA PRO B 221 12.30 -4.21 32.43
C PRO B 221 12.71 -2.76 32.67
N TYR B 222 13.97 -2.46 32.38
CA TYR B 222 14.56 -1.17 32.70
C TYR B 222 14.59 -0.27 31.47
N LEU B 223 14.23 0.99 31.67
CA LEU B 223 14.23 1.99 30.61
C LEU B 223 15.38 2.97 30.71
N VAL B 224 15.70 3.45 31.92
CA VAL B 224 16.80 4.39 32.09
C VAL B 224 18.10 3.65 31.76
N GLU B 225 18.71 3.99 30.64
CA GLU B 225 19.92 3.29 30.22
C GLU B 225 21.03 3.50 31.24
N GLY B 226 21.73 2.42 31.57
CA GLY B 226 22.71 2.48 32.64
C GLY B 226 22.24 1.84 33.92
N VAL B 227 21.79 2.68 34.86
CA VAL B 227 21.42 2.24 36.20
C VAL B 227 20.45 1.08 36.16
N GLY B 228 20.50 0.22 37.17
CA GLY B 228 19.61 -0.91 37.32
C GLY B 228 20.32 -2.23 37.03
N GLU B 229 19.88 -3.27 37.72
CA GLU B 229 20.45 -4.60 37.53
C GLU B 229 19.46 -5.65 38.00
N ASP B 230 19.72 -6.89 37.59
CA ASP B 230 18.94 -8.05 38.01
C ASP B 230 19.73 -9.01 38.88
N PHE B 231 21.01 -8.74 39.12
CA PHE B 231 21.84 -9.57 39.97
C PHE B 231 22.83 -8.67 40.70
N TRP B 232 23.53 -9.24 41.67
CA TRP B 232 24.50 -8.48 42.44
C TRP B 232 25.85 -8.52 41.72
N PRO B 233 26.33 -7.42 41.17
CA PRO B 233 27.63 -7.44 40.51
C PRO B 233 28.73 -7.80 41.49
N ALA B 234 29.75 -8.48 40.99
CA ALA B 234 30.87 -8.86 41.83
C ALA B 234 31.73 -7.67 42.25
N ALA B 235 31.41 -6.47 41.80
CA ALA B 235 32.23 -5.29 42.08
C ALA B 235 31.41 -4.18 42.71
N TYR B 236 30.44 -4.55 43.55
CA TYR B 236 29.66 -3.56 44.31
C TYR B 236 29.57 -4.06 45.75
N ASP B 237 30.39 -3.49 46.62
CA ASP B 237 30.38 -3.88 48.02
C ASP B 237 29.19 -3.22 48.72
N PRO B 238 28.12 -3.97 48.98
CA PRO B 238 26.89 -3.35 49.50
C PRO B 238 27.05 -2.73 50.88
N SER B 239 28.24 -2.76 51.46
CA SER B 239 28.43 -2.17 52.78
C SER B 239 28.65 -0.66 52.73
N VAL B 240 28.98 -0.10 51.56
CA VAL B 240 29.36 1.30 51.46
C VAL B 240 28.11 2.20 51.54
N PRO B 241 27.17 2.07 50.61
CA PRO B 241 26.02 2.99 50.62
C PRO B 241 25.24 2.89 51.92
N ASP B 242 24.80 4.05 52.41
CA ASP B 242 24.09 4.13 53.68
C ASP B 242 22.58 4.24 53.50
N GLU B 243 22.10 4.57 52.30
CA GLU B 243 20.67 4.60 52.05
C GLU B 243 20.46 4.56 50.54
N ILE B 244 19.87 3.46 50.06
CA ILE B 244 19.53 3.32 48.65
C ILE B 244 18.10 3.82 48.48
N ILE B 245 17.97 5.10 48.11
CA ILE B 245 16.68 5.74 47.91
C ILE B 245 16.24 5.47 46.48
N ALA B 246 15.31 4.52 46.31
CA ALA B 246 14.82 4.16 44.98
C ALA B 246 13.89 5.23 44.44
N VAL B 247 13.92 5.42 43.13
CA VAL B 247 13.10 6.42 42.46
C VAL B 247 12.47 5.80 41.22
N SER B 248 11.28 6.28 40.88
CA SER B 248 10.51 5.72 39.78
C SER B 248 11.15 6.12 38.44
N ASP B 249 10.50 5.71 37.35
CA ASP B 249 10.98 6.03 36.01
C ASP B 249 10.40 7.33 35.49
N SER B 250 9.08 7.51 35.62
CA SER B 250 8.48 8.76 35.19
C SER B 250 9.09 9.93 35.93
N ASP B 251 9.33 9.78 37.23
CA ASP B 251 9.94 10.85 38.00
C ASP B 251 11.32 11.19 37.46
N SER B 252 12.13 10.16 37.17
CA SER B 252 13.49 10.43 36.69
C SER B 252 13.47 11.11 35.34
N PHE B 253 12.62 10.66 34.42
CA PHE B 253 12.55 11.29 33.11
C PHE B 253 12.08 12.73 33.21
N ASP B 254 11.04 12.98 34.02
CA ASP B 254 10.57 14.35 34.19
C ASP B 254 11.64 15.22 34.82
N MET B 255 12.38 14.69 35.78
CA MET B 255 13.44 15.47 36.40
C MET B 255 14.53 15.79 35.39
N THR B 256 14.88 14.84 34.52
CA THR B 256 15.86 15.12 33.49
C THR B 256 15.40 16.24 32.58
N ARG B 257 14.15 16.18 32.14
CA ARG B 257 13.63 17.21 31.25
C ARG B 257 13.62 18.57 31.93
N ARG B 258 13.09 18.63 33.16
CA ARG B 258 13.04 19.88 33.90
C ARG B 258 14.43 20.40 34.22
N LEU B 259 15.40 19.50 34.41
CA LEU B 259 16.78 19.92 34.64
C LEU B 259 17.36 20.57 33.41
N ALA B 260 17.19 19.93 32.26
CA ALA B 260 17.66 20.54 31.02
C ALA B 260 16.97 21.87 30.74
N ARG B 261 15.74 22.03 31.20
CA ARG B 261 15.03 23.28 30.92
C ARG B 261 15.30 24.40 31.91
N GLU B 262 15.62 24.07 33.17
CA GLU B 262 15.77 25.08 34.20
C GLU B 262 17.18 25.18 34.77
N GLU B 263 18.14 24.42 34.23
CA GLU B 263 19.51 24.51 34.69
C GLU B 263 20.53 24.49 33.56
N ALA B 264 20.09 24.39 32.30
CA ALA B 264 21.00 24.39 31.16
C ALA B 264 21.98 23.23 31.23
N MET B 265 21.43 22.03 31.44
CA MET B 265 22.22 20.80 31.43
C MET B 265 21.45 19.74 30.66
N LEU B 266 22.06 19.19 29.62
CA LEU B 266 21.47 18.08 28.87
C LEU B 266 21.97 16.76 29.45
N VAL B 267 21.43 16.42 30.60
CA VAL B 267 21.75 15.17 31.27
C VAL B 267 20.78 14.08 30.78
N GLY B 268 21.14 12.83 31.03
CA GLY B 268 20.34 11.72 30.54
C GLY B 268 19.23 11.29 31.47
N GLY B 269 19.03 9.97 31.59
CA GLY B 269 18.02 9.45 32.49
C GLY B 269 18.57 9.20 33.88
N SER B 270 19.68 8.47 33.94
CA SER B 270 20.32 8.25 35.24
C SER B 270 20.66 9.57 35.91
N CYS B 271 20.98 10.60 35.13
CA CYS B 271 21.24 11.91 35.72
C CYS B 271 20.01 12.45 36.44
N GLY B 272 18.85 12.35 35.79
CA GLY B 272 17.62 12.77 36.44
C GLY B 272 17.29 11.95 37.66
N MET B 273 17.54 10.64 37.60
CA MET B 273 17.31 9.79 38.75
C MET B 273 18.19 10.22 39.93
N ALA B 274 19.47 10.46 39.67
CA ALA B 274 20.37 10.90 40.72
C ALA B 274 19.94 12.25 41.28
N VAL B 275 19.52 13.17 40.41
CA VAL B 275 19.13 14.50 40.87
C VAL B 275 17.87 14.43 41.73
N VAL B 276 16.92 13.56 41.37
CA VAL B 276 15.73 13.43 42.18
C VAL B 276 16.06 12.80 43.52
N ALA B 277 16.92 11.77 43.51
CA ALA B 277 17.35 11.19 44.79
C ALA B 277 18.00 12.24 45.67
N ALA B 278 18.85 13.09 45.09
CA ALA B 278 19.43 14.18 45.85
C ALA B 278 18.32 15.07 46.40
N LEU B 279 17.59 15.75 45.52
CA LEU B 279 16.54 16.66 45.96
C LEU B 279 15.66 16.05 47.05
N LYS B 280 15.56 14.73 47.09
CA LYS B 280 14.84 14.09 48.19
C LYS B 280 15.69 14.08 49.47
N VAL B 281 16.92 13.58 49.38
CA VAL B 281 17.76 13.49 50.58
C VAL B 281 18.06 14.86 51.16
N ALA B 282 18.05 15.89 50.31
CA ALA B 282 18.35 17.25 50.71
C ALA B 282 17.26 17.87 51.57
N GLU B 283 16.24 17.09 51.94
CA GLU B 283 15.22 17.55 52.86
C GLU B 283 15.54 17.18 54.30
N GLU B 284 15.96 15.93 54.53
CA GLU B 284 16.34 15.50 55.86
C GLU B 284 17.68 16.07 56.29
N ALA B 285 18.34 16.82 55.43
CA ALA B 285 19.56 17.56 55.76
C ALA B 285 19.23 19.04 55.64
N GLY B 286 19.02 19.69 56.78
CA GLY B 286 18.65 21.08 56.79
C GLY B 286 19.74 21.96 56.23
N PRO B 287 19.64 23.27 56.46
CA PRO B 287 20.66 24.19 55.93
C PRO B 287 22.07 23.75 56.28
N ASP B 288 23.05 24.23 55.51
CA ASP B 288 24.46 23.90 55.65
C ASP B 288 24.80 22.52 55.09
N ALA B 289 23.92 21.93 54.29
CA ALA B 289 24.20 20.65 53.65
C ALA B 289 24.76 20.88 52.25
N LEU B 290 25.71 20.04 51.85
CA LEU B 290 26.36 20.15 50.54
C LEU B 290 26.31 18.78 49.88
N ILE B 291 25.28 18.55 49.07
CA ILE B 291 25.07 17.27 48.40
C ILE B 291 25.66 17.38 47.00
N VAL B 292 26.66 16.54 46.71
CA VAL B 292 27.32 16.55 45.41
C VAL B 292 26.78 15.35 44.63
N VAL B 293 25.79 15.61 43.79
CA VAL B 293 25.28 14.57 42.90
C VAL B 293 26.28 14.31 41.79
N LEU B 294 26.19 13.12 41.20
CA LEU B 294 27.09 12.71 40.13
C LEU B 294 26.27 12.46 38.87
N LEU B 295 26.10 13.50 38.06
CA LEU B 295 25.42 13.39 36.78
C LEU B 295 26.37 12.72 35.80
N PRO B 296 26.17 11.44 35.48
CA PRO B 296 27.21 10.66 34.79
C PRO B 296 27.09 10.57 33.27
N ASP B 297 26.17 11.29 32.64
CA ASP B 297 25.97 11.15 31.20
C ASP B 297 25.59 12.49 30.59
N GLY B 298 25.69 12.55 29.26
CA GLY B 298 25.29 13.72 28.50
C GLY B 298 24.06 13.40 27.66
N GLY B 299 23.04 14.23 27.81
CA GLY B 299 21.76 13.96 27.20
C GLY B 299 21.65 14.33 25.73
N ARG B 300 22.66 13.96 24.94
CA ARG B 300 22.58 14.16 23.51
C ARG B 300 22.18 12.90 22.76
N GLY B 301 22.49 11.74 23.31
CA GLY B 301 22.08 10.49 22.67
C GLY B 301 20.59 10.21 22.83
N TYR B 302 20.02 10.63 23.96
CA TYR B 302 18.60 10.44 24.22
C TYR B 302 17.73 11.48 23.54
N MET B 303 18.32 12.38 22.75
CA MET B 303 17.57 13.50 22.19
C MET B 303 16.29 13.05 21.49
N SER B 304 16.23 11.80 21.03
CA SER B 304 15.00 11.25 20.45
C SER B 304 14.42 10.14 21.30
N LYS B 305 14.81 10.05 22.57
CA LYS B 305 14.34 8.95 23.41
C LYS B 305 13.59 9.46 24.64
N ILE B 306 14.04 10.55 25.27
CA ILE B 306 13.29 11.11 26.38
C ILE B 306 12.89 12.57 26.16
N PHE B 307 13.49 13.27 25.20
CA PHE B 307 13.06 14.61 24.85
C PHE B 307 12.05 14.61 23.72
N ASN B 308 11.59 13.44 23.30
CA ASN B 308 10.64 13.31 22.20
C ASN B 308 9.26 13.03 22.80
N ASP B 309 8.34 13.99 22.62
CA ASP B 309 7.03 13.86 23.22
C ASP B 309 6.30 12.61 22.74
N ALA B 310 6.62 12.12 21.54
CA ALA B 310 5.97 10.91 21.04
C ALA B 310 6.36 9.70 21.88
N TRP B 311 7.66 9.38 21.91
CA TRP B 311 8.15 8.26 22.71
C TRP B 311 7.73 8.42 24.17
N MET B 312 8.01 9.59 24.74
CA MET B 312 7.70 9.82 26.15
C MET B 312 6.22 9.70 26.44
N SER B 313 5.37 9.72 25.41
CA SER B 313 3.94 9.54 25.59
C SER B 313 3.49 8.10 25.36
N SER B 314 4.24 7.32 24.58
CA SER B 314 3.86 5.93 24.37
C SER B 314 3.94 5.14 25.67
N TYR B 315 4.96 5.38 26.48
CA TYR B 315 5.12 4.69 27.75
C TYR B 315 4.41 5.40 28.90
N GLY B 316 3.14 5.73 28.73
CA GLY B 316 2.38 6.38 29.79
C GLY B 316 3.17 7.38 30.60
N PHE B 317 3.71 8.40 29.95
CA PHE B 317 4.61 9.38 30.56
C PHE B 317 4.20 10.76 30.04
N LEU B 318 5.11 11.72 30.11
CA LEU B 318 4.89 13.01 29.49
C LEU B 318 3.81 13.83 30.17
N ARG B 319 4.03 14.13 31.46
CA ARG B 319 3.16 15.08 32.16
C ARG B 319 2.78 16.27 31.28
N SER B 320 3.79 16.90 30.67
CA SER B 320 3.56 18.06 29.84
C SER B 320 4.47 17.99 28.62
N ARG B 321 4.24 18.89 27.67
CA ARG B 321 5.04 18.95 26.46
C ARG B 321 6.17 19.95 26.63
N LEU B 322 7.23 19.76 25.86
CA LEU B 322 8.43 20.58 26.02
C LEU B 322 8.13 22.06 25.81
N ASP B 323 7.36 22.38 24.78
CA ASP B 323 7.26 23.76 24.34
C ASP B 323 6.23 24.58 25.12
N GLY B 324 5.12 23.98 25.54
CA GLY B 324 4.06 24.79 26.11
C GLY B 324 2.75 24.08 26.38
N SER B 325 1.66 24.66 25.86
CA SER B 325 0.31 24.21 26.19
C SER B 325 0.18 22.69 26.04
N THR B 326 -0.80 22.12 26.74
CA THR B 326 -0.80 20.69 27.00
C THR B 326 -1.34 19.87 25.83
N GLU B 327 -2.63 20.00 25.51
CA GLU B 327 -3.32 19.02 24.67
C GLU B 327 -4.19 19.71 23.62
N GLN B 328 -3.61 20.62 22.85
CA GLN B 328 -4.35 21.33 21.82
C GLN B 328 -5.11 20.38 20.87
N SER B 329 -4.58 19.17 20.65
CA SER B 329 -5.22 18.18 19.81
C SER B 329 -6.47 17.62 20.51
N THR B 330 -7.55 17.65 19.78
CA THR B 330 -8.91 17.26 20.10
C THR B 330 -9.21 15.94 19.39
N VAL B 331 -10.26 15.25 19.85
CA VAL B 331 -10.52 13.89 19.38
C VAL B 331 -10.75 13.84 17.88
N GLY B 332 -11.36 14.89 17.33
CA GLY B 332 -11.60 14.89 15.89
C GLY B 332 -10.33 14.71 15.08
N ASP B 333 -9.21 15.21 15.57
CA ASP B 333 -7.96 15.07 14.83
C ASP B 333 -7.51 13.62 14.76
N VAL B 334 -7.92 12.80 15.73
CA VAL B 334 -7.64 11.37 15.64
C VAL B 334 -8.25 10.79 14.38
N LEU B 335 -9.34 11.37 13.89
CA LEU B 335 -9.98 10.93 12.66
C LEU B 335 -9.30 11.48 11.41
N ARG B 336 -8.42 12.47 11.54
CA ARG B 336 -7.85 13.17 10.40
C ARG B 336 -6.58 12.51 9.89
N ARG B 337 -6.46 11.19 10.06
CA ARG B 337 -5.30 10.47 9.54
C ARG B 337 -5.15 10.64 8.03
N LYS B 338 -6.25 10.95 7.34
CA LYS B 338 -6.23 11.22 5.91
C LYS B 338 -6.16 12.71 5.62
N SER B 339 -5.43 13.45 6.46
CA SER B 339 -5.27 14.89 6.31
C SER B 339 -6.60 15.63 6.44
N GLY B 340 -7.22 15.50 7.62
CA GLY B 340 -8.48 16.18 7.87
C GLY B 340 -9.56 15.75 6.90
N ALA B 341 -9.65 14.44 6.67
CA ALA B 341 -10.63 13.95 5.68
C ALA B 341 -11.32 12.70 6.24
N LEU B 342 -12.17 12.88 7.27
CA LEU B 342 -12.94 11.72 7.78
C LEU B 342 -13.33 10.89 6.56
N PRO B 343 -12.87 9.63 6.42
CA PRO B 343 -13.13 8.85 5.20
C PRO B 343 -14.57 9.13 4.76
N ALA B 344 -15.52 9.07 5.69
CA ALA B 344 -16.95 9.33 5.42
C ALA B 344 -17.65 8.82 6.67
N LEU B 345 -18.05 7.55 6.68
CA LEU B 345 -18.61 6.93 7.91
C LEU B 345 -19.03 5.50 7.57
N VAL B 346 -18.09 4.57 7.46
CA VAL B 346 -18.49 3.22 7.08
C VAL B 346 -19.67 2.79 7.93
N HIS B 347 -20.73 2.31 7.28
CA HIS B 347 -21.96 1.98 7.98
C HIS B 347 -22.63 0.78 7.33
N THR B 348 -23.65 0.27 7.99
CA THR B 348 -24.49 -0.79 7.47
C THR B 348 -25.92 -0.55 7.94
N HIS B 349 -26.87 -1.19 7.27
CA HIS B 349 -28.27 -0.94 7.54
C HIS B 349 -28.95 -2.17 8.12
N PRO B 350 -30.07 -1.97 8.81
CA PRO B 350 -30.75 -3.11 9.46
C PRO B 350 -31.28 -4.15 8.50
N SER B 351 -31.06 -4.01 7.19
CA SER B 351 -31.51 -5.01 6.23
C SER B 351 -30.37 -5.74 5.53
N GLU B 352 -29.17 -5.20 5.53
CA GLU B 352 -28.05 -5.87 4.89
C GLU B 352 -27.80 -7.22 5.52
N THR B 353 -26.96 -8.01 4.87
CA THR B 353 -26.66 -9.37 5.30
C THR B 353 -25.44 -9.39 6.19
N VAL B 354 -25.47 -10.27 7.20
CA VAL B 354 -24.32 -10.42 8.10
C VAL B 354 -23.05 -10.59 7.28
N ARG B 355 -23.13 -11.36 6.20
CA ARG B 355 -21.96 -11.51 5.34
C ARG B 355 -21.51 -10.17 4.79
N ASP B 356 -22.46 -9.32 4.40
CA ASP B 356 -22.11 -8.01 3.86
C ASP B 356 -21.53 -7.10 4.94
N ALA B 357 -22.03 -7.20 6.17
CA ALA B 357 -21.44 -6.41 7.26
C ALA B 357 -20.00 -6.83 7.52
N ILE B 358 -19.76 -8.14 7.59
CA ILE B 358 -18.39 -8.62 7.74
C ILE B 358 -17.54 -8.15 6.57
N GLY B 359 -18.12 -8.14 5.37
CA GLY B 359 -17.41 -7.68 4.20
C GLY B 359 -16.98 -6.23 4.31
N ILE B 360 -17.87 -5.34 4.70
CA ILE B 360 -17.50 -3.94 4.85
C ILE B 360 -16.43 -3.79 5.93
N LEU B 361 -16.62 -4.48 7.06
CA LEU B 361 -15.63 -4.42 8.13
C LEU B 361 -14.25 -4.82 7.63
N ARG B 362 -14.16 -5.96 6.93
CA ARG B 362 -12.87 -6.40 6.41
C ARG B 362 -12.32 -5.41 5.40
N GLU B 363 -13.17 -4.89 4.52
CA GLU B 363 -12.70 -4.08 3.41
C GLU B 363 -12.18 -2.72 3.84
N TYR B 364 -12.72 -2.16 4.93
CA TYR B 364 -12.30 -0.85 5.37
C TYR B 364 -11.39 -0.88 6.59
N GLY B 365 -11.00 -2.07 7.06
CA GLY B 365 -10.05 -2.18 8.14
C GLY B 365 -10.65 -1.91 9.51
N VAL B 366 -11.67 -1.06 9.57
CA VAL B 366 -12.29 -0.72 10.84
C VAL B 366 -12.85 -1.98 11.50
N SER B 367 -13.01 -1.91 12.83
CA SER B 367 -13.51 -3.04 13.60
C SER B 367 -14.85 -2.79 14.25
N GLN B 368 -15.47 -1.63 14.04
CA GLN B 368 -16.79 -1.35 14.56
C GLN B 368 -17.53 -0.44 13.59
N MET B 369 -18.85 -0.58 13.53
CA MET B 369 -19.58 0.20 12.57
C MET B 369 -21.01 0.43 13.03
N PRO B 370 -21.51 1.66 12.96
CA PRO B 370 -22.89 1.94 13.39
C PRO B 370 -23.88 1.61 12.28
N VAL B 371 -24.79 0.68 12.57
CA VAL B 371 -25.90 0.41 11.65
C VAL B 371 -26.88 1.57 11.74
N VAL B 372 -27.05 2.29 10.64
CA VAL B 372 -27.82 3.52 10.57
C VAL B 372 -28.91 3.36 9.52
N GLY B 373 -30.09 3.86 9.83
CA GLY B 373 -31.26 3.61 9.00
C GLY B 373 -31.37 4.44 7.73
N ALA B 374 -30.26 4.98 7.25
CA ALA B 374 -30.27 5.74 6.00
C ALA B 374 -28.85 5.81 5.46
N GLU B 375 -28.63 5.21 4.28
CA GLU B 375 -27.31 5.26 3.67
C GLU B 375 -26.75 6.67 3.60
N PRO B 376 -27.55 7.70 3.31
CA PRO B 376 -27.06 9.07 3.46
C PRO B 376 -26.42 9.27 4.83
N PRO B 377 -25.12 9.52 4.87
CA PRO B 377 -24.45 9.73 6.16
C PRO B 377 -24.77 11.08 6.79
N VAL B 378 -26.04 11.28 7.11
CA VAL B 378 -26.48 12.54 7.71
C VAL B 378 -27.37 12.29 8.92
N MET B 379 -27.36 11.06 9.44
CA MET B 379 -28.24 10.71 10.54
C MET B 379 -27.99 11.61 11.74
N ALA B 380 -29.07 11.98 12.42
CA ALA B 380 -29.01 12.84 13.61
C ALA B 380 -29.08 11.97 14.87
N GLY B 381 -27.97 11.31 15.16
CA GLY B 381 -27.86 10.53 16.39
C GLY B 381 -28.93 9.49 16.58
N GLU B 382 -29.53 9.01 15.49
CA GLU B 382 -30.56 7.98 15.57
C GLU B 382 -30.13 6.69 14.87
N VAL B 383 -28.85 6.35 15.01
CA VAL B 383 -28.33 5.11 14.44
C VAL B 383 -29.01 3.93 15.12
N ALA B 384 -29.44 2.96 14.31
CA ALA B 384 -30.23 1.85 14.84
C ALA B 384 -29.43 0.96 15.78
N GLY B 385 -28.15 0.73 15.49
CA GLY B 385 -27.38 -0.14 16.34
C GLY B 385 -25.90 -0.06 16.05
N SER B 386 -25.15 -1.01 16.59
CA SER B 386 -23.73 -1.10 16.34
C SER B 386 -23.35 -2.56 16.07
N VAL B 387 -22.50 -2.76 15.07
CA VAL B 387 -22.00 -4.07 14.70
C VAL B 387 -20.49 -4.09 14.92
N SER B 388 -20.02 -5.08 15.66
CA SER B 388 -18.61 -5.23 15.97
C SER B 388 -18.10 -6.52 15.32
N GLU B 389 -17.05 -6.40 14.50
CA GLU B 389 -16.58 -7.53 13.72
C GLU B 389 -16.37 -8.76 14.59
N ARG B 390 -15.78 -8.58 15.78
CA ARG B 390 -15.58 -9.70 16.68
C ARG B 390 -16.90 -10.38 17.01
N GLU B 391 -17.91 -9.58 17.39
CA GLU B 391 -19.20 -10.16 17.78
C GLU B 391 -19.83 -10.91 16.62
N LEU B 392 -19.78 -10.33 15.42
CA LEU B 392 -20.30 -11.02 14.25
C LEU B 392 -19.61 -12.35 14.05
N LEU B 393 -18.28 -12.32 13.87
CA LEU B 393 -17.54 -13.56 13.65
C LEU B 393 -17.85 -14.59 14.70
N SER B 394 -18.04 -14.16 15.96
CA SER B 394 -18.42 -15.11 17.01
C SER B 394 -19.78 -15.71 16.74
N ALA B 395 -20.78 -14.87 16.46
CA ALA B 395 -22.12 -15.38 16.22
C ALA B 395 -22.23 -16.15 14.92
N VAL B 396 -21.22 -16.06 14.05
CA VAL B 396 -21.22 -16.75 12.78
C VAL B 396 -20.52 -18.10 12.86
N PHE B 397 -19.45 -18.19 13.65
CA PHE B 397 -18.75 -19.44 13.83
C PHE B 397 -19.31 -20.28 14.97
N GLU B 398 -20.30 -19.77 15.69
CA GLU B 398 -20.99 -20.55 16.72
C GLU B 398 -22.43 -20.88 16.34
N GLY B 399 -22.73 -20.88 15.04
CA GLY B 399 -24.02 -21.30 14.57
C GLY B 399 -25.18 -20.46 15.03
N ARG B 400 -24.92 -19.39 15.77
CA ARG B 400 -25.97 -18.53 16.28
C ARG B 400 -26.46 -17.52 15.25
N ALA B 401 -25.86 -17.50 14.06
CA ALA B 401 -26.31 -16.58 13.00
C ALA B 401 -25.80 -17.10 11.66
N LYS B 402 -26.72 -17.45 10.78
CA LYS B 402 -26.33 -17.83 9.43
C LYS B 402 -25.68 -16.64 8.74
N LEU B 403 -24.74 -16.93 7.84
CA LEU B 403 -24.09 -15.86 7.08
C LEU B 403 -25.10 -14.97 6.38
N ALA B 404 -26.22 -15.55 5.94
CA ALA B 404 -27.21 -14.82 5.16
C ALA B 404 -28.25 -14.11 6.00
N ASP B 405 -28.32 -14.40 7.29
CA ASP B 405 -29.34 -13.78 8.13
C ASP B 405 -29.19 -12.27 8.12
N ALA B 406 -30.32 -11.58 8.26
CA ALA B 406 -30.30 -10.13 8.30
C ALA B 406 -29.52 -9.65 9.52
N VAL B 407 -28.80 -8.54 9.35
CA VAL B 407 -27.95 -8.05 10.42
C VAL B 407 -28.79 -7.56 11.60
N SER B 408 -30.03 -7.16 11.36
CA SER B 408 -30.83 -6.57 12.44
C SER B 408 -31.10 -7.55 13.56
N ALA B 409 -30.91 -8.84 13.33
CA ALA B 409 -31.15 -9.85 14.36
C ALA B 409 -29.91 -10.16 15.20
N HIS B 410 -28.76 -9.57 14.88
CA HIS B 410 -27.53 -9.87 15.60
C HIS B 410 -26.70 -8.62 15.84
N MET B 411 -27.34 -7.45 15.95
CA MET B 411 -26.65 -6.20 16.17
C MET B 411 -26.74 -5.80 17.64
N SER B 412 -25.63 -5.34 18.20
CA SER B 412 -25.56 -4.99 19.61
C SER B 412 -26.12 -3.58 19.82
N PRO B 413 -26.30 -3.19 21.09
CA PRO B 413 -26.82 -1.85 21.38
C PRO B 413 -25.89 -0.78 20.86
N PRO B 414 -26.39 0.43 20.63
CA PRO B 414 -25.53 1.49 20.12
C PRO B 414 -24.38 1.79 21.06
N LEU B 415 -23.29 2.29 20.49
CA LEU B 415 -22.12 2.67 21.27
C LEU B 415 -22.19 4.14 21.61
N ARG B 416 -21.74 4.48 22.82
CA ARG B 416 -21.89 5.82 23.34
C ARG B 416 -21.21 6.84 22.43
N MET B 417 -21.49 8.12 22.68
CA MET B 417 -21.02 9.20 21.83
C MET B 417 -20.21 10.20 22.63
N ILE B 418 -19.24 10.81 21.96
CA ILE B 418 -18.46 11.91 22.52
C ILE B 418 -18.28 12.96 21.43
N GLY B 419 -18.18 14.22 21.85
CA GLY B 419 -18.02 15.30 20.89
C GLY B 419 -16.75 15.15 20.09
N ALA B 420 -16.70 15.89 18.97
CA ALA B 420 -15.54 15.88 18.10
C ALA B 420 -14.56 17.00 18.40
N GLY B 421 -14.98 18.04 19.12
CA GLY B 421 -14.11 19.13 19.46
C GLY B 421 -13.60 19.05 20.89
N GLU B 422 -13.59 17.84 21.45
CA GLU B 422 -13.16 17.62 22.82
C GLU B 422 -11.74 17.07 22.85
N LEU B 423 -11.02 17.39 23.91
CA LEU B 423 -9.59 17.08 23.99
C LEU B 423 -9.38 15.57 24.13
N VAL B 424 -8.22 15.12 23.64
CA VAL B 424 -7.89 13.70 23.62
C VAL B 424 -7.85 13.14 25.04
N SER B 425 -7.51 13.96 26.03
CA SER B 425 -7.53 13.47 27.41
C SER B 425 -8.93 13.05 27.81
N ALA B 426 -9.94 13.82 27.40
CA ALA B 426 -11.32 13.43 27.64
C ALA B 426 -11.64 12.11 26.94
N ALA B 427 -11.11 11.93 25.73
CA ALA B 427 -11.33 10.67 25.01
C ALA B 427 -10.73 9.50 25.78
N GLY B 428 -9.54 9.67 26.34
CA GLY B 428 -8.97 8.62 27.16
C GLY B 428 -9.82 8.34 28.38
N LYS B 429 -10.25 9.39 29.08
CA LYS B 429 -11.09 9.22 30.25
C LYS B 429 -12.36 8.44 29.89
N ALA B 430 -12.94 8.73 28.73
CA ALA B 430 -14.16 8.05 28.31
C ALA B 430 -13.87 6.59 27.95
N LEU B 431 -12.97 6.36 27.00
CA LEU B 431 -12.65 5.00 26.61
C LEU B 431 -12.16 4.15 27.77
N ARG B 432 -11.81 4.77 28.90
CA ARG B 432 -11.44 3.99 30.07
C ARG B 432 -12.54 3.03 30.52
N ASP B 433 -13.77 3.19 30.02
CA ASP B 433 -14.88 2.38 30.50
C ASP B 433 -15.59 1.59 29.40
N TRP B 434 -15.48 1.99 28.13
CA TRP B 434 -16.10 1.26 27.05
C TRP B 434 -15.02 0.77 26.07
N ASP B 435 -15.46 0.15 24.99
CA ASP B 435 -14.54 -0.41 24.01
C ASP B 435 -14.25 0.53 22.85
N ALA B 436 -15.21 1.38 22.49
CA ALA B 436 -15.03 2.37 21.44
C ALA B 436 -16.30 3.21 21.39
N LEU B 437 -16.19 4.42 20.84
CA LEU B 437 -17.34 5.30 20.85
C LEU B 437 -17.32 6.20 19.63
N MET B 438 -18.50 6.55 19.14
CA MET B 438 -18.64 7.35 17.93
C MET B 438 -18.63 8.83 18.28
N VAL B 439 -17.95 9.61 17.45
CA VAL B 439 -17.79 11.04 17.67
C VAL B 439 -18.90 11.76 16.91
N VAL B 440 -19.86 12.32 17.65
CA VAL B 440 -20.99 13.02 17.07
C VAL B 440 -20.58 14.49 16.90
N GLU B 441 -20.26 14.87 15.67
CA GLU B 441 -19.76 16.20 15.36
C GLU B 441 -20.93 17.10 14.98
N GLU B 442 -21.32 17.97 15.90
CA GLU B 442 -22.45 18.89 15.72
C GLU B 442 -23.67 18.17 15.16
N GLY B 443 -24.17 17.24 15.95
CA GLY B 443 -25.37 16.49 15.62
C GLY B 443 -25.17 15.16 14.92
N LYS B 444 -24.41 15.17 13.82
CA LYS B 444 -24.28 13.94 13.05
C LYS B 444 -23.03 13.17 13.46
N PRO B 445 -23.04 11.85 13.36
CA PRO B 445 -21.84 11.06 13.62
C PRO B 445 -20.87 11.13 12.45
N VAL B 446 -19.58 11.04 12.76
CA VAL B 446 -18.55 11.15 11.71
C VAL B 446 -17.51 10.05 11.85
N GLY B 447 -17.78 9.05 12.66
CA GLY B 447 -16.88 7.92 12.79
C GLY B 447 -16.88 7.39 14.20
N VAL B 448 -15.96 6.45 14.45
CA VAL B 448 -15.83 5.81 15.75
C VAL B 448 -14.36 5.80 16.13
N ILE B 449 -14.04 6.38 17.29
CA ILE B 449 -12.70 6.31 17.85
C ILE B 449 -12.65 5.15 18.83
N THR B 450 -11.58 4.36 18.75
CA THR B 450 -11.47 3.13 19.51
C THR B 450 -10.15 3.09 20.26
N ARG B 451 -10.11 2.32 21.34
CA ARG B 451 -8.92 2.25 22.18
C ARG B 451 -7.66 2.07 21.33
N TYR B 452 -7.70 1.12 20.41
CA TYR B 452 -6.53 0.85 19.57
C TYR B 452 -6.12 2.08 18.78
N ASP B 453 -7.11 2.80 18.24
CA ASP B 453 -6.81 3.99 17.44
C ASP B 453 -6.26 5.13 18.30
N LEU B 454 -6.86 5.36 19.48
CA LEU B 454 -6.36 6.43 20.33
C LEU B 454 -4.94 6.14 20.80
N LEU B 455 -4.68 4.91 21.23
CA LEU B 455 -3.35 4.55 21.70
C LEU B 455 -2.35 4.46 20.55
N GLY B 456 -2.83 4.31 19.32
CA GLY B 456 -1.93 4.40 18.19
C GLY B 456 -1.62 5.83 17.80
N PHE B 457 -2.57 6.74 18.02
CA PHE B 457 -2.31 8.14 17.74
C PHE B 457 -1.39 8.76 18.77
N LEU B 458 -1.59 8.45 20.05
CA LEU B 458 -0.73 9.02 21.08
C LEU B 458 0.73 8.71 20.82
N SER B 459 1.02 7.53 20.27
CA SER B 459 2.39 7.06 20.07
C SER B 459 3.04 7.63 18.82
N GLU B 460 2.39 8.54 18.11
CA GLU B 460 2.98 9.13 16.92
C GLU B 460 2.91 10.65 16.90
N GLY B 461 1.96 11.24 17.60
CA GLY B 461 1.81 12.69 17.62
C GLY B 461 1.58 13.26 19.00
N ILE C 4 33.46 25.51 43.05
CA ILE C 4 32.09 25.22 42.63
C ILE C 4 31.57 26.34 41.73
N ALA C 5 31.48 26.06 40.44
CA ALA C 5 30.95 27.04 39.50
C ALA C 5 29.55 27.46 39.93
N GLN C 6 29.16 28.67 39.54
CA GLN C 6 27.86 29.20 39.93
C GLN C 6 26.75 28.81 38.96
N HIS C 7 27.06 28.76 37.66
CA HIS C 7 26.13 28.33 36.64
C HIS C 7 26.88 27.46 35.65
N ILE C 8 26.14 26.71 34.84
CA ILE C 8 26.78 25.87 33.84
C ILE C 8 27.43 26.68 32.74
N SER C 9 27.04 27.93 32.56
CA SER C 9 27.62 28.79 31.53
C SER C 9 28.84 29.56 32.03
N GLU C 10 29.42 29.15 33.15
CA GLU C 10 30.68 29.71 33.60
C GLU C 10 31.88 28.90 33.15
N LEU C 11 31.66 27.65 32.72
CA LEU C 11 32.73 26.78 32.27
C LEU C 11 33.02 26.93 30.78
N ILE C 12 32.49 27.97 30.15
CA ILE C 12 32.66 28.19 28.71
C ILE C 12 34.02 28.86 28.50
N GLY C 13 35.01 28.09 28.08
CA GLY C 13 36.32 28.63 27.77
C GLY C 13 37.43 27.73 28.24
N GLY C 14 38.65 28.13 27.93
CA GLY C 14 39.83 27.36 28.32
C GLY C 14 39.82 25.94 27.80
N THR C 15 39.20 25.72 26.65
CA THR C 15 39.13 24.38 26.09
C THR C 15 40.53 23.87 25.76
N PRO C 16 40.79 22.58 25.94
CA PRO C 16 42.16 22.07 25.81
C PRO C 16 42.70 22.22 24.40
N LEU C 17 43.98 21.87 24.24
CA LEU C 17 44.68 21.98 22.96
C LEU C 17 45.45 20.68 22.74
N VAL C 18 44.81 19.72 22.12
CA VAL C 18 45.41 18.41 21.87
C VAL C 18 46.01 18.41 20.47
N ARG C 19 46.94 17.48 20.23
CA ARG C 19 47.66 17.40 18.97
C ARG C 19 47.25 16.17 18.19
N LEU C 20 47.27 16.28 16.87
CA LEU C 20 47.01 15.16 15.98
C LEU C 20 48.32 14.50 15.61
N ASN C 21 48.42 13.20 15.82
CA ASN C 21 49.68 12.49 15.63
C ASN C 21 49.61 11.31 14.68
N SER C 22 48.48 11.12 13.98
CA SER C 22 48.36 10.01 13.05
C SER C 22 47.82 10.41 11.68
N VAL C 23 47.26 11.60 11.53
CA VAL C 23 46.75 12.05 10.24
C VAL C 23 47.78 12.85 9.47
N VAL C 24 48.55 13.69 10.16
CA VAL C 24 49.60 14.46 9.48
C VAL C 24 50.70 13.51 9.02
N PRO C 25 51.24 13.66 7.81
CA PRO C 25 52.26 12.73 7.35
C PRO C 25 53.55 12.87 8.15
N ASP C 26 54.51 11.99 7.84
CA ASP C 26 55.80 12.04 8.50
C ASP C 26 56.67 13.12 7.87
N GLY C 27 57.57 13.69 8.67
CA GLY C 27 58.43 14.75 8.19
C GLY C 27 57.75 16.08 8.02
N ALA C 28 56.76 16.39 8.85
CA ALA C 28 56.04 17.65 8.79
C ALA C 28 55.93 18.23 10.20
N GLY C 29 55.62 19.52 10.26
CA GLY C 29 55.54 20.22 11.52
C GLY C 29 54.49 19.63 12.45
N THR C 30 54.36 20.23 13.62
CA THR C 30 53.39 19.78 14.61
C THR C 30 52.02 20.39 14.32
N VAL C 31 50.98 19.58 14.45
CA VAL C 31 49.61 20.02 14.26
C VAL C 31 48.88 19.84 15.59
N ALA C 32 48.58 20.95 16.25
CA ALA C 32 47.81 20.95 17.48
C ALA C 32 46.37 21.34 17.12
N ALA C 33 45.42 20.48 17.46
CA ALA C 33 44.01 20.73 17.16
C ALA C 33 43.33 21.22 18.42
N LYS C 34 42.97 22.49 18.46
CA LYS C 34 42.33 23.06 19.64
C LYS C 34 40.90 22.55 19.72
N VAL C 35 40.76 21.34 20.26
CA VAL C 35 39.44 20.72 20.44
C VAL C 35 38.55 21.71 21.16
N GLU C 36 37.44 22.09 20.53
CA GLU C 36 36.56 23.10 21.08
C GLU C 36 35.13 22.60 21.27
N TYR C 37 34.90 21.30 21.20
CA TYR C 37 33.58 20.74 21.45
C TYR C 37 33.40 20.32 22.89
N LEU C 38 34.33 20.67 23.78
CA LEU C 38 34.21 20.39 25.20
C LEU C 38 33.52 21.50 25.96
N ASN C 39 33.11 22.57 25.30
CA ASN C 39 32.36 23.61 25.97
C ASN C 39 31.03 23.04 26.45
N PRO C 40 30.47 23.58 27.52
CA PRO C 40 29.19 23.06 28.01
C PRO C 40 28.08 23.10 26.97
N GLY C 41 28.11 24.09 26.08
CA GLY C 41 27.12 24.18 25.03
C GLY C 41 27.36 23.31 23.81
N GLY C 42 28.47 22.58 23.79
CA GLY C 42 28.75 21.65 22.72
C GLY C 42 29.62 22.17 21.60
N SER C 43 29.53 23.44 21.25
CA SER C 43 30.27 23.99 20.12
C SER C 43 31.12 25.16 20.57
N SER C 44 31.77 25.80 19.59
CA SER C 44 32.58 26.99 19.85
C SER C 44 31.73 28.25 19.98
N LYS C 45 30.52 28.24 19.44
CA LYS C 45 29.71 29.45 19.43
C LYS C 45 29.43 29.96 20.82
N ASP C 46 29.53 29.10 21.84
CA ASP C 46 29.32 29.55 23.20
C ASP C 46 30.15 30.78 23.50
N ARG C 47 31.42 30.78 23.11
CA ARG C 47 32.27 31.93 23.38
C ARG C 47 31.55 33.22 22.97
N ILE C 48 31.25 33.36 21.67
CA ILE C 48 30.61 34.59 21.21
C ILE C 48 29.34 34.83 21.99
N ALA C 49 28.51 33.80 22.14
CA ALA C 49 27.25 33.93 22.86
C ALA C 49 27.45 34.73 24.13
N VAL C 50 28.29 34.21 25.03
CA VAL C 50 28.49 34.89 26.31
C VAL C 50 28.75 36.36 26.06
N LYS C 51 29.80 36.65 25.29
CA LYS C 51 30.18 38.04 25.06
C LYS C 51 28.98 38.85 24.60
N MET C 52 28.27 38.36 23.59
CA MET C 52 27.15 39.13 23.05
C MET C 52 26.18 39.48 24.16
N ILE C 53 25.78 38.49 24.95
CA ILE C 53 24.80 38.77 26.01
C ILE C 53 25.33 39.85 26.93
N GLU C 54 26.60 39.75 27.30
CA GLU C 54 27.19 40.76 28.19
C GLU C 54 26.96 42.16 27.63
N ALA C 55 27.19 42.34 26.33
CA ALA C 55 26.99 43.66 25.73
C ALA C 55 25.57 44.15 25.99
N ALA C 56 24.58 43.30 25.72
CA ALA C 56 23.19 43.72 25.87
C ALA C 56 22.87 44.12 27.30
N GLU C 57 23.70 43.71 28.26
CA GLU C 57 23.51 44.12 29.65
C GLU C 57 24.30 45.37 30.01
N ALA C 58 25.45 45.58 29.39
CA ALA C 58 26.23 46.78 29.68
C ALA C 58 25.70 47.97 28.88
N SER C 59 25.50 47.78 27.59
CA SER C 59 24.92 48.81 26.73
C SER C 59 23.47 49.10 27.05
N GLY C 60 22.87 48.38 28.00
CA GLY C 60 21.49 48.63 28.34
C GLY C 60 20.52 48.42 27.19
N GLN C 61 20.95 47.71 26.14
CA GLN C 61 20.13 47.51 24.96
C GLN C 61 19.21 46.32 25.08
N LEU C 62 19.29 45.55 26.17
CA LEU C 62 18.41 44.40 26.42
C LEU C 62 17.88 44.53 27.84
N LYS C 63 16.73 45.19 27.96
CA LYS C 63 16.15 45.43 29.27
C LYS C 63 15.80 44.10 29.93
N PRO C 64 15.96 43.99 31.25
CA PRO C 64 15.67 42.72 31.92
C PRO C 64 14.25 42.26 31.65
N GLY C 65 14.08 40.95 31.47
CA GLY C 65 12.82 40.38 31.08
C GLY C 65 12.56 40.41 29.59
N GLY C 66 13.47 40.97 28.80
CA GLY C 66 13.28 41.03 27.37
C GLY C 66 13.52 39.69 26.71
N THR C 67 13.07 39.61 25.46
CA THR C 67 13.17 38.37 24.68
C THR C 67 14.28 38.51 23.64
N ILE C 68 15.01 37.41 23.44
CA ILE C 68 16.05 37.35 22.42
C ILE C 68 15.46 36.71 21.17
N VAL C 69 15.50 37.43 20.06
CA VAL C 69 15.03 36.94 18.78
C VAL C 69 16.25 36.74 17.88
N GLU C 70 16.25 35.65 17.13
CA GLU C 70 17.42 35.35 16.33
C GLU C 70 17.10 34.31 15.26
N PRO C 71 17.44 34.57 14.00
CA PRO C 71 17.39 33.51 12.99
C PRO C 71 18.55 32.57 13.18
N THR C 72 18.28 31.40 13.74
CA THR C 72 19.35 30.55 14.22
C THR C 72 19.91 29.66 13.13
N SER C 73 21.09 29.11 13.38
CA SER C 73 21.68 28.08 12.54
C SER C 73 21.61 26.70 13.17
N GLY C 74 21.70 26.61 14.49
CA GLY C 74 21.68 25.32 15.16
C GLY C 74 22.70 25.23 16.28
N ASN C 75 23.81 25.94 16.13
CA ASN C 75 24.82 26.01 17.19
C ASN C 75 24.75 27.29 17.98
N THR C 76 24.63 28.44 17.32
CA THR C 76 24.47 29.69 18.05
C THR C 76 23.23 29.65 18.92
N GLY C 77 22.19 28.97 18.46
CA GLY C 77 20.99 28.81 19.29
C GLY C 77 21.28 28.08 20.58
N VAL C 78 22.11 27.03 20.53
CA VAL C 78 22.41 26.26 21.72
C VAL C 78 23.07 27.15 22.78
N GLY C 79 24.12 27.88 22.38
CA GLY C 79 24.80 28.75 23.33
C GLY C 79 23.93 29.88 23.83
N LEU C 80 23.19 30.52 22.92
CA LEU C 80 22.32 31.61 23.32
C LEU C 80 21.28 31.14 24.34
N ALA C 81 20.68 29.97 24.10
CA ALA C 81 19.74 29.43 25.06
C ALA C 81 20.43 29.11 26.38
N LEU C 82 21.59 28.44 26.30
CA LEU C 82 22.30 28.03 27.50
C LEU C 82 22.63 29.20 28.40
N VAL C 83 22.86 30.38 27.83
CA VAL C 83 23.23 31.54 28.64
C VAL C 83 22.02 32.38 29.03
N ALA C 84 21.18 32.73 28.06
CA ALA C 84 19.98 33.49 28.38
C ALA C 84 19.09 32.76 29.35
N GLN C 85 19.23 31.44 29.47
CA GLN C 85 18.51 30.71 30.50
C GLN C 85 19.12 30.94 31.88
N ARG C 86 20.42 31.22 31.95
CA ARG C 86 21.00 31.63 33.23
C ARG C 86 20.48 33.01 33.64
N ARG C 87 20.51 33.96 32.71
CA ARG C 87 19.99 35.28 33.06
C ARG C 87 18.48 35.26 33.27
N GLY C 88 17.77 34.41 32.53
CA GLY C 88 16.34 34.35 32.60
C GLY C 88 15.61 35.06 31.48
N TYR C 89 16.26 35.30 30.36
CA TYR C 89 15.65 36.02 29.24
C TYR C 89 14.96 35.02 28.32
N LYS C 90 13.67 35.23 28.09
CA LYS C 90 12.94 34.37 27.16
C LYS C 90 13.59 34.46 25.78
N CYS C 91 13.81 33.30 25.17
CA CYS C 91 14.50 33.21 23.90
C CYS C 91 13.58 32.59 22.86
N VAL C 92 13.49 33.22 21.68
CA VAL C 92 12.63 32.76 20.61
C VAL C 92 13.42 32.79 19.31
N PHE C 93 13.54 31.64 18.65
CA PHE C 93 14.27 31.52 17.39
C PHE C 93 13.29 31.40 16.23
N VAL C 94 13.81 31.66 15.03
CA VAL C 94 13.06 31.47 13.80
C VAL C 94 13.93 30.66 12.85
N CYS C 95 13.59 29.40 12.65
CA CYS C 95 14.53 28.48 12.02
C CYS C 95 14.02 28.04 10.66
N PRO C 96 14.92 27.88 9.68
CA PRO C 96 14.53 27.29 8.40
C PRO C 96 14.19 25.82 8.57
N ASP C 97 13.15 25.38 7.85
CA ASP C 97 12.74 23.98 7.93
C ASP C 97 13.83 23.03 7.48
N LYS C 98 14.94 23.54 6.92
CA LYS C 98 16.03 22.67 6.52
C LYS C 98 16.66 21.97 7.71
N VAL C 99 16.52 22.52 8.91
CA VAL C 99 17.11 21.91 10.10
C VAL C 99 16.30 20.68 10.51
N SER C 100 17.01 19.63 10.91
CA SER C 100 16.36 18.37 11.25
C SER C 100 15.52 18.51 12.51
N GLU C 101 14.84 17.44 12.89
CA GLU C 101 14.00 17.47 14.08
C GLU C 101 14.83 17.40 15.35
N ASP C 102 15.92 16.63 15.34
CA ASP C 102 16.74 16.51 16.54
C ASP C 102 17.38 17.84 16.91
N LYS C 103 17.87 18.59 15.93
CA LYS C 103 18.55 19.84 16.23
C LYS C 103 17.62 20.83 16.92
N ARG C 104 16.47 21.13 16.31
CA ARG C 104 15.56 22.08 16.93
C ARG C 104 14.88 21.48 18.16
N ASN C 105 14.81 20.16 18.26
CA ASN C 105 14.32 19.55 19.49
C ASN C 105 15.26 19.83 20.65
N VAL C 106 16.57 19.72 20.41
CA VAL C 106 17.54 20.18 21.39
C VAL C 106 17.34 21.65 21.69
N LEU C 107 17.23 22.45 20.63
CA LEU C 107 17.06 23.90 20.79
C LEU C 107 15.86 24.24 21.67
N ILE C 108 14.83 23.40 21.63
CA ILE C 108 13.67 23.59 22.49
C ILE C 108 13.97 23.11 23.91
N ALA C 109 14.59 21.94 24.05
CA ALA C 109 14.80 21.36 25.36
C ALA C 109 15.51 22.34 26.29
N TYR C 110 16.34 23.20 25.74
CA TYR C 110 17.02 24.22 26.54
C TYR C 110 16.09 25.35 26.96
N GLY C 111 14.84 25.34 26.51
CA GLY C 111 13.90 26.38 26.87
C GLY C 111 13.77 27.49 25.85
N ALA C 112 13.98 27.18 24.58
CA ALA C 112 13.87 28.16 23.51
C ALA C 112 12.61 27.90 22.70
N GLU C 113 11.95 28.96 22.28
CA GLU C 113 10.74 28.86 21.47
C GLU C 113 11.13 29.01 20.01
N VAL C 114 10.99 27.93 19.24
CA VAL C 114 11.40 27.89 17.85
C VAL C 114 10.15 27.94 16.98
N VAL C 115 10.04 29.01 16.19
CA VAL C 115 8.96 29.16 15.22
C VAL C 115 9.57 28.95 13.83
N VAL C 116 9.04 27.97 13.11
CA VAL C 116 9.62 27.56 11.84
C VAL C 116 8.91 28.27 10.69
N CYS C 117 9.66 28.51 9.63
CA CYS C 117 9.15 29.12 8.40
C CYS C 117 9.72 28.36 7.21
N PRO C 118 9.05 28.40 6.07
CA PRO C 118 9.56 27.72 4.88
C PRO C 118 10.92 28.26 4.48
N THR C 119 11.65 27.46 3.69
CA THR C 119 13.01 27.77 3.29
C THR C 119 13.12 27.77 1.77
N ALA C 120 14.31 28.11 1.28
CA ALA C 120 14.62 28.15 -0.14
C ALA C 120 13.98 29.37 -0.80
N VAL C 121 13.17 30.12 -0.06
CA VAL C 121 12.57 31.36 -0.55
C VAL C 121 13.62 32.45 -0.41
N PRO C 122 13.58 33.52 -1.21
CA PRO C 122 14.59 34.57 -1.11
C PRO C 122 14.65 35.14 0.30
N PRO C 123 15.85 35.47 0.78
CA PRO C 123 15.96 35.98 2.15
C PRO C 123 15.24 37.29 2.39
N HIS C 124 15.09 38.10 1.35
CA HIS C 124 14.54 39.45 1.48
C HIS C 124 13.02 39.50 1.41
N ASP C 125 12.34 38.37 1.25
CA ASP C 125 10.90 38.34 1.16
C ASP C 125 10.27 37.90 2.48
N PRO C 126 8.95 38.07 2.63
CA PRO C 126 8.30 37.77 3.91
C PRO C 126 8.28 36.29 4.27
N ALA C 127 8.70 35.40 3.37
CA ALA C 127 8.68 33.98 3.65
C ALA C 127 9.94 33.50 4.34
N SER C 128 11.11 33.93 3.86
CA SER C 128 12.37 33.55 4.49
C SER C 128 12.42 34.06 5.93
N TYR C 129 13.32 33.49 6.72
CA TYR C 129 13.29 33.75 8.15
C TYR C 129 13.92 35.08 8.55
N TYR C 130 14.65 35.75 7.64
CA TYR C 130 15.19 37.07 7.98
C TYR C 130 14.07 38.09 8.19
N SER C 131 13.16 38.17 7.21
CA SER C 131 12.06 39.13 7.33
C SER C 131 11.15 38.79 8.50
N VAL C 132 10.89 37.51 8.74
CA VAL C 132 10.04 37.13 9.86
C VAL C 132 10.73 37.45 11.19
N SER C 133 12.05 37.28 11.24
CA SER C 133 12.79 37.67 12.44
C SER C 133 12.66 39.17 12.68
N ASP C 134 12.77 39.96 11.62
CA ASP C 134 12.57 41.41 11.77
C ASP C 134 11.16 41.73 12.25
N ARG C 135 10.16 41.04 11.71
CA ARG C 135 8.79 41.27 12.13
C ARG C 135 8.60 40.93 13.60
N LEU C 136 9.19 39.82 14.05
CA LEU C 136 9.14 39.49 15.48
C LEU C 136 9.84 40.56 16.31
N VAL C 137 10.97 41.06 15.83
CA VAL C 137 11.65 42.14 16.54
C VAL C 137 10.72 43.34 16.70
N ARG C 138 9.95 43.64 15.66
CA ARG C 138 9.01 44.75 15.75
C ARG C 138 7.91 44.47 16.75
N ASP C 139 7.18 43.36 16.57
CA ASP C 139 6.01 43.10 17.41
C ASP C 139 6.38 42.98 18.88
N ILE C 140 7.19 41.98 19.23
CA ILE C 140 7.52 41.75 20.62
C ILE C 140 8.17 43.00 21.20
N ASP C 141 8.08 43.13 22.53
CA ASP C 141 8.70 44.24 23.24
C ASP C 141 10.01 43.80 23.86
N GLY C 142 10.93 44.75 24.00
CA GLY C 142 12.23 44.45 24.58
C GLY C 142 13.04 43.46 23.76
N ALA C 143 12.67 43.27 22.49
CA ALA C 143 13.41 42.34 21.64
C ALA C 143 14.82 42.85 21.39
N TRP C 144 15.72 41.91 21.13
CA TRP C 144 17.12 42.26 20.85
C TRP C 144 17.68 41.21 19.89
N LYS C 145 17.66 41.54 18.60
CA LYS C 145 18.19 40.64 17.58
C LYS C 145 19.71 40.71 17.62
N PRO C 146 20.40 39.71 18.18
CA PRO C 146 21.86 39.81 18.30
C PRO C 146 22.57 40.00 16.99
N ASP C 147 22.03 39.46 15.89
CA ASP C 147 22.58 39.67 14.56
C ASP C 147 24.05 39.23 14.50
N GLN C 148 24.22 37.91 14.68
CA GLN C 148 25.55 37.33 14.77
C GLN C 148 26.42 37.60 13.56
N TYR C 149 25.86 38.16 12.49
CA TYR C 149 26.61 38.40 11.26
C TYR C 149 27.17 39.80 11.14
N ALA C 150 26.63 40.76 11.87
CA ALA C 150 27.11 42.15 11.83
C ALA C 150 27.28 42.69 13.24
N ASN C 151 27.89 41.90 14.10
CA ASN C 151 28.05 42.25 15.51
C ASN C 151 29.53 42.24 15.86
N PRO C 152 30.14 43.41 16.12
CA PRO C 152 31.57 43.41 16.46
C PRO C 152 31.90 42.58 17.69
N GLU C 153 30.97 42.50 18.63
CA GLU C 153 31.23 41.71 19.83
C GLU C 153 31.53 40.26 19.49
N GLY C 154 30.97 39.76 18.39
CA GLY C 154 31.27 38.42 17.94
C GLY C 154 32.75 38.16 17.84
N PRO C 155 33.41 38.83 16.89
CA PRO C 155 34.87 38.68 16.79
C PRO C 155 35.63 39.18 17.99
N ALA C 156 35.11 40.19 18.70
CA ALA C 156 35.81 40.68 19.88
C ALA C 156 35.92 39.60 20.94
N SER C 157 34.89 38.77 21.08
CA SER C 157 34.92 37.71 22.09
C SER C 157 36.05 36.72 21.80
N HIS C 158 36.22 36.33 20.55
CA HIS C 158 37.34 35.47 20.20
C HIS C 158 38.66 36.19 20.36
N TYR C 159 38.69 37.49 20.09
CA TYR C 159 39.90 38.27 20.31
C TYR C 159 40.30 38.25 21.78
N VAL C 160 39.31 38.19 22.67
CA VAL C 160 39.60 38.24 24.11
C VAL C 160 39.93 36.86 24.66
N THR C 161 39.20 35.82 24.24
CA THR C 161 39.26 34.53 24.91
C THR C 161 39.47 33.36 23.96
N THR C 162 40.05 33.59 22.78
CA THR C 162 40.45 32.49 21.91
C THR C 162 41.87 32.62 21.42
N GLY C 163 42.38 33.85 21.30
CA GLY C 163 43.76 34.08 20.98
C GLY C 163 44.65 33.85 22.17
N PRO C 164 44.29 34.43 23.32
CA PRO C 164 45.09 34.21 24.53
C PRO C 164 45.28 32.73 24.86
N GLU C 165 44.24 31.91 24.70
CA GLU C 165 44.40 30.48 24.92
C GLU C 165 45.39 29.89 23.92
N ILE C 166 45.23 30.24 22.64
CA ILE C 166 46.14 29.72 21.62
C ILE C 166 47.57 30.18 21.89
N TRP C 167 47.72 31.42 22.35
CA TRP C 167 49.06 31.97 22.56
C TRP C 167 49.70 31.45 23.84
N ALA C 168 48.90 31.04 24.83
CA ALA C 168 49.44 30.61 26.11
C ALA C 168 49.66 29.10 26.15
N ASP C 169 48.74 28.31 25.61
CA ASP C 169 48.90 26.87 25.62
C ASP C 169 50.14 26.42 24.84
N THR C 170 50.64 27.26 23.94
CA THR C 170 51.83 26.94 23.16
C THR C 170 53.04 27.77 23.57
N GLU C 171 52.88 28.73 24.48
CA GLU C 171 53.98 29.54 24.97
C GLU C 171 54.57 30.41 23.86
N GLY C 172 53.70 31.19 23.23
CA GLY C 172 54.13 32.16 22.25
C GLY C 172 54.87 31.59 21.05
N LYS C 173 54.69 30.30 20.78
CA LYS C 173 55.40 29.60 19.71
C LYS C 173 54.36 28.93 18.82
N VAL C 174 53.84 29.67 17.85
CA VAL C 174 52.86 29.15 16.90
C VAL C 174 53.15 29.78 15.54
N THR C 175 53.55 28.95 14.58
CA THR C 175 53.89 29.47 13.26
C THR C 175 52.65 29.90 12.48
N HIS C 176 51.59 29.09 12.52
CA HIS C 176 50.37 29.37 11.78
C HIS C 176 49.15 29.18 12.67
N PHE C 177 48.00 29.58 12.15
CA PHE C 177 46.72 29.36 12.82
C PHE C 177 45.65 29.22 11.74
N VAL C 178 45.34 27.99 11.37
CA VAL C 178 44.32 27.72 10.37
C VAL C 178 43.00 27.48 11.07
N ALA C 179 41.93 28.02 10.51
CA ALA C 179 40.62 27.92 11.14
C ALA C 179 39.53 28.11 10.10
N GLY C 180 38.48 27.30 10.20
CA GLY C 180 37.37 27.43 9.28
C GLY C 180 36.75 28.82 9.33
N ILE C 181 36.49 29.38 8.16
CA ILE C 181 35.96 30.74 8.04
C ILE C 181 34.54 30.62 7.51
N GLY C 182 33.56 30.73 8.41
CA GLY C 182 32.17 30.69 8.04
C GLY C 182 31.56 32.08 8.02
N THR C 183 30.82 32.42 9.08
CA THR C 183 30.28 33.77 9.22
C THR C 183 31.39 34.78 9.47
N GLY C 184 32.59 34.31 9.80
CA GLY C 184 33.71 35.21 10.00
C GLY C 184 33.81 35.89 11.34
N GLY C 185 33.96 35.08 12.40
CA GLY C 185 34.49 35.60 13.65
C GLY C 185 35.74 34.88 14.15
N THR C 186 35.85 33.56 13.93
CA THR C 186 36.95 32.85 14.58
C THR C 186 38.30 33.27 14.03
N ILE C 187 38.42 33.36 12.70
CA ILE C 187 39.67 33.76 12.09
C ILE C 187 39.99 35.22 12.35
N THR C 188 39.00 36.11 12.24
CA THR C 188 39.26 37.53 12.43
C THR C 188 39.71 37.80 13.86
N GLY C 189 38.87 37.48 14.84
CA GLY C 189 39.18 37.79 16.22
C GLY C 189 40.37 37.04 16.79
N ALA C 190 40.75 35.92 16.17
CA ALA C 190 41.92 35.19 16.62
C ALA C 190 43.20 35.65 15.94
N GLY C 191 43.19 35.75 14.61
CA GLY C 191 44.37 36.18 13.90
C GLY C 191 44.75 37.61 14.21
N ARG C 192 43.76 38.49 14.41
CA ARG C 192 44.08 39.86 14.77
C ARG C 192 44.95 39.90 16.02
N TYR C 193 44.58 39.13 17.05
CA TYR C 193 45.38 39.09 18.27
C TYR C 193 46.70 38.39 18.06
N LEU C 194 46.70 37.25 17.34
CA LEU C 194 47.96 36.56 17.10
C LEU C 194 48.97 37.46 16.42
N LYS C 195 48.50 38.34 15.53
CA LYS C 195 49.39 39.30 14.87
C LYS C 195 49.76 40.46 15.79
N GLU C 196 48.80 41.01 16.54
CA GLU C 196 49.12 42.10 17.45
C GLU C 196 50.18 41.67 18.47
N VAL C 197 50.19 40.39 18.83
CA VAL C 197 51.09 39.91 19.88
C VAL C 197 52.31 39.20 19.30
N SER C 198 52.38 39.07 17.97
CA SER C 198 53.56 38.44 17.38
C SER C 198 54.08 39.23 16.18
N GLY C 199 53.89 40.55 16.18
CA GLY C 199 54.30 41.31 15.03
C GLY C 199 53.53 40.85 13.80
N GLY C 200 54.21 40.12 12.92
CA GLY C 200 53.54 39.53 11.78
C GLY C 200 53.99 38.10 11.53
N ARG C 201 54.47 37.42 12.58
CA ARG C 201 55.06 36.11 12.40
C ARG C 201 54.00 35.07 12.02
N VAL C 202 53.05 34.83 12.92
CA VAL C 202 52.12 33.72 12.73
C VAL C 202 51.18 34.07 11.59
N ARG C 203 51.34 33.38 10.46
CA ARG C 203 50.54 33.65 9.28
C ARG C 203 49.18 32.99 9.43
N ILE C 204 48.13 33.81 9.49
CA ILE C 204 46.76 33.31 9.63
C ILE C 204 46.31 32.72 8.30
N VAL C 205 45.73 31.52 8.36
CA VAL C 205 45.18 30.86 7.19
C VAL C 205 43.72 30.54 7.48
N GLY C 206 42.90 30.60 6.44
CA GLY C 206 41.48 30.31 6.60
C GLY C 206 40.92 29.38 5.56
N ALA C 207 40.37 28.25 5.99
CA ALA C 207 39.80 27.28 5.07
C ALA C 207 38.36 27.65 4.76
N ASP C 208 37.95 27.44 3.52
CA ASP C 208 36.62 27.78 3.06
C ASP C 208 36.12 26.69 2.14
N PRO C 209 34.85 26.29 2.25
CA PRO C 209 34.33 25.23 1.36
C PRO C 209 34.47 25.64 -0.10
N GLU C 210 34.79 24.67 -0.94
CA GLU C 210 35.07 24.94 -2.34
C GLU C 210 33.91 25.66 -2.99
N GLY C 211 34.21 26.80 -3.63
CA GLY C 211 33.21 27.54 -4.36
C GLY C 211 32.33 28.43 -3.52
N SER C 212 32.92 29.16 -2.58
CA SER C 212 32.19 30.13 -1.77
C SER C 212 32.64 31.53 -2.10
N VAL C 213 32.07 32.51 -1.40
CA VAL C 213 32.41 33.91 -1.67
C VAL C 213 33.86 34.17 -1.29
N TYR C 214 34.29 33.72 -0.11
CA TYR C 214 35.64 34.00 0.35
C TYR C 214 36.66 33.36 -0.58
N SER C 215 36.42 32.13 -1.01
CA SER C 215 37.35 31.44 -1.90
C SER C 215 37.35 31.99 -3.30
N GLY C 216 36.64 33.10 -3.55
CA GLY C 216 36.67 33.75 -4.84
C GLY C 216 35.61 33.30 -5.82
N GLY C 217 34.91 32.21 -5.54
CA GLY C 217 33.88 31.70 -6.42
C GLY C 217 32.55 32.39 -6.19
N ALA C 218 31.51 31.83 -6.82
CA ALA C 218 30.15 32.32 -6.68
C ALA C 218 29.40 31.45 -5.69
N GLY C 219 28.10 31.72 -5.55
CA GLY C 219 27.27 30.96 -4.63
C GLY C 219 27.31 29.47 -4.92
N ARG C 220 26.75 28.71 -3.98
CA ARG C 220 26.72 27.26 -4.09
C ARG C 220 25.82 26.68 -3.00
N PRO C 221 25.15 25.56 -3.26
CA PRO C 221 24.45 24.85 -2.17
C PRO C 221 25.46 24.21 -1.25
N TYR C 222 25.40 24.57 0.03
CA TYR C 222 26.39 24.18 1.01
C TYR C 222 25.88 23.00 1.84
N LEU C 223 26.75 22.02 2.06
CA LEU C 223 26.44 20.85 2.88
C LEU C 223 27.08 20.87 4.25
N VAL C 224 28.35 21.29 4.35
CA VAL C 224 29.02 21.35 5.64
C VAL C 224 28.34 22.43 6.47
N GLU C 225 27.61 22.02 7.49
CA GLU C 225 26.87 22.98 8.30
C GLU C 225 27.84 23.94 8.99
N GLY C 226 27.50 25.22 8.96
CA GLY C 226 28.41 26.24 9.46
C GLY C 226 29.11 27.01 8.37
N VAL C 227 30.35 26.62 8.08
CA VAL C 227 31.22 27.33 7.15
C VAL C 227 30.52 27.57 5.82
N GLY C 228 30.88 28.64 5.15
CA GLY C 228 30.36 28.98 3.84
C GLY C 228 29.38 30.14 3.91
N GLU C 229 29.35 30.94 2.84
CA GLU C 229 28.46 32.08 2.76
C GLU C 229 28.25 32.46 1.30
N ASP C 230 27.21 33.27 1.07
CA ASP C 230 26.90 33.81 -0.24
C ASP C 230 27.08 35.32 -0.31
N PHE C 231 27.43 35.96 0.79
CA PHE C 231 27.66 37.40 0.83
C PHE C 231 28.78 37.67 1.82
N TRP C 232 29.26 38.91 1.83
CA TRP C 232 30.33 39.30 2.74
C TRP C 232 29.71 39.75 4.06
N PRO C 233 29.88 39.01 5.15
CA PRO C 233 29.33 39.45 6.43
C PRO C 233 29.94 40.76 6.85
N ALA C 234 29.14 41.56 7.55
CA ALA C 234 29.62 42.85 8.03
C ALA C 234 30.64 42.71 9.15
N ALA C 235 30.95 41.50 9.60
CA ALA C 235 31.84 41.28 10.73
C ALA C 235 33.00 40.37 10.36
N TYR C 236 33.48 40.46 9.13
CA TYR C 236 34.66 39.70 8.69
C TYR C 236 35.56 40.66 7.93
N ASP C 237 36.61 41.15 8.60
CA ASP C 237 37.54 42.05 7.96
C ASP C 237 38.48 41.26 7.06
N PRO C 238 38.28 41.29 5.74
CA PRO C 238 39.06 40.42 4.84
C PRO C 238 40.54 40.72 4.83
N SER C 239 41.01 41.69 5.61
CA SER C 239 42.44 42.00 5.62
C SER C 239 43.24 41.07 6.51
N VAL C 240 42.59 40.34 7.41
CA VAL C 240 43.30 39.54 8.41
C VAL C 240 43.87 38.27 7.78
N PRO C 241 43.03 37.39 7.22
CA PRO C 241 43.55 36.12 6.71
C PRO C 241 44.57 36.35 5.60
N ASP C 242 45.62 35.54 5.62
CA ASP C 242 46.71 35.67 4.66
C ASP C 242 46.63 34.67 3.52
N GLU C 243 45.84 33.62 3.66
CA GLU C 243 45.63 32.67 2.57
C GLU C 243 44.36 31.88 2.86
N ILE C 244 43.35 32.09 2.02
CA ILE C 244 42.10 31.33 2.11
C ILE C 244 42.24 30.10 1.23
N ILE C 245 42.65 28.99 1.83
CA ILE C 245 42.84 27.73 1.11
C ILE C 245 41.52 27.00 1.07
N ALA C 246 40.83 27.05 -0.07
CA ALA C 246 39.54 26.40 -0.22
C ALA C 246 39.70 24.89 -0.32
N VAL C 247 38.72 24.17 0.20
CA VAL C 247 38.73 22.71 0.20
C VAL C 247 37.35 22.20 -0.20
N SER C 248 37.33 21.04 -0.86
CA SER C 248 36.10 20.49 -1.39
C SER C 248 35.22 19.95 -0.27
N ASP C 249 34.10 19.35 -0.65
CA ASP C 249 33.18 18.79 0.33
C ASP C 249 33.48 17.32 0.62
N SER C 250 33.68 16.52 -0.43
CA SER C 250 34.03 15.13 -0.22
C SER C 250 35.31 15.01 0.60
N ASP C 251 36.30 15.85 0.30
CA ASP C 251 37.54 15.83 1.07
C ASP C 251 37.28 16.13 2.54
N SER C 252 36.47 17.14 2.83
CA SER C 252 36.23 17.50 4.23
C SER C 252 35.48 16.39 4.96
N PHE C 253 34.47 15.80 4.32
CA PHE C 253 33.74 14.72 4.98
C PHE C 253 34.65 13.52 5.24
N ASP C 254 35.46 13.14 4.23
CA ASP C 254 36.37 12.02 4.42
C ASP C 254 37.38 12.31 5.51
N MET C 255 37.88 13.55 5.56
CA MET C 255 38.83 13.90 6.61
C MET C 255 38.18 13.83 7.98
N THR C 256 36.92 14.26 8.10
CA THR C 256 36.23 14.15 9.37
C THR C 256 36.11 12.68 9.81
N ARG C 257 35.71 11.82 8.88
CA ARG C 257 35.56 10.41 9.21
C ARG C 257 36.89 9.80 9.62
N ARG C 258 37.94 10.04 8.81
CA ARG C 258 39.25 9.49 9.12
C ARG C 258 39.82 10.06 10.40
N LEU C 259 39.47 11.31 10.73
CA LEU C 259 39.91 11.91 11.98
C LEU C 259 39.25 11.22 13.16
N ALA C 260 37.93 11.02 13.09
CA ALA C 260 37.25 10.30 14.17
C ALA C 260 37.77 8.88 14.29
N ARG C 261 38.25 8.28 13.21
CA ARG C 261 38.71 6.90 13.29
C ARG C 261 40.16 6.75 13.71
N GLU C 262 41.02 7.73 13.42
CA GLU C 262 42.45 7.61 13.67
C GLU C 262 42.97 8.60 14.71
N GLU C 263 42.11 9.40 15.33
CA GLU C 263 42.54 10.33 16.37
C GLU C 263 41.59 10.39 17.55
N ALA C 264 40.49 9.62 17.54
CA ALA C 264 39.56 9.60 18.66
C ALA C 264 38.95 10.99 18.90
N MET C 265 38.46 11.59 17.83
CA MET C 265 37.76 12.87 17.92
C MET C 265 36.52 12.80 17.04
N LEU C 266 35.35 13.04 17.62
CA LEU C 266 34.11 13.11 16.85
C LEU C 266 33.84 14.57 16.48
N VAL C 267 34.59 15.03 15.49
CA VAL C 267 34.44 16.38 14.97
C VAL C 267 33.43 16.35 13.84
N GLY C 268 32.91 17.52 13.47
CA GLY C 268 31.88 17.61 12.45
C GLY C 268 32.41 17.71 11.04
N GLY C 269 31.77 18.55 10.23
CA GLY C 269 32.21 18.75 8.85
C GLY C 269 33.21 19.88 8.75
N SER C 270 32.87 21.04 9.31
CA SER C 270 33.81 22.16 9.33
C SER C 270 35.12 21.75 10.00
N CYS C 271 35.06 20.87 10.99
CA CYS C 271 36.28 20.39 11.63
C CYS C 271 37.16 19.67 10.62
N GLY C 272 36.58 18.78 9.82
CA GLY C 272 37.35 18.10 8.81
C GLY C 272 37.89 19.05 7.76
N MET C 273 37.10 20.05 7.39
CA MET C 273 37.58 21.06 6.43
C MET C 273 38.78 21.79 6.98
N ALA C 274 38.71 22.23 8.24
CA ALA C 274 39.84 22.92 8.84
C ALA C 274 41.06 22.01 8.94
N VAL C 275 40.85 20.75 9.30
CA VAL C 275 41.99 19.84 9.44
C VAL C 275 42.65 19.58 8.10
N VAL C 276 41.86 19.48 7.03
CA VAL C 276 42.45 19.26 5.70
C VAL C 276 43.20 20.52 5.26
N ALA C 277 42.63 21.69 5.51
CA ALA C 277 43.34 22.92 5.18
C ALA C 277 44.67 22.99 5.93
N ALA C 278 44.67 22.61 7.20
CA ALA C 278 45.92 22.54 7.95
C ALA C 278 46.87 21.57 7.27
N LEU C 279 46.53 20.28 7.25
CA LEU C 279 47.41 19.28 6.68
C LEU C 279 47.96 19.70 5.33
N LYS C 280 47.24 20.57 4.61
CA LYS C 280 47.79 21.12 3.37
C LYS C 280 48.84 22.19 3.66
N VAL C 281 48.49 23.20 4.47
CA VAL C 281 49.42 24.28 4.74
C VAL C 281 50.68 23.78 5.44
N ALA C 282 50.57 22.68 6.18
CA ALA C 282 51.66 22.09 6.93
C ALA C 282 52.70 21.46 6.04
N GLU C 283 52.57 21.60 4.72
CA GLU C 283 53.59 21.13 3.79
C GLU C 283 54.57 22.24 3.42
N GLU C 284 54.06 23.43 3.12
CA GLU C 284 54.93 24.57 2.82
C GLU C 284 55.60 25.13 4.05
N ALA C 285 55.32 24.58 5.23
CA ALA C 285 56.01 24.92 6.47
C ALA C 285 56.75 23.67 6.92
N GLY C 286 58.06 23.63 6.68
CA GLY C 286 58.85 22.48 7.01
C GLY C 286 58.88 22.23 8.51
N PRO C 287 59.80 21.38 8.96
CA PRO C 287 59.89 21.09 10.39
C PRO C 287 59.93 22.34 11.24
N ASP C 288 59.57 22.21 12.52
CA ASP C 288 59.50 23.29 13.49
C ASP C 288 58.27 24.17 13.31
N ALA C 289 57.26 23.70 12.57
CA ALA C 289 56.02 24.44 12.41
C ALA C 289 55.00 23.94 13.43
N LEU C 290 54.19 24.85 13.94
CA LEU C 290 53.18 24.54 14.95
C LEU C 290 51.86 25.14 14.49
N ILE C 291 51.06 24.35 13.79
CA ILE C 291 49.78 24.78 13.24
C ILE C 291 48.69 24.41 14.22
N VAL C 292 47.98 25.39 14.75
CA VAL C 292 46.91 25.15 15.71
C VAL C 292 45.59 25.31 14.97
N VAL C 293 45.03 24.18 14.54
CA VAL C 293 43.72 24.18 13.91
C VAL C 293 42.65 24.43 14.97
N LEU C 294 41.50 24.91 14.54
CA LEU C 294 40.38 25.20 15.44
C LEU C 294 39.20 24.32 15.04
N LEU C 295 39.12 23.13 15.65
CA LEU C 295 38.00 22.23 15.43
C LEU C 295 36.81 22.75 16.22
N PRO C 296 35.82 23.38 15.56
CA PRO C 296 34.82 24.17 16.29
C PRO C 296 33.51 23.46 16.62
N ASP C 297 33.39 22.16 16.40
CA ASP C 297 32.13 21.47 16.63
C ASP C 297 32.37 20.06 17.14
N GLY C 298 31.32 19.45 17.67
CA GLY C 298 31.35 18.07 18.11
C GLY C 298 30.48 17.21 17.21
N GLY C 299 31.07 16.14 16.71
CA GLY C 299 30.40 15.31 15.71
C GLY C 299 29.39 14.33 16.27
N ARG C 300 28.55 14.77 17.19
CA ARG C 300 27.47 13.93 17.68
C ARG C 300 26.14 14.21 17.00
N GLY C 301 25.92 15.44 16.54
CA GLY C 301 24.70 15.75 15.82
C GLY C 301 24.68 15.19 14.41
N TYR C 302 25.85 15.10 13.78
CA TYR C 302 25.95 14.56 12.43
C TYR C 302 25.96 13.04 12.41
N MET C 303 25.83 12.40 13.56
CA MET C 303 25.99 10.94 13.64
C MET C 303 25.17 10.21 12.60
N SER C 304 24.08 10.81 12.11
CA SER C 304 23.29 10.23 11.03
C SER C 304 23.36 11.05 9.76
N LYS C 305 24.35 11.94 9.64
CA LYS C 305 24.44 12.81 8.48
C LYS C 305 25.73 12.61 7.70
N ILE C 306 26.86 12.40 8.37
CA ILE C 306 28.10 12.12 7.67
C ILE C 306 28.73 10.80 8.07
N PHE C 307 28.35 10.22 9.20
CA PHE C 307 28.81 8.90 9.58
C PHE C 307 27.88 7.79 9.11
N ASN C 308 26.87 8.15 8.31
CA ASN C 308 25.88 7.19 7.81
C ASN C 308 26.22 6.87 6.36
N ASP C 309 26.60 5.62 6.10
CA ASP C 309 27.03 5.25 4.75
C ASP C 309 25.93 5.48 3.73
N ALA C 310 24.66 5.43 4.15
CA ALA C 310 23.56 5.66 3.22
C ALA C 310 23.57 7.10 2.71
N TRP C 311 23.42 8.06 3.63
CA TRP C 311 23.45 9.47 3.25
C TRP C 311 24.74 9.81 2.53
N MET C 312 25.88 9.43 3.11
CA MET C 312 27.17 9.76 2.52
C MET C 312 27.32 9.14 1.14
N SER C 313 26.49 8.17 0.78
CA SER C 313 26.54 7.59 -0.55
C SER C 313 25.55 8.20 -1.51
N SER C 314 24.45 8.78 -1.01
CA SER C 314 23.50 9.42 -1.91
C SER C 314 24.12 10.62 -2.61
N TYR C 315 24.94 11.40 -1.92
CA TYR C 315 25.59 12.56 -2.50
C TYR C 315 26.94 12.21 -3.13
N GLY C 316 26.98 11.19 -3.98
CA GLY C 316 28.22 10.81 -4.64
C GLY C 316 29.46 10.94 -3.78
N PHE C 317 29.50 10.25 -2.66
CA PHE C 317 30.55 10.36 -1.65
C PHE C 317 30.89 8.95 -1.19
N LEU C 318 31.49 8.85 -0.01
CA LEU C 318 31.71 7.55 0.61
C LEU C 318 32.74 6.70 -0.13
N ARG C 319 33.97 7.21 -0.23
CA ARG C 319 35.08 6.41 -0.72
C ARG C 319 35.03 4.98 -0.20
N SER C 320 34.90 4.83 1.11
CA SER C 320 34.85 3.51 1.73
C SER C 320 33.81 3.51 2.84
N ARG C 321 33.52 2.32 3.36
CA ARG C 321 32.57 2.16 4.44
C ARG C 321 33.28 2.19 5.78
N LEU C 322 32.53 2.56 6.82
CA LEU C 322 33.14 2.75 8.14
C LEU C 322 33.80 1.47 8.64
N ASP C 323 33.13 0.34 8.48
CA ASP C 323 33.54 -0.87 9.18
C ASP C 323 34.64 -1.64 8.46
N GLY C 324 34.66 -1.66 7.13
CA GLY C 324 35.57 -2.54 6.45
C GLY C 324 35.40 -2.67 4.95
N SER C 325 35.29 -3.92 4.47
CA SER C 325 35.31 -4.21 3.04
C SER C 325 34.32 -3.33 2.28
N THR C 326 34.58 -3.16 0.98
CA THR C 326 33.98 -2.05 0.24
C THR C 326 32.55 -2.34 -0.22
N GLU C 327 32.37 -3.31 -1.12
CA GLU C 327 31.12 -3.42 -1.87
C GLU C 327 30.64 -4.86 -1.95
N GLN C 328 30.51 -5.52 -0.79
CA GLN C 328 30.06 -6.91 -0.75
C GLN C 328 28.75 -7.12 -1.51
N SER C 329 27.85 -6.15 -1.47
CA SER C 329 26.63 -6.31 -2.23
C SER C 329 26.94 -6.24 -3.72
N THR C 330 26.29 -7.13 -4.45
CA THR C 330 26.33 -7.48 -5.86
C THR C 330 25.00 -7.07 -6.48
N VAL C 331 24.98 -6.99 -7.82
CA VAL C 331 23.84 -6.41 -8.52
C VAL C 331 22.57 -7.21 -8.26
N GLY C 332 22.70 -8.52 -8.10
CA GLY C 332 21.52 -9.34 -7.84
C GLY C 332 20.75 -8.87 -6.62
N ASP C 333 21.44 -8.35 -5.60
CA ASP C 333 20.75 -7.91 -4.40
C ASP C 333 19.87 -6.70 -4.68
N VAL C 334 20.21 -5.91 -5.70
CA VAL C 334 19.33 -4.82 -6.11
C VAL C 334 17.96 -5.35 -6.48
N LEU C 335 17.89 -6.59 -6.96
CA LEU C 335 16.62 -7.22 -7.29
C LEU C 335 15.90 -7.80 -6.08
N ARG C 336 16.57 -7.92 -4.94
CA ARG C 336 16.02 -8.61 -3.79
C ARG C 336 15.23 -7.68 -2.87
N ARG C 337 14.62 -6.63 -3.44
CA ARG C 337 13.79 -5.73 -2.64
C ARG C 337 12.64 -6.46 -1.97
N LYS C 338 12.25 -7.62 -2.51
CA LYS C 338 11.21 -8.46 -1.91
C LYS C 338 11.82 -9.57 -1.07
N SER C 339 12.93 -9.28 -0.39
CA SER C 339 13.62 -10.24 0.46
C SER C 339 14.15 -11.43 -0.35
N GLY C 340 15.04 -11.15 -1.29
CA GLY C 340 15.63 -12.19 -2.10
C GLY C 340 14.58 -12.96 -2.88
N ALA C 341 13.70 -12.23 -3.55
CA ALA C 341 12.49 -12.78 -4.14
C ALA C 341 12.32 -12.30 -5.58
N LEU C 342 13.38 -12.46 -6.39
CA LEU C 342 13.33 -11.95 -7.78
C LEU C 342 12.00 -12.37 -8.39
N PRO C 343 11.04 -11.45 -8.63
CA PRO C 343 9.73 -11.84 -9.15
C PRO C 343 9.82 -12.30 -10.61
N ALA C 344 8.78 -13.01 -11.09
CA ALA C 344 8.77 -13.45 -12.49
C ALA C 344 9.13 -12.29 -13.40
N LEU C 345 10.16 -12.47 -14.24
CA LEU C 345 10.59 -11.37 -15.15
C LEU C 345 9.37 -10.83 -15.89
N VAL C 346 8.81 -9.71 -15.44
CA VAL C 346 7.68 -9.08 -16.18
C VAL C 346 8.05 -9.18 -17.66
N HIS C 347 7.29 -9.97 -18.44
CA HIS C 347 7.69 -10.17 -19.86
C HIS C 347 6.50 -10.17 -20.80
N THR C 348 6.72 -9.80 -22.05
CA THR C 348 5.68 -9.78 -23.08
C THR C 348 6.20 -10.53 -24.29
N HIS C 349 5.29 -10.93 -25.16
CA HIS C 349 5.65 -11.77 -26.28
C HIS C 349 5.44 -11.04 -27.61
N PRO C 350 6.11 -11.49 -28.67
CA PRO C 350 6.01 -10.79 -29.95
C PRO C 350 4.62 -10.81 -30.57
N SER C 351 3.62 -11.40 -29.91
CA SER C 351 2.27 -11.42 -30.44
C SER C 351 1.28 -10.60 -29.62
N GLU C 352 1.58 -10.31 -28.36
CA GLU C 352 0.68 -9.52 -27.54
C GLU C 352 0.45 -8.15 -28.16
N THR C 353 -0.53 -7.44 -27.62
CA THR C 353 -0.95 -6.15 -28.16
C THR C 353 -0.22 -5.02 -27.43
N VAL C 354 0.11 -3.98 -28.18
CA VAL C 354 0.77 -2.81 -27.58
C VAL C 354 0.00 -2.36 -26.36
N ARG C 355 -1.32 -2.39 -26.42
CA ARG C 355 -2.12 -2.02 -25.26
C ARG C 355 -1.82 -2.95 -24.09
N ASP C 356 -1.66 -4.24 -24.36
CA ASP C 356 -1.37 -5.18 -23.28
C ASP C 356 0.04 -4.98 -22.73
N ALA C 357 1.01 -4.62 -23.58
CA ALA C 357 2.34 -4.32 -23.09
C ALA C 357 2.32 -3.11 -22.17
N ILE C 358 1.64 -2.04 -22.59
CA ILE C 358 1.51 -0.87 -21.73
C ILE C 358 0.79 -1.26 -20.45
N GLY C 359 -0.18 -2.15 -20.54
CA GLY C 359 -0.88 -2.62 -19.36
C GLY C 359 0.02 -3.31 -18.37
N ILE C 360 0.84 -4.25 -18.82
CA ILE C 360 1.76 -4.92 -17.91
C ILE C 360 2.74 -3.92 -17.31
N LEU C 361 3.28 -3.03 -18.13
CA LEU C 361 4.19 -2.01 -17.64
C LEU C 361 3.56 -1.19 -16.51
N ARG C 362 2.34 -0.70 -16.75
CA ARG C 362 1.67 0.09 -15.73
C ARG C 362 1.39 -0.75 -14.48
N GLU C 363 0.96 -1.99 -14.67
CA GLU C 363 0.49 -2.80 -13.54
C GLU C 363 1.63 -3.23 -12.63
N TYR C 364 2.84 -3.41 -13.17
CA TYR C 364 3.95 -3.87 -12.35
C TYR C 364 4.94 -2.76 -11.99
N GLY C 365 4.65 -1.52 -12.38
CA GLY C 365 5.49 -0.41 -11.99
C GLY C 365 6.78 -0.29 -12.78
N VAL C 366 7.29 -1.43 -13.26
CA VAL C 366 8.53 -1.41 -14.02
C VAL C 366 8.37 -0.55 -15.28
N SER C 367 9.50 -0.07 -15.80
CA SER C 367 9.50 0.78 -16.97
C SER C 367 10.17 0.15 -18.19
N GLN C 368 10.66 -1.08 -18.09
CA GLN C 368 11.24 -1.77 -19.23
C GLN C 368 10.95 -3.25 -19.09
N MET C 369 10.82 -3.92 -20.24
CA MET C 369 10.46 -5.33 -20.17
C MET C 369 10.97 -6.07 -21.40
N PRO C 370 11.61 -7.23 -21.22
CA PRO C 370 12.11 -7.99 -22.37
C PRO C 370 11.02 -8.84 -22.99
N VAL C 371 10.71 -8.59 -24.26
CA VAL C 371 9.81 -9.45 -25.00
C VAL C 371 10.53 -10.75 -25.32
N VAL C 372 10.03 -11.85 -24.77
CA VAL C 372 10.68 -13.16 -24.82
C VAL C 372 9.71 -14.14 -25.45
N GLY C 373 10.24 -15.02 -26.30
CA GLY C 373 9.42 -15.88 -27.12
C GLY C 373 8.83 -17.10 -26.43
N ALA C 374 8.74 -17.07 -25.10
CA ALA C 374 8.14 -18.18 -24.36
C ALA C 374 7.74 -17.68 -22.98
N GLU C 375 6.43 -17.70 -22.70
CA GLU C 375 5.95 -17.27 -21.39
C GLU C 375 6.70 -17.96 -20.26
N PRO C 376 7.04 -19.23 -20.34
CA PRO C 376 7.93 -19.83 -19.36
C PRO C 376 9.17 -18.97 -19.17
N PRO C 377 9.36 -18.40 -17.99
CA PRO C 377 10.54 -17.55 -17.75
C PRO C 377 11.81 -18.36 -17.59
N VAL C 378 12.20 -19.08 -18.65
CA VAL C 378 13.40 -19.90 -18.63
C VAL C 378 14.25 -19.66 -19.86
N MET C 379 13.99 -18.57 -20.59
CA MET C 379 14.71 -18.31 -21.83
C MET C 379 16.21 -18.24 -21.58
N ALA C 380 16.97 -18.78 -22.53
CA ALA C 380 18.43 -18.78 -22.46
C ALA C 380 18.98 -17.64 -23.32
N GLY C 381 18.85 -16.43 -22.81
CA GLY C 381 19.43 -15.26 -23.45
C GLY C 381 19.00 -15.06 -24.89
N GLU C 382 17.82 -15.57 -25.26
CA GLU C 382 17.30 -15.42 -26.61
C GLU C 382 16.01 -14.61 -26.63
N VAL C 383 15.92 -13.60 -25.77
CA VAL C 383 14.76 -12.73 -25.74
C VAL C 383 14.65 -11.98 -27.06
N ALA C 384 13.43 -11.94 -27.62
CA ALA C 384 13.25 -11.38 -28.95
C ALA C 384 13.53 -9.89 -28.99
N GLY C 385 13.16 -9.15 -27.95
CA GLY C 385 13.37 -7.72 -28.00
C GLY C 385 13.17 -7.09 -26.64
N SER C 386 13.09 -5.75 -26.63
CA SER C 386 12.82 -5.01 -25.41
C SER C 386 11.79 -3.93 -25.69
N VAL C 387 10.85 -3.77 -24.75
CA VAL C 387 9.80 -2.77 -24.83
C VAL C 387 9.97 -1.81 -23.66
N SER C 388 10.04 -0.52 -23.97
CA SER C 388 10.20 0.53 -22.96
C SER C 388 8.95 1.38 -22.94
N GLU C 389 8.34 1.51 -21.76
CA GLU C 389 7.06 2.19 -21.64
C GLU C 389 7.08 3.55 -22.31
N ARG C 390 8.16 4.30 -22.13
CA ARG C 390 8.27 5.61 -22.76
C ARG C 390 8.17 5.48 -24.28
N GLU C 391 8.92 4.55 -24.85
CA GLU C 391 8.92 4.40 -26.31
C GLU C 391 7.53 4.01 -26.81
N LEU C 392 6.88 3.09 -26.12
CA LEU C 392 5.51 2.71 -26.50
C LEU C 392 4.60 3.93 -26.48
N LEU C 393 4.47 4.57 -25.31
CA LEU C 393 3.59 5.73 -25.20
C LEU C 393 3.89 6.76 -26.28
N SER C 394 5.16 6.94 -26.63
CA SER C 394 5.49 7.86 -27.71
C SER C 394 4.93 7.38 -29.04
N ALA C 395 5.17 6.12 -29.39
CA ALA C 395 4.68 5.60 -30.65
C ALA C 395 3.17 5.46 -30.69
N VAL C 396 2.51 5.57 -29.54
CA VAL C 396 1.06 5.43 -29.45
C VAL C 396 0.38 6.79 -29.52
N PHE C 397 0.99 7.82 -28.93
CA PHE C 397 0.42 9.16 -28.98
C PHE C 397 0.89 9.95 -30.19
N GLU C 398 1.77 9.38 -31.01
CA GLU C 398 2.18 10.00 -32.26
C GLU C 398 1.68 9.24 -33.48
N GLY C 399 0.60 8.47 -33.33
CA GLY C 399 -0.03 7.81 -34.45
C GLY C 399 0.82 6.80 -35.17
N ARG C 400 2.04 6.56 -34.68
CA ARG C 400 2.95 5.61 -35.32
C ARG C 400 2.66 4.17 -34.92
N ALA C 401 1.69 3.94 -34.04
CA ALA C 401 1.33 2.57 -33.65
C ALA C 401 -0.06 2.59 -33.05
N LYS C 402 -1.00 1.89 -33.68
CA LYS C 402 -2.32 1.75 -33.10
C LYS C 402 -2.22 0.97 -31.80
N LEU C 403 -3.13 1.28 -30.86
CA LEU C 403 -3.13 0.56 -29.60
C LEU C 403 -3.23 -0.93 -29.80
N ALA C 404 -3.92 -1.38 -30.84
CA ALA C 404 -4.15 -2.79 -31.07
C ALA C 404 -3.05 -3.47 -31.88
N ASP C 405 -2.16 -2.71 -32.49
CA ASP C 405 -1.11 -3.32 -33.31
C ASP C 405 -0.27 -4.28 -32.48
N ALA C 406 0.23 -5.31 -33.15
CA ALA C 406 1.09 -6.28 -32.47
C ALA C 406 2.37 -5.60 -31.98
N VAL C 407 2.86 -6.04 -30.82
CA VAL C 407 4.02 -5.40 -30.23
C VAL C 407 5.27 -5.64 -31.08
N SER C 408 5.30 -6.73 -31.84
CA SER C 408 6.51 -7.08 -32.57
C SER C 408 6.88 -6.04 -33.61
N ALA C 409 5.96 -5.15 -33.97
CA ALA C 409 6.24 -4.13 -34.97
C ALA C 409 6.76 -2.83 -34.36
N HIS C 410 6.84 -2.73 -33.03
CA HIS C 410 7.27 -1.51 -32.38
C HIS C 410 8.17 -1.77 -31.19
N MET C 411 8.91 -2.88 -31.22
CA MET C 411 9.81 -3.24 -30.13
C MET C 411 11.24 -2.89 -30.50
N SER C 412 11.97 -2.33 -29.54
CA SER C 412 13.33 -1.87 -29.77
C SER C 412 14.30 -3.03 -29.66
N PRO C 413 15.56 -2.82 -30.02
CA PRO C 413 16.56 -3.88 -29.93
C PRO C 413 16.74 -4.34 -28.49
N PRO C 414 17.23 -5.56 -28.28
CA PRO C 414 17.41 -6.04 -26.91
C PRO C 414 18.36 -5.15 -26.12
N LEU C 415 18.17 -5.14 -24.81
CA LEU C 415 19.02 -4.38 -23.91
C LEU C 415 20.15 -5.27 -23.38
N ARG C 416 21.34 -4.69 -23.25
CA ARG C 416 22.53 -5.45 -22.92
C ARG C 416 22.34 -6.19 -21.59
N MET C 417 23.27 -7.10 -21.32
CA MET C 417 23.18 -7.97 -20.16
C MET C 417 24.41 -7.83 -19.28
N ILE C 418 24.21 -8.02 -17.97
CA ILE C 418 25.29 -8.07 -17.01
C ILE C 418 24.98 -9.19 -16.03
N GLY C 419 26.04 -9.80 -15.49
CA GLY C 419 25.86 -10.89 -14.55
C GLY C 419 25.12 -10.45 -13.31
N ALA C 420 24.62 -11.45 -12.57
CA ALA C 420 23.89 -11.19 -11.34
C ALA C 420 24.77 -11.28 -10.11
N GLY C 421 25.94 -11.88 -10.21
CA GLY C 421 26.85 -11.97 -9.08
C GLY C 421 27.98 -10.97 -9.16
N GLU C 422 27.76 -9.88 -9.89
CA GLU C 422 28.77 -8.85 -10.07
C GLU C 422 28.49 -7.67 -9.17
N LEU C 423 29.55 -6.98 -8.76
CA LEU C 423 29.44 -5.93 -7.75
C LEU C 423 28.71 -4.71 -8.30
N VAL C 424 28.05 -3.99 -7.40
CA VAL C 424 27.24 -2.84 -7.79
C VAL C 424 28.08 -1.77 -8.46
N SER C 425 29.37 -1.67 -8.11
CA SER C 425 30.23 -0.71 -8.79
C SER C 425 30.32 -1.03 -10.28
N ALA C 426 30.42 -2.31 -10.63
CA ALA C 426 30.39 -2.71 -12.03
C ALA C 426 29.07 -2.31 -12.67
N ALA C 427 27.96 -2.45 -11.93
CA ALA C 427 26.67 -2.05 -12.47
C ALA C 427 26.63 -0.56 -12.76
N GLY C 428 27.20 0.25 -11.87
CA GLY C 428 27.29 1.68 -12.15
C GLY C 428 28.14 1.97 -13.38
N LYS C 429 29.31 1.33 -13.46
CA LYS C 429 30.17 1.52 -14.62
C LYS C 429 29.44 1.18 -15.91
N ALA C 430 28.64 0.10 -15.88
CA ALA C 430 27.90 -0.31 -17.07
C ALA C 430 26.79 0.67 -17.41
N LEU C 431 25.87 0.90 -16.46
CA LEU C 431 24.78 1.84 -16.69
C LEU C 431 25.27 3.23 -17.05
N ARG C 432 26.54 3.52 -16.84
CA ARG C 432 27.08 4.81 -17.27
C ARG C 432 26.89 5.06 -18.76
N ASP C 433 26.58 4.02 -19.55
CA ASP C 433 26.50 4.18 -20.99
C ASP C 433 25.16 3.80 -21.60
N TRP C 434 24.34 3.01 -20.92
CA TRP C 434 23.02 2.64 -21.42
C TRP C 434 21.95 3.14 -20.45
N ASP C 435 20.70 2.81 -20.75
CA ASP C 435 19.58 3.26 -19.93
C ASP C 435 19.15 2.23 -18.90
N ALA C 436 19.33 0.95 -19.17
CA ALA C 436 19.03 -0.13 -18.24
C ALA C 436 19.46 -1.42 -18.88
N LEU C 437 19.67 -2.45 -18.06
CA LEU C 437 20.19 -3.70 -18.60
C LEU C 437 19.69 -4.87 -17.77
N MET C 438 19.48 -6.00 -18.44
CA MET C 438 18.93 -7.19 -17.80
C MET C 438 20.05 -8.03 -17.22
N VAL C 439 19.81 -8.57 -16.03
CA VAL C 439 20.80 -9.36 -15.30
C VAL C 439 20.58 -10.83 -15.65
N VAL C 440 21.50 -11.40 -16.42
CA VAL C 440 21.42 -12.80 -16.84
C VAL C 440 22.09 -13.64 -15.77
N GLU C 441 21.30 -14.30 -14.94
CA GLU C 441 21.80 -15.06 -13.81
C GLU C 441 21.99 -16.51 -14.23
N GLU C 442 23.24 -16.90 -14.45
CA GLU C 442 23.62 -18.24 -14.90
C GLU C 442 22.74 -18.70 -16.07
N GLY C 443 22.86 -17.97 -17.17
CA GLY C 443 22.16 -18.29 -18.40
C GLY C 443 20.83 -17.60 -18.62
N LYS C 444 19.93 -17.69 -17.64
CA LYS C 444 18.60 -17.13 -17.85
C LYS C 444 18.52 -15.71 -17.31
N PRO C 445 17.68 -14.86 -17.90
CA PRO C 445 17.46 -13.52 -17.35
C PRO C 445 16.52 -13.58 -16.15
N VAL C 446 16.74 -12.65 -15.22
CA VAL C 446 15.94 -12.63 -13.99
C VAL C 446 15.43 -11.23 -13.68
N GLY C 447 15.53 -10.32 -14.63
CA GLY C 447 15.01 -8.99 -14.44
C GLY C 447 15.88 -7.96 -15.14
N VAL C 448 15.55 -6.69 -14.89
CA VAL C 448 16.26 -5.56 -15.49
C VAL C 448 16.58 -4.55 -14.39
N ILE C 449 17.86 -4.23 -14.24
CA ILE C 449 18.28 -3.17 -13.34
C ILE C 449 18.44 -1.89 -14.14
N THR C 450 17.93 -0.79 -13.61
CA THR C 450 17.87 0.46 -14.33
C THR C 450 18.47 1.58 -13.49
N ARG C 451 18.92 2.64 -14.16
CA ARG C 451 19.57 3.75 -13.48
C ARG C 451 18.78 4.17 -12.25
N TYR C 452 17.48 4.37 -12.42
CA TYR C 452 16.64 4.82 -11.31
C TYR C 452 16.69 3.84 -10.16
N ASP C 453 16.64 2.55 -10.46
CA ASP C 453 16.66 1.53 -9.42
C ASP C 453 18.00 1.46 -8.71
N LEU C 454 19.10 1.52 -9.46
CA LEU C 454 20.42 1.46 -8.84
C LEU C 454 20.64 2.67 -7.93
N LEU C 455 20.32 3.87 -8.44
CA LEU C 455 20.50 5.08 -7.65
C LEU C 455 19.50 5.17 -6.50
N GLY C 456 18.40 4.43 -6.57
CA GLY C 456 17.51 4.34 -5.43
C GLY C 456 18.00 3.36 -4.39
N PHE C 457 18.69 2.31 -4.82
CA PHE C 457 19.25 1.36 -3.87
C PHE C 457 20.46 1.93 -3.14
N LEU C 458 21.34 2.63 -3.86
CA LEU C 458 22.51 3.20 -3.21
C LEU C 458 22.12 4.12 -2.06
N SER C 459 21.00 4.83 -2.20
CA SER C 459 20.58 5.82 -1.23
C SER C 459 19.87 5.22 -0.02
N GLU C 460 19.79 3.90 0.08
CA GLU C 460 19.14 3.28 1.24
C GLU C 460 19.99 2.20 1.89
N GLY C 461 20.90 1.57 1.15
CA GLY C 461 21.72 0.51 1.69
C GLY C 461 23.19 0.64 1.32
N ILE D 4 -43.36 -32.47 -26.37
CA ILE D 4 -42.38 -32.46 -25.29
C ILE D 4 -41.05 -33.00 -25.77
N ALA D 5 -40.08 -32.11 -25.96
CA ALA D 5 -38.75 -32.53 -26.38
C ALA D 5 -38.18 -33.53 -25.39
N GLN D 6 -37.28 -34.39 -25.87
CA GLN D 6 -36.71 -35.42 -25.03
C GLN D 6 -35.48 -34.95 -24.26
N HIS D 7 -34.66 -34.11 -24.88
CA HIS D 7 -33.50 -33.52 -24.24
C HIS D 7 -33.42 -32.06 -24.66
N ILE D 8 -32.62 -31.28 -23.93
CA ILE D 8 -32.46 -29.88 -24.28
C ILE D 8 -31.70 -29.69 -25.58
N SER D 9 -30.94 -30.69 -26.02
CA SER D 9 -30.19 -30.60 -27.25
C SER D 9 -30.98 -31.08 -28.47
N GLU D 10 -32.31 -31.18 -28.34
CA GLU D 10 -33.16 -31.45 -29.48
C GLU D 10 -33.72 -30.19 -30.11
N LEU D 11 -33.67 -29.07 -29.40
CA LEU D 11 -34.18 -27.79 -29.89
C LEU D 11 -33.13 -27.01 -30.66
N ILE D 12 -32.01 -27.64 -31.03
CA ILE D 12 -30.93 -26.96 -31.73
C ILE D 12 -31.27 -26.93 -33.21
N GLY D 13 -31.73 -25.78 -33.69
CA GLY D 13 -32.03 -25.62 -35.10
C GLY D 13 -33.28 -24.81 -35.32
N GLY D 14 -33.57 -24.56 -36.60
CA GLY D 14 -34.76 -23.80 -36.95
C GLY D 14 -34.80 -22.42 -36.35
N THR D 15 -33.65 -21.82 -36.10
CA THR D 15 -33.61 -20.50 -35.49
C THR D 15 -34.28 -19.48 -36.40
N PRO D 16 -34.98 -18.50 -35.85
CA PRO D 16 -35.78 -17.59 -36.67
C PRO D 16 -34.93 -16.75 -37.61
N LEU D 17 -35.60 -15.98 -38.46
CA LEU D 17 -34.94 -15.14 -39.47
C LEU D 17 -35.63 -13.78 -39.42
N VAL D 18 -35.09 -12.88 -38.59
CA VAL D 18 -35.65 -11.55 -38.44
C VAL D 18 -34.89 -10.59 -39.33
N ARG D 19 -35.50 -9.45 -39.62
CA ARG D 19 -34.93 -8.47 -40.53
C ARG D 19 -34.52 -7.22 -39.78
N LEU D 20 -33.46 -6.57 -40.28
CA LEU D 20 -32.99 -5.31 -39.74
C LEU D 20 -33.63 -4.17 -40.52
N ASN D 21 -34.26 -3.24 -39.81
CA ASN D 21 -35.02 -2.19 -40.47
C ASN D 21 -34.61 -0.78 -40.06
N SER D 22 -33.53 -0.62 -39.30
CA SER D 22 -33.10 0.72 -38.90
C SER D 22 -31.62 0.97 -39.13
N VAL D 23 -30.81 -0.05 -39.39
CA VAL D 23 -29.39 0.14 -39.65
C VAL D 23 -29.10 0.28 -41.13
N VAL D 24 -29.77 -0.49 -41.97
CA VAL D 24 -29.56 -0.38 -43.41
C VAL D 24 -30.11 0.96 -43.89
N PRO D 25 -29.41 1.67 -44.77
CA PRO D 25 -29.91 2.99 -45.21
C PRO D 25 -31.18 2.86 -46.03
N ASP D 26 -31.74 4.02 -46.39
CA ASP D 26 -32.94 4.03 -47.22
C ASP D 26 -32.57 3.81 -48.68
N GLY D 27 -33.50 3.23 -49.42
CA GLY D 27 -33.25 2.96 -50.83
C GLY D 27 -32.32 1.80 -51.09
N ALA D 28 -32.33 0.79 -50.22
CA ALA D 28 -31.50 -0.38 -50.38
C ALA D 28 -32.33 -1.64 -50.16
N GLY D 29 -31.80 -2.77 -50.61
CA GLY D 29 -32.51 -4.02 -50.53
C GLY D 29 -32.86 -4.42 -49.11
N THR D 30 -33.50 -5.57 -48.96
CA THR D 30 -33.89 -6.07 -47.65
C THR D 30 -32.73 -6.82 -47.02
N VAL D 31 -32.54 -6.61 -45.73
CA VAL D 31 -31.50 -7.29 -44.96
C VAL D 31 -32.19 -8.11 -43.88
N ALA D 32 -32.19 -9.42 -44.05
CA ALA D 32 -32.71 -10.34 -43.05
C ALA D 32 -31.54 -10.92 -42.28
N ALA D 33 -31.55 -10.74 -40.96
CA ALA D 33 -30.50 -11.22 -40.09
C ALA D 33 -30.95 -12.51 -39.43
N LYS D 34 -30.37 -13.63 -39.83
CA LYS D 34 -30.76 -14.93 -39.27
C LYS D 34 -30.20 -15.03 -37.86
N VAL D 35 -30.93 -14.44 -36.92
CA VAL D 35 -30.56 -14.49 -35.51
C VAL D 35 -30.32 -15.94 -35.12
N GLU D 36 -29.12 -16.24 -34.67
CA GLU D 36 -28.73 -17.61 -34.37
C GLU D 36 -28.28 -17.79 -32.93
N TYR D 37 -28.52 -16.82 -32.06
CA TYR D 37 -28.17 -16.94 -30.66
C TYR D 37 -29.34 -17.47 -29.82
N LEU D 38 -30.41 -17.92 -30.46
CA LEU D 38 -31.55 -18.52 -29.78
C LEU D 38 -31.40 -20.02 -29.60
N ASN D 39 -30.32 -20.61 -30.08
CA ASN D 39 -30.09 -22.03 -29.84
C ASN D 39 -29.93 -22.28 -28.35
N PRO D 40 -30.29 -23.47 -27.89
CA PRO D 40 -30.15 -23.75 -26.44
C PRO D 40 -28.72 -23.57 -25.95
N GLY D 41 -27.72 -23.84 -26.79
CA GLY D 41 -26.34 -23.66 -26.40
C GLY D 41 -25.82 -22.24 -26.48
N GLY D 42 -26.63 -21.30 -26.96
CA GLY D 42 -26.25 -19.91 -26.99
C GLY D 42 -25.69 -19.41 -28.31
N SER D 43 -24.96 -20.24 -29.05
CA SER D 43 -24.30 -19.81 -30.27
C SER D 43 -24.73 -20.68 -31.44
N SER D 44 -24.12 -20.43 -32.60
CA SER D 44 -24.38 -21.23 -33.78
C SER D 44 -23.62 -22.54 -33.77
N LYS D 45 -22.54 -22.64 -33.00
CA LYS D 45 -21.70 -23.83 -33.04
C LYS D 45 -22.47 -25.08 -32.66
N ASP D 46 -23.59 -24.93 -31.96
CA ASP D 46 -24.40 -26.10 -31.61
C ASP D 46 -24.68 -26.93 -32.84
N ARG D 47 -25.06 -26.31 -33.94
CA ARG D 47 -25.35 -27.08 -35.15
C ARG D 47 -24.24 -28.07 -35.41
N ILE D 48 -23.03 -27.58 -35.67
CA ILE D 48 -21.92 -28.49 -35.99
C ILE D 48 -21.76 -29.51 -34.89
N ALA D 49 -21.76 -29.06 -33.63
CA ALA D 49 -21.58 -29.96 -32.51
C ALA D 49 -22.44 -31.21 -32.70
N VAL D 50 -23.75 -31.03 -32.78
CA VAL D 50 -24.64 -32.18 -32.91
C VAL D 50 -24.12 -33.10 -34.00
N LYS D 51 -23.99 -32.57 -35.21
CA LYS D 51 -23.57 -33.39 -36.33
C LYS D 51 -22.30 -34.16 -35.99
N MET D 52 -21.29 -33.44 -35.49
CA MET D 52 -20.02 -34.12 -35.21
C MET D 52 -20.24 -35.31 -34.30
N ILE D 53 -20.95 -35.11 -33.19
CA ILE D 53 -21.15 -36.21 -32.26
C ILE D 53 -21.80 -37.38 -32.97
N GLU D 54 -22.82 -37.10 -33.78
CA GLU D 54 -23.50 -38.18 -34.51
C GLU D 54 -22.50 -39.03 -35.27
N ALA D 55 -21.55 -38.38 -35.96
CA ALA D 55 -20.55 -39.14 -36.72
C ALA D 55 -19.83 -40.10 -35.81
N ALA D 56 -19.35 -39.64 -34.65
CA ALA D 56 -18.59 -40.49 -33.77
C ALA D 56 -19.40 -41.68 -33.28
N GLU D 57 -20.72 -41.62 -33.39
CA GLU D 57 -21.56 -42.75 -33.04
C GLU D 57 -21.88 -43.66 -34.21
N ALA D 58 -21.96 -43.12 -35.43
CA ALA D 58 -22.20 -43.95 -36.60
C ALA D 58 -20.92 -44.61 -37.08
N SER D 59 -19.86 -43.82 -37.23
CA SER D 59 -18.55 -44.33 -37.62
C SER D 59 -17.92 -45.19 -36.54
N GLY D 60 -18.57 -45.36 -35.39
CA GLY D 60 -17.99 -46.18 -34.34
C GLY D 60 -16.65 -45.70 -33.84
N GLN D 61 -16.30 -44.45 -34.12
CA GLN D 61 -15.01 -43.91 -33.75
C GLN D 61 -14.98 -43.35 -32.33
N LEU D 62 -16.12 -43.33 -31.63
CA LEU D 62 -16.21 -42.85 -30.26
C LEU D 62 -16.96 -43.91 -29.46
N LYS D 63 -16.23 -44.85 -28.89
CA LYS D 63 -16.86 -45.94 -28.16
C LYS D 63 -17.62 -45.39 -26.95
N PRO D 64 -18.77 -45.97 -26.61
CA PRO D 64 -19.54 -45.44 -25.47
C PRO D 64 -18.71 -45.41 -24.20
N GLY D 65 -18.90 -44.35 -23.41
CA GLY D 65 -18.08 -44.11 -22.25
C GLY D 65 -16.78 -43.40 -22.53
N GLY D 66 -16.48 -43.11 -23.79
CA GLY D 66 -15.25 -42.44 -24.12
C GLY D 66 -15.30 -40.95 -23.79
N THR D 67 -14.11 -40.35 -23.78
CA THR D 67 -13.96 -38.95 -23.43
C THR D 67 -13.71 -38.12 -24.68
N ILE D 68 -14.29 -36.94 -24.72
CA ILE D 68 -14.09 -35.99 -25.82
C ILE D 68 -13.01 -35.01 -25.40
N VAL D 69 -11.94 -34.95 -26.17
CA VAL D 69 -10.84 -34.00 -25.94
C VAL D 69 -10.87 -32.98 -27.06
N GLU D 70 -10.64 -31.72 -26.70
CA GLU D 70 -10.74 -30.67 -27.71
C GLU D 70 -10.07 -29.39 -27.23
N PRO D 71 -9.19 -28.80 -28.02
CA PRO D 71 -8.72 -27.44 -27.72
C PRO D 71 -9.81 -26.44 -28.05
N THR D 72 -10.47 -25.93 -27.02
CA THR D 72 -11.70 -25.19 -27.23
C THR D 72 -11.44 -23.73 -27.53
N SER D 73 -12.45 -23.06 -28.07
CA SER D 73 -12.44 -21.62 -28.22
C SER D 73 -13.34 -20.91 -27.21
N GLY D 74 -14.45 -21.53 -26.83
CA GLY D 74 -15.37 -20.90 -25.89
C GLY D 74 -16.82 -21.11 -26.28
N ASN D 75 -17.09 -21.23 -27.57
CA ASN D 75 -18.42 -21.53 -28.07
C ASN D 75 -18.59 -22.98 -28.46
N THR D 76 -17.64 -23.54 -29.22
CA THR D 76 -17.71 -24.96 -29.55
C THR D 76 -17.75 -25.81 -28.28
N GLY D 77 -17.04 -25.37 -27.24
CA GLY D 77 -17.09 -26.07 -25.98
C GLY D 77 -18.48 -26.13 -25.39
N VAL D 78 -19.22 -25.02 -25.48
CA VAL D 78 -20.57 -24.99 -24.91
C VAL D 78 -21.45 -26.02 -25.58
N GLY D 79 -21.47 -26.04 -26.91
CA GLY D 79 -22.31 -27.00 -27.62
C GLY D 79 -21.85 -28.44 -27.40
N LEU D 80 -20.54 -28.67 -27.48
CA LEU D 80 -20.04 -30.03 -27.26
C LEU D 80 -20.42 -30.53 -25.88
N ALA D 81 -20.27 -29.71 -24.85
CA ALA D 81 -20.69 -30.11 -23.52
C ALA D 81 -22.19 -30.36 -23.48
N LEU D 82 -22.97 -29.43 -24.03
CA LEU D 82 -24.42 -29.53 -23.97
C LEU D 82 -24.92 -30.83 -24.59
N VAL D 83 -24.22 -31.36 -25.60
CA VAL D 83 -24.68 -32.57 -26.27
C VAL D 83 -24.06 -33.82 -25.65
N ALA D 84 -22.74 -33.84 -25.50
CA ALA D 84 -22.08 -34.99 -24.89
C ALA D 84 -22.59 -35.24 -23.48
N GLN D 85 -23.19 -34.25 -22.85
CA GLN D 85 -23.84 -34.47 -21.56
C GLN D 85 -25.17 -35.20 -21.72
N ARG D 86 -25.83 -35.04 -22.86
CA ARG D 86 -27.01 -35.87 -23.13
C ARG D 86 -26.59 -37.31 -23.36
N ARG D 87 -25.58 -37.54 -24.20
CA ARG D 87 -25.15 -38.92 -24.40
C ARG D 87 -24.51 -39.50 -23.16
N GLY D 88 -23.83 -38.68 -22.37
CA GLY D 88 -23.12 -39.13 -21.19
C GLY D 88 -21.63 -39.31 -21.37
N TYR D 89 -21.03 -38.66 -22.36
CA TYR D 89 -19.60 -38.81 -22.64
C TYR D 89 -18.83 -37.76 -21.84
N LYS D 90 -17.89 -38.21 -21.03
CA LYS D 90 -17.05 -37.28 -20.29
C LYS D 90 -16.30 -36.38 -21.27
N CYS D 91 -16.32 -35.08 -21.00
CA CYS D 91 -15.73 -34.09 -21.89
C CYS D 91 -14.62 -33.34 -21.16
N VAL D 92 -13.47 -33.23 -21.80
CA VAL D 92 -12.31 -32.55 -21.22
C VAL D 92 -11.72 -31.61 -22.26
N PHE D 93 -11.65 -30.33 -21.93
CA PHE D 93 -11.10 -29.31 -22.83
C PHE D 93 -9.71 -28.90 -22.37
N VAL D 94 -8.98 -28.27 -23.29
CA VAL D 94 -7.66 -27.71 -22.99
C VAL D 94 -7.67 -26.28 -23.53
N CYS D 95 -7.74 -25.30 -22.63
CA CYS D 95 -8.04 -23.95 -23.04
C CYS D 95 -6.86 -23.02 -22.85
N PRO D 96 -6.64 -22.09 -23.77
CA PRO D 96 -5.62 -21.05 -23.54
C PRO D 96 -6.04 -20.12 -22.42
N ASP D 97 -5.06 -19.73 -21.60
CA ASP D 97 -5.35 -18.82 -20.49
C ASP D 97 -5.89 -17.48 -20.96
N LYS D 98 -5.89 -17.22 -22.26
CA LYS D 98 -6.45 -15.97 -22.77
C LYS D 98 -7.95 -15.87 -22.50
N VAL D 99 -8.63 -17.01 -22.31
CA VAL D 99 -10.06 -16.99 -22.07
C VAL D 99 -10.34 -16.52 -20.65
N SER D 100 -11.37 -15.70 -20.49
CA SER D 100 -11.70 -15.12 -19.19
C SER D 100 -12.17 -16.19 -18.23
N GLU D 101 -12.45 -15.79 -16.99
CA GLU D 101 -12.90 -16.74 -15.99
C GLU D 101 -14.36 -17.11 -16.19
N ASP D 102 -15.19 -16.15 -16.61
CA ASP D 102 -16.61 -16.45 -16.80
C ASP D 102 -16.82 -17.48 -17.92
N LYS D 103 -16.07 -17.36 -19.01
CA LYS D 103 -16.27 -18.27 -20.13
C LYS D 103 -15.99 -19.72 -19.74
N ARG D 104 -14.79 -19.97 -19.19
CA ARG D 104 -14.48 -21.35 -18.81
C ARG D 104 -15.26 -21.77 -17.57
N ASN D 105 -15.73 -20.83 -16.77
CA ASN D 105 -16.61 -21.20 -15.66
C ASN D 105 -17.93 -21.74 -16.19
N VAL D 106 -18.49 -21.09 -17.22
CA VAL D 106 -19.63 -21.67 -17.91
C VAL D 106 -19.28 -23.04 -18.47
N LEU D 107 -18.13 -23.12 -19.16
CA LEU D 107 -17.70 -24.38 -19.76
C LEU D 107 -17.62 -25.50 -18.74
N ILE D 108 -17.30 -25.17 -17.49
CA ILE D 108 -17.30 -26.16 -16.42
C ILE D 108 -18.70 -26.47 -15.95
N ALA D 109 -19.53 -25.43 -15.75
CA ALA D 109 -20.85 -25.64 -15.17
C ALA D 109 -21.65 -26.67 -15.97
N TYR D 110 -21.39 -26.77 -17.27
CA TYR D 110 -22.04 -27.78 -18.10
C TYR D 110 -21.50 -29.18 -17.86
N GLY D 111 -20.48 -29.33 -17.02
CA GLY D 111 -19.92 -30.63 -16.75
C GLY D 111 -18.70 -30.97 -17.57
N ALA D 112 -17.92 -29.98 -17.98
CA ALA D 112 -16.71 -30.19 -18.77
C ALA D 112 -15.50 -29.94 -17.89
N GLU D 113 -14.47 -30.76 -18.10
CA GLU D 113 -13.22 -30.63 -17.36
C GLU D 113 -12.24 -29.81 -18.20
N VAL D 114 -11.91 -28.61 -17.73
CA VAL D 114 -11.07 -27.68 -18.47
C VAL D 114 -9.70 -27.66 -17.82
N VAL D 115 -8.68 -28.09 -18.55
CA VAL D 115 -7.29 -28.02 -18.10
C VAL D 115 -6.62 -26.91 -18.89
N VAL D 116 -6.09 -25.93 -18.18
CA VAL D 116 -5.55 -24.72 -18.80
C VAL D 116 -4.04 -24.87 -18.99
N CYS D 117 -3.54 -24.24 -20.04
CA CYS D 117 -2.12 -24.21 -20.36
C CYS D 117 -1.75 -22.79 -20.77
N PRO D 118 -0.48 -22.41 -20.63
CA PRO D 118 -0.06 -21.07 -21.02
C PRO D 118 -0.32 -20.83 -22.50
N THR D 119 -0.34 -19.54 -22.87
CA THR D 119 -0.67 -19.13 -24.23
C THR D 119 0.45 -18.27 -24.79
N ALA D 120 0.29 -17.87 -26.05
CA ALA D 120 1.25 -17.03 -26.76
C ALA D 120 2.50 -17.82 -27.15
N VAL D 121 2.61 -19.06 -26.69
CA VAL D 121 3.70 -19.95 -27.07
C VAL D 121 3.38 -20.53 -28.43
N PRO D 122 4.36 -20.93 -29.22
CA PRO D 122 4.08 -21.48 -30.55
C PRO D 122 3.14 -22.66 -30.47
N PRO D 123 2.21 -22.79 -31.43
CA PRO D 123 1.25 -23.90 -31.37
C PRO D 123 1.89 -25.27 -31.45
N HIS D 124 3.04 -25.38 -32.10
CA HIS D 124 3.67 -26.67 -32.37
C HIS D 124 4.55 -27.17 -31.24
N ASP D 125 4.68 -26.42 -30.15
CA ASP D 125 5.53 -26.82 -29.04
C ASP D 125 4.71 -27.41 -27.90
N PRO D 126 5.36 -28.04 -26.92
CA PRO D 126 4.62 -28.71 -25.84
C PRO D 126 3.88 -27.77 -24.91
N ALA D 127 4.06 -26.46 -25.03
CA ALA D 127 3.39 -25.52 -24.14
C ALA D 127 2.01 -25.13 -24.65
N SER D 128 1.89 -24.81 -25.95
CA SER D 128 0.60 -24.45 -26.51
C SER D 128 -0.37 -25.62 -26.38
N TYR D 129 -1.66 -25.32 -26.52
CA TYR D 129 -2.67 -26.32 -26.19
C TYR D 129 -2.89 -27.36 -27.27
N TYR D 130 -2.36 -27.15 -28.49
CA TYR D 130 -2.50 -28.17 -29.52
C TYR D 130 -1.73 -29.43 -29.16
N SER D 131 -0.45 -29.26 -28.79
CA SER D 131 0.37 -30.41 -28.43
C SER D 131 -0.17 -31.10 -27.18
N VAL D 132 -0.62 -30.31 -26.20
CA VAL D 132 -1.16 -30.91 -24.98
C VAL D 132 -2.45 -31.65 -25.27
N SER D 133 -3.27 -31.13 -26.18
CA SER D 133 -4.47 -31.84 -26.60
C SER D 133 -4.11 -33.17 -27.23
N ASP D 134 -3.08 -33.18 -28.09
CA ASP D 134 -2.64 -34.43 -28.68
C ASP D 134 -2.14 -35.41 -27.62
N ARG D 135 -1.39 -34.89 -26.63
CA ARG D 135 -0.90 -35.75 -25.55
C ARG D 135 -2.05 -36.36 -24.76
N LEU D 136 -3.09 -35.56 -24.47
CA LEU D 136 -4.26 -36.09 -23.81
C LEU D 136 -4.94 -37.15 -24.67
N VAL D 137 -5.03 -36.90 -25.97
CA VAL D 137 -5.60 -37.90 -26.87
C VAL D 137 -4.84 -39.22 -26.75
N ARG D 138 -3.51 -39.13 -26.64
CA ARG D 138 -2.72 -40.35 -26.50
C ARG D 138 -3.00 -41.04 -25.17
N ASP D 139 -2.81 -40.31 -24.06
CA ASP D 139 -2.91 -40.93 -22.74
C ASP D 139 -4.29 -41.54 -22.50
N ILE D 140 -5.32 -40.69 -22.47
CA ILE D 140 -6.66 -41.16 -22.16
C ILE D 140 -7.06 -42.24 -23.17
N ASP D 141 -8.00 -43.09 -22.75
CA ASP D 141 -8.53 -44.14 -23.62
C ASP D 141 -9.87 -43.71 -24.19
N GLY D 142 -10.17 -44.23 -25.39
CA GLY D 142 -11.41 -43.89 -26.05
C GLY D 142 -11.54 -42.42 -26.39
N ALA D 143 -10.42 -41.69 -26.41
CA ALA D 143 -10.45 -40.28 -26.73
C ALA D 143 -10.85 -40.08 -28.19
N TRP D 144 -11.45 -38.92 -28.46
CA TRP D 144 -11.87 -38.58 -29.82
C TRP D 144 -11.76 -37.07 -29.98
N LYS D 145 -10.65 -36.62 -30.57
CA LYS D 145 -10.44 -35.21 -30.80
C LYS D 145 -11.26 -34.78 -32.00
N PRO D 146 -12.39 -34.09 -31.81
CA PRO D 146 -13.25 -33.76 -32.96
C PRO D 146 -12.54 -32.96 -34.03
N ASP D 147 -11.57 -32.12 -33.66
CA ASP D 147 -10.77 -31.37 -34.62
C ASP D 147 -11.67 -30.53 -35.53
N GLN D 148 -12.31 -29.55 -34.89
CA GLN D 148 -13.30 -28.72 -35.58
C GLN D 148 -12.74 -27.98 -36.79
N TYR D 149 -11.42 -28.03 -37.00
CA TYR D 149 -10.80 -27.29 -38.09
C TYR D 149 -10.56 -28.13 -39.33
N ALA D 150 -10.52 -29.45 -39.21
CA ALA D 150 -10.31 -30.33 -40.35
C ALA D 150 -11.31 -31.47 -40.33
N ASN D 151 -12.58 -31.13 -40.11
CA ASN D 151 -13.64 -32.13 -39.98
C ASN D 151 -14.72 -31.83 -41.01
N PRO D 152 -14.87 -32.67 -42.04
CA PRO D 152 -15.91 -32.40 -43.05
C PRO D 152 -17.31 -32.33 -42.47
N GLU D 153 -17.57 -33.07 -41.40
CA GLU D 153 -18.89 -33.04 -40.80
C GLU D 153 -19.26 -31.64 -40.34
N GLY D 154 -18.27 -30.82 -39.99
CA GLY D 154 -18.51 -29.46 -39.62
C GLY D 154 -19.31 -28.72 -40.66
N PRO D 155 -18.72 -28.50 -41.84
CA PRO D 155 -19.47 -27.84 -42.92
C PRO D 155 -20.66 -28.66 -43.41
N ALA D 156 -20.60 -29.98 -43.34
CA ALA D 156 -21.74 -30.79 -43.77
C ALA D 156 -22.97 -30.49 -42.94
N SER D 157 -22.79 -30.26 -41.63
CA SER D 157 -23.93 -29.98 -40.77
C SER D 157 -24.64 -28.70 -41.18
N HIS D 158 -23.88 -27.65 -41.49
CA HIS D 158 -24.50 -26.44 -42.00
C HIS D 158 -25.11 -26.66 -43.38
N TYR D 159 -24.48 -27.50 -44.20
CA TYR D 159 -25.07 -27.83 -45.49
C TYR D 159 -26.43 -28.50 -45.33
N VAL D 160 -26.61 -29.26 -44.25
CA VAL D 160 -27.86 -29.98 -44.06
C VAL D 160 -28.91 -29.11 -43.38
N THR D 161 -28.52 -28.31 -42.37
CA THR D 161 -29.49 -27.66 -41.51
C THR D 161 -29.24 -26.17 -41.34
N THR D 162 -28.56 -25.52 -42.27
CA THR D 162 -28.46 -24.06 -42.25
C THR D 162 -28.80 -23.44 -43.60
N GLY D 163 -28.60 -24.16 -44.68
CA GLY D 163 -29.02 -23.71 -45.99
C GLY D 163 -30.50 -23.90 -46.18
N PRO D 164 -31.01 -25.09 -45.86
CA PRO D 164 -32.46 -25.31 -45.98
C PRO D 164 -33.30 -24.31 -45.21
N GLU D 165 -32.87 -23.91 -44.02
CA GLU D 165 -33.60 -22.87 -43.29
C GLU D 165 -33.54 -21.55 -44.04
N ILE D 166 -32.35 -21.17 -44.51
CA ILE D 166 -32.21 -19.92 -45.25
C ILE D 166 -33.04 -19.96 -46.52
N TRP D 167 -33.09 -21.12 -47.18
CA TRP D 167 -33.80 -21.22 -48.45
C TRP D 167 -35.31 -21.33 -48.27
N ALA D 168 -35.77 -21.80 -47.11
CA ALA D 168 -37.20 -21.99 -46.89
C ALA D 168 -37.84 -20.78 -46.22
N ASP D 169 -37.17 -20.16 -45.25
CA ASP D 169 -37.74 -19.00 -44.59
C ASP D 169 -37.93 -17.84 -45.54
N THR D 170 -37.24 -17.83 -46.67
CA THR D 170 -37.38 -16.78 -47.67
C THR D 170 -38.09 -17.25 -48.94
N GLU D 171 -38.40 -18.53 -49.04
CA GLU D 171 -39.12 -19.07 -50.19
C GLU D 171 -38.29 -18.94 -51.47
N GLY D 172 -37.08 -19.49 -51.42
CA GLY D 172 -36.24 -19.57 -52.59
C GLY D 172 -35.89 -18.23 -53.23
N LYS D 173 -36.01 -17.14 -52.47
CA LYS D 173 -35.77 -15.80 -52.97
C LYS D 173 -34.73 -15.12 -52.08
N VAL D 174 -33.46 -15.34 -52.39
CA VAL D 174 -32.36 -14.74 -51.65
C VAL D 174 -31.26 -14.38 -52.63
N THR D 175 -30.99 -13.08 -52.79
CA THR D 175 -29.99 -12.65 -53.76
C THR D 175 -28.58 -12.97 -53.27
N HIS D 176 -28.29 -12.70 -52.00
CA HIS D 176 -26.97 -12.90 -51.44
C HIS D 176 -27.06 -13.64 -50.11
N PHE D 177 -25.90 -14.05 -49.60
CA PHE D 177 -25.81 -14.65 -48.27
C PHE D 177 -24.43 -14.31 -47.71
N VAL D 178 -24.38 -13.26 -46.91
CA VAL D 178 -23.13 -12.82 -46.28
C VAL D 178 -23.04 -13.45 -44.90
N ALA D 179 -21.84 -13.91 -44.55
CA ALA D 179 -21.67 -14.60 -43.28
C ALA D 179 -20.21 -14.54 -42.87
N GLY D 180 -19.97 -14.30 -41.58
CA GLY D 180 -18.62 -14.25 -41.07
C GLY D 180 -17.88 -15.55 -41.34
N ILE D 181 -16.64 -15.44 -41.80
CA ILE D 181 -15.83 -16.59 -42.17
C ILE D 181 -14.68 -16.67 -41.17
N GLY D 182 -14.82 -17.56 -40.20
CA GLY D 182 -13.79 -17.78 -39.21
C GLY D 182 -12.99 -19.04 -39.49
N THR D 183 -13.31 -20.12 -38.78
CA THR D 183 -12.69 -21.41 -39.05
C THR D 183 -13.16 -21.97 -40.39
N GLY D 184 -14.21 -21.40 -40.96
CA GLY D 184 -14.68 -21.84 -42.25
C GLY D 184 -15.58 -23.07 -42.28
N GLY D 185 -16.74 -22.98 -41.63
CA GLY D 185 -17.82 -23.89 -41.93
C GLY D 185 -19.11 -23.19 -42.34
N THR D 186 -19.44 -22.02 -41.78
CA THR D 186 -20.76 -21.46 -42.04
C THR D 186 -20.93 -21.05 -43.49
N ILE D 187 -19.93 -20.37 -44.05
CA ILE D 187 -20.00 -19.93 -45.44
C ILE D 187 -19.90 -21.11 -46.39
N THR D 188 -19.00 -22.05 -46.14
CA THR D 188 -18.84 -23.17 -47.06
C THR D 188 -20.11 -24.00 -47.13
N GLY D 189 -20.51 -24.57 -45.98
CA GLY D 189 -21.66 -25.47 -45.96
C GLY D 189 -22.97 -24.81 -46.29
N ALA D 190 -23.06 -23.48 -46.17
CA ALA D 190 -24.28 -22.79 -46.54
C ALA D 190 -24.30 -22.35 -48.00
N GLY D 191 -23.23 -21.71 -48.46
CA GLY D 191 -23.18 -21.28 -49.84
C GLY D 191 -23.16 -22.43 -50.83
N ARG D 192 -22.49 -23.53 -50.46
CA ARG D 192 -22.51 -24.69 -51.35
C ARG D 192 -23.94 -25.12 -51.66
N TYR D 193 -24.79 -25.21 -50.62
CA TYR D 193 -26.17 -25.58 -50.84
C TYR D 193 -26.96 -24.49 -51.55
N LEU D 194 -26.76 -23.23 -51.15
CA LEU D 194 -27.48 -22.15 -51.83
C LEU D 194 -27.20 -22.15 -53.31
N LYS D 195 -25.98 -22.50 -53.71
CA LYS D 195 -25.64 -22.60 -55.13
C LYS D 195 -26.18 -23.88 -55.77
N GLU D 196 -26.07 -25.02 -55.09
CA GLU D 196 -26.60 -26.25 -55.64
C GLU D 196 -28.09 -26.13 -55.91
N VAL D 197 -28.80 -25.34 -55.11
CA VAL D 197 -30.25 -25.24 -55.21
C VAL D 197 -30.69 -23.99 -55.96
N SER D 198 -29.75 -23.13 -56.36
CA SER D 198 -30.12 -21.94 -57.12
C SER D 198 -29.22 -21.74 -58.32
N GLY D 199 -28.69 -22.81 -58.91
CA GLY D 199 -27.76 -22.65 -60.00
C GLY D 199 -26.56 -21.87 -59.54
N GLY D 200 -26.48 -20.60 -59.94
CA GLY D 200 -25.42 -19.73 -59.45
C GLY D 200 -25.93 -18.35 -59.10
N ARG D 201 -27.21 -18.25 -58.78
CA ARG D 201 -27.82 -16.94 -58.57
C ARG D 201 -27.29 -16.28 -57.31
N VAL D 202 -27.55 -16.88 -56.15
CA VAL D 202 -27.25 -16.23 -54.87
C VAL D 202 -25.74 -16.18 -54.69
N ARG D 203 -25.17 -14.98 -54.79
CA ARG D 203 -23.74 -14.79 -54.69
C ARG D 203 -23.33 -14.82 -53.23
N ILE D 204 -22.54 -15.82 -52.84
CA ILE D 204 -22.08 -15.95 -51.47
C ILE D 204 -20.99 -14.91 -51.21
N VAL D 205 -21.12 -14.21 -50.09
CA VAL D 205 -20.11 -13.24 -49.66
C VAL D 205 -19.65 -13.63 -48.26
N GLY D 206 -18.38 -13.36 -47.98
CA GLY D 206 -17.83 -13.69 -46.68
C GLY D 206 -17.02 -12.59 -46.06
N ALA D 207 -17.42 -12.11 -44.89
CA ALA D 207 -16.71 -11.06 -44.19
C ALA D 207 -15.56 -11.64 -43.38
N ASP D 208 -14.45 -10.92 -43.34
CA ASP D 208 -13.26 -11.37 -42.63
C ASP D 208 -12.62 -10.18 -41.94
N PRO D 209 -12.16 -10.35 -40.70
CA PRO D 209 -11.53 -9.22 -40.00
C PRO D 209 -10.34 -8.69 -40.79
N GLU D 210 -10.17 -7.38 -40.78
CA GLU D 210 -9.15 -6.72 -41.57
C GLU D 210 -7.77 -7.31 -41.27
N GLY D 211 -7.08 -7.73 -42.32
CA GLY D 211 -5.73 -8.23 -42.18
C GLY D 211 -5.63 -9.67 -41.72
N SER D 212 -6.44 -10.56 -42.29
CA SER D 212 -6.37 -11.98 -42.00
C SER D 212 -5.89 -12.75 -43.22
N VAL D 213 -5.82 -14.07 -43.09
CA VAL D 213 -5.35 -14.89 -44.19
C VAL D 213 -6.33 -14.83 -45.36
N TYR D 214 -7.63 -14.99 -45.07
CA TYR D 214 -8.63 -15.01 -46.12
C TYR D 214 -8.67 -13.68 -46.87
N SER D 215 -8.60 -12.57 -46.13
CA SER D 215 -8.64 -11.26 -46.75
C SER D 215 -7.37 -10.92 -47.51
N GLY D 216 -6.43 -11.87 -47.64
CA GLY D 216 -5.23 -11.66 -48.41
C GLY D 216 -4.04 -11.12 -47.66
N GLY D 217 -4.24 -10.65 -46.43
CA GLY D 217 -3.17 -10.12 -45.63
C GLY D 217 -2.38 -11.20 -44.90
N ALA D 218 -1.53 -10.77 -43.99
CA ALA D 218 -0.74 -11.66 -43.15
C ALA D 218 -1.38 -11.76 -41.78
N GLY D 219 -0.70 -12.47 -40.88
CA GLY D 219 -1.21 -12.66 -39.54
C GLY D 219 -1.49 -11.35 -38.84
N ARG D 220 -2.16 -11.45 -37.70
CA ARG D 220 -2.52 -10.27 -36.91
C ARG D 220 -3.07 -10.71 -35.55
N PRO D 221 -2.86 -9.91 -34.51
CA PRO D 221 -3.55 -10.19 -33.23
C PRO D 221 -5.03 -9.87 -33.37
N TYR D 222 -5.87 -10.87 -33.12
CA TYR D 222 -7.30 -10.77 -33.36
C TYR D 222 -8.05 -10.49 -32.07
N LEU D 223 -9.01 -9.57 -32.14
CA LEU D 223 -9.85 -9.21 -31.01
C LEU D 223 -11.25 -9.76 -31.09
N VAL D 224 -11.88 -9.72 -32.26
CA VAL D 224 -13.23 -10.27 -32.41
C VAL D 224 -13.16 -11.77 -32.21
N GLU D 225 -13.68 -12.25 -31.10
CA GLU D 225 -13.61 -13.68 -30.80
C GLU D 225 -14.36 -14.48 -31.86
N GLY D 226 -13.74 -15.56 -32.30
CA GLY D 226 -14.29 -16.33 -33.40
C GLY D 226 -13.58 -16.10 -34.72
N VAL D 227 -14.15 -15.25 -35.56
CA VAL D 227 -13.66 -15.00 -36.91
C VAL D 227 -12.17 -14.68 -36.91
N GLY D 228 -11.50 -15.04 -37.99
CA GLY D 228 -10.09 -14.75 -38.19
C GLY D 228 -9.24 -16.00 -38.04
N GLU D 229 -8.15 -16.04 -38.79
CA GLU D 229 -7.23 -17.17 -38.75
C GLU D 229 -5.86 -16.74 -39.24
N ASP D 230 -4.87 -17.57 -38.95
CA ASP D 230 -3.50 -17.37 -39.41
C ASP D 230 -3.06 -18.44 -40.41
N PHE D 231 -3.90 -19.43 -40.68
CA PHE D 231 -3.59 -20.48 -41.63
C PHE D 231 -4.88 -20.88 -42.34
N TRP D 232 -4.75 -21.69 -43.39
CA TRP D 232 -5.91 -22.13 -44.14
C TRP D 232 -6.45 -23.40 -43.50
N PRO D 233 -7.63 -23.38 -42.88
CA PRO D 233 -8.19 -24.59 -42.29
C PRO D 233 -8.42 -25.64 -43.36
N ALA D 234 -8.27 -26.90 -42.95
CA ALA D 234 -8.48 -28.00 -43.88
C ALA D 234 -9.95 -28.18 -44.25
N ALA D 235 -10.86 -27.39 -43.67
CA ALA D 235 -12.29 -27.54 -43.90
C ALA D 235 -12.92 -26.26 -44.41
N TYR D 236 -12.20 -25.49 -45.22
CA TYR D 236 -12.73 -24.29 -45.86
C TYR D 236 -12.33 -24.33 -47.32
N ASP D 237 -13.26 -24.73 -48.19
CA ASP D 237 -12.97 -24.78 -49.61
C ASP D 237 -13.03 -23.37 -50.19
N PRO D 238 -11.89 -22.74 -50.46
CA PRO D 238 -11.90 -21.33 -50.88
C PRO D 238 -12.59 -21.07 -52.19
N SER D 239 -13.14 -22.10 -52.85
CA SER D 239 -13.82 -21.89 -54.12
C SER D 239 -15.25 -21.40 -53.95
N VAL D 240 -15.84 -21.53 -52.76
CA VAL D 240 -17.25 -21.22 -52.56
C VAL D 240 -17.48 -19.71 -52.51
N PRO D 241 -16.88 -19.00 -51.55
CA PRO D 241 -17.17 -17.57 -51.43
C PRO D 241 -16.78 -16.81 -52.69
N ASP D 242 -17.63 -15.85 -53.06
CA ASP D 242 -17.43 -15.09 -54.29
C ASP D 242 -16.82 -13.71 -54.03
N GLU D 243 -16.84 -13.23 -52.79
CA GLU D 243 -16.19 -11.97 -52.46
C GLU D 243 -15.98 -11.93 -50.95
N ILE D 244 -14.71 -11.96 -50.54
CA ILE D 244 -14.35 -11.83 -49.12
C ILE D 244 -14.13 -10.35 -48.84
N ILE D 245 -15.18 -9.68 -48.37
CA ILE D 245 -15.13 -8.25 -48.05
C ILE D 245 -14.62 -8.10 -46.63
N ALA D 246 -13.35 -7.74 -46.49
CA ALA D 246 -12.74 -7.57 -45.17
C ALA D 246 -13.23 -6.30 -44.51
N VAL D 247 -13.35 -6.35 -43.19
CA VAL D 247 -13.82 -5.22 -42.40
C VAL D 247 -12.93 -5.04 -41.18
N SER D 248 -12.78 -3.80 -40.74
CA SER D 248 -11.87 -3.47 -39.65
C SER D 248 -12.45 -3.95 -38.32
N ASP D 249 -11.73 -3.65 -37.23
CA ASP D 249 -12.18 -4.05 -35.90
C ASP D 249 -13.04 -2.97 -35.25
N SER D 250 -12.59 -1.71 -35.30
CA SER D 250 -13.39 -0.64 -34.74
C SER D 250 -14.76 -0.58 -35.41
N ASP D 251 -14.79 -0.75 -36.73
CA ASP D 251 -16.07 -0.75 -37.44
C ASP D 251 -16.97 -1.87 -36.94
N SER D 252 -16.43 -3.07 -36.77
CA SER D 252 -17.27 -4.19 -36.35
C SER D 252 -17.80 -3.97 -34.93
N PHE D 253 -16.94 -3.50 -34.02
CA PHE D 253 -17.41 -3.26 -32.66
C PHE D 253 -18.48 -2.17 -32.63
N ASP D 254 -18.26 -1.08 -33.36
CA ASP D 254 -19.26 -0.02 -33.39
C ASP D 254 -20.56 -0.50 -34.00
N MET D 255 -20.47 -1.33 -35.04
CA MET D 255 -21.69 -1.86 -35.65
C MET D 255 -22.43 -2.77 -34.67
N THR D 256 -21.70 -3.58 -33.90
CA THR D 256 -22.36 -4.41 -32.89
C THR D 256 -23.09 -3.55 -31.88
N ARG D 257 -22.44 -2.50 -31.37
CA ARG D 257 -23.07 -1.65 -30.38
C ARG D 257 -24.30 -0.95 -30.96
N ARG D 258 -24.16 -0.37 -32.14
CA ARG D 258 -25.29 0.31 -32.77
C ARG D 258 -26.41 -0.66 -33.13
N LEU D 259 -26.07 -1.90 -33.43
CA LEU D 259 -27.08 -2.91 -33.70
C LEU D 259 -27.88 -3.23 -32.45
N ALA D 260 -27.17 -3.47 -31.34
CA ALA D 260 -27.87 -3.72 -30.08
C ALA D 260 -28.71 -2.52 -29.66
N ARG D 261 -28.32 -1.31 -30.05
CA ARG D 261 -29.06 -0.13 -29.63
C ARG D 261 -30.22 0.22 -30.55
N GLU D 262 -30.15 -0.11 -31.84
CA GLU D 262 -31.17 0.31 -32.80
C GLU D 262 -31.94 -0.85 -33.42
N GLU D 263 -31.68 -2.09 -32.99
CA GLU D 263 -32.43 -3.23 -33.51
C GLU D 263 -32.81 -4.24 -32.43
N ALA D 264 -32.45 -3.99 -31.17
CA ALA D 264 -32.83 -4.88 -30.08
C ALA D 264 -32.24 -6.28 -30.30
N MET D 265 -30.94 -6.32 -30.57
CA MET D 265 -30.22 -7.58 -30.70
C MET D 265 -28.89 -7.45 -29.98
N LEU D 266 -28.63 -8.34 -29.02
CA LEU D 266 -27.35 -8.37 -28.33
C LEU D 266 -26.45 -9.38 -29.04
N VAL D 267 -25.94 -8.96 -30.19
CA VAL D 267 -25.01 -9.77 -30.97
C VAL D 267 -23.59 -9.45 -30.53
N GLY D 268 -22.65 -10.32 -30.88
CA GLY D 268 -21.27 -10.16 -30.45
C GLY D 268 -20.42 -9.30 -31.36
N GLY D 269 -19.18 -9.71 -31.58
CA GLY D 269 -18.28 -8.99 -32.46
C GLY D 269 -18.38 -9.47 -33.89
N SER D 270 -18.27 -10.79 -34.08
CA SER D 270 -18.43 -11.35 -35.41
C SER D 270 -19.79 -10.99 -35.99
N CYS D 271 -20.81 -10.87 -35.15
CA CYS D 271 -22.12 -10.45 -35.65
C CYS D 271 -22.05 -9.05 -36.25
N GLY D 272 -21.39 -8.13 -35.55
CA GLY D 272 -21.23 -6.79 -36.10
C GLY D 272 -20.42 -6.78 -37.37
N MET D 273 -19.38 -7.61 -37.42
CA MET D 273 -18.57 -7.70 -38.64
C MET D 273 -19.42 -8.18 -39.81
N ALA D 274 -20.21 -9.22 -39.60
CA ALA D 274 -21.07 -9.73 -40.66
C ALA D 274 -22.09 -8.69 -41.08
N VAL D 275 -22.66 -7.97 -40.12
CA VAL D 275 -23.68 -6.99 -40.45
C VAL D 275 -23.08 -5.84 -41.25
N VAL D 276 -21.86 -5.42 -40.91
CA VAL D 276 -21.22 -4.35 -41.68
C VAL D 276 -20.88 -4.83 -43.08
N ALA D 277 -20.38 -6.06 -43.20
CA ALA D 277 -20.13 -6.60 -44.53
C ALA D 277 -21.40 -6.63 -45.36
N ALA D 278 -22.51 -7.03 -44.75
CA ALA D 278 -23.78 -6.98 -45.45
C ALA D 278 -24.09 -5.55 -45.87
N LEU D 279 -24.30 -4.66 -44.90
CA LEU D 279 -24.65 -3.28 -45.23
C LEU D 279 -23.76 -2.70 -46.32
N LYS D 280 -22.53 -3.20 -46.45
CA LYS D 280 -21.70 -2.78 -47.57
C LYS D 280 -22.14 -3.43 -48.87
N VAL D 281 -22.27 -4.76 -48.90
CA VAL D 281 -22.62 -5.45 -50.13
C VAL D 281 -24.01 -5.03 -50.60
N ALA D 282 -24.87 -4.62 -49.69
CA ALA D 282 -26.25 -4.22 -49.98
C ALA D 282 -26.31 -2.91 -50.74
N GLU D 283 -25.18 -2.34 -51.12
CA GLU D 283 -25.16 -1.14 -51.95
C GLU D 283 -25.04 -1.49 -53.43
N GLU D 284 -24.16 -2.40 -53.78
CA GLU D 284 -24.01 -2.84 -55.16
C GLU D 284 -25.16 -3.73 -55.61
N ALA D 285 -26.10 -4.04 -54.72
CA ALA D 285 -27.32 -4.76 -55.06
C ALA D 285 -28.47 -3.80 -54.80
N GLY D 286 -29.01 -3.21 -55.87
CA GLY D 286 -30.08 -2.25 -55.75
C GLY D 286 -31.33 -2.86 -55.17
N PRO D 287 -32.45 -2.16 -55.28
CA PRO D 287 -33.71 -2.67 -54.74
C PRO D 287 -33.99 -4.10 -55.19
N ASP D 288 -34.83 -4.81 -54.43
CA ASP D 288 -35.20 -6.20 -54.66
C ASP D 288 -34.11 -7.16 -54.24
N ALA D 289 -33.14 -6.74 -53.44
CA ALA D 289 -32.11 -7.62 -52.92
C ALA D 289 -32.50 -8.11 -51.55
N LEU D 290 -32.16 -9.37 -51.26
CA LEU D 290 -32.50 -10.00 -49.98
C LEU D 290 -31.23 -10.64 -49.43
N ILE D 291 -30.52 -9.90 -48.59
CA ILE D 291 -29.26 -10.36 -48.02
C ILE D 291 -29.56 -10.95 -46.65
N VAL D 292 -29.27 -12.23 -46.48
CA VAL D 292 -29.50 -12.92 -45.21
C VAL D 292 -28.17 -13.06 -44.51
N VAL D 293 -27.90 -12.14 -43.59
CA VAL D 293 -26.69 -12.22 -42.77
C VAL D 293 -26.86 -13.33 -41.74
N LEU D 294 -25.75 -13.83 -41.24
CA LEU D 294 -25.74 -14.91 -40.25
C LEU D 294 -25.09 -14.40 -38.98
N LEU D 295 -25.89 -13.83 -38.08
CA LEU D 295 -25.41 -13.39 -36.78
C LEU D 295 -25.21 -14.60 -35.90
N PRO D 296 -23.96 -15.05 -35.68
CA PRO D 296 -23.73 -16.38 -35.11
C PRO D 296 -23.51 -16.44 -33.60
N ASP D 297 -23.69 -15.35 -32.86
CA ASP D 297 -23.41 -15.36 -31.44
C ASP D 297 -24.39 -14.46 -30.70
N GLY D 298 -24.43 -14.62 -29.38
CA GLY D 298 -25.24 -13.79 -28.51
C GLY D 298 -24.35 -12.91 -27.64
N GLY D 299 -24.62 -11.61 -27.67
CA GLY D 299 -23.75 -10.65 -27.02
C GLY D 299 -23.95 -10.52 -25.52
N ARG D 300 -24.06 -11.64 -24.82
CA ARG D 300 -24.14 -11.60 -23.36
C ARG D 300 -22.79 -11.88 -22.70
N GLY D 301 -21.92 -12.64 -23.36
CA GLY D 301 -20.60 -12.89 -22.80
C GLY D 301 -19.68 -11.70 -22.92
N TYR D 302 -19.85 -10.90 -23.97
CA TYR D 302 -19.02 -9.72 -24.18
C TYR D 302 -19.51 -8.52 -23.37
N MET D 303 -20.55 -8.70 -22.54
CA MET D 303 -21.15 -7.57 -21.86
C MET D 303 -20.14 -6.70 -21.14
N SER D 304 -18.98 -7.24 -20.78
CA SER D 304 -17.90 -6.47 -20.19
C SER D 304 -16.69 -6.39 -21.10
N LYS D 305 -16.84 -6.68 -22.39
CA LYS D 305 -15.70 -6.70 -23.29
C LYS D 305 -15.86 -5.70 -24.44
N ILE D 306 -17.06 -5.54 -24.99
CA ILE D 306 -17.28 -4.53 -26.02
C ILE D 306 -18.35 -3.53 -25.66
N PHE D 307 -19.22 -3.82 -24.69
CA PHE D 307 -20.18 -2.86 -24.20
C PHE D 307 -19.66 -2.05 -23.03
N ASN D 308 -18.39 -2.22 -22.68
CA ASN D 308 -17.78 -1.52 -21.55
C ASN D 308 -16.93 -0.38 -22.09
N ASP D 309 -17.34 0.85 -21.80
CA ASP D 309 -16.65 2.02 -22.34
C ASP D 309 -15.18 2.04 -21.94
N ALA D 310 -14.84 1.44 -20.80
CA ALA D 310 -13.44 1.42 -20.37
C ALA D 310 -12.59 0.58 -21.31
N TRP D 311 -12.92 -0.71 -21.44
CA TRP D 311 -12.18 -1.58 -22.34
C TRP D 311 -12.21 -1.03 -23.76
N MET D 312 -13.40 -0.69 -24.25
CA MET D 312 -13.53 -0.20 -25.62
C MET D 312 -12.75 1.08 -25.84
N SER D 313 -12.33 1.75 -24.77
CA SER D 313 -11.51 2.95 -24.91
C SER D 313 -10.02 2.68 -24.77
N SER D 314 -9.63 1.60 -24.09
CA SER D 314 -8.22 1.28 -23.97
C SER D 314 -7.61 0.95 -25.33
N TYR D 315 -8.35 0.23 -26.17
CA TYR D 315 -7.88 -0.14 -27.50
C TYR D 315 -8.22 0.91 -28.55
N GLY D 316 -7.92 2.18 -28.29
CA GLY D 316 -8.20 3.23 -29.26
C GLY D 316 -9.50 3.06 -30.03
N PHE D 317 -10.62 3.00 -29.32
CA PHE D 317 -11.93 2.70 -29.89
C PHE D 317 -12.93 3.65 -29.24
N LEU D 318 -14.20 3.28 -29.28
CA LEU D 318 -15.22 4.02 -28.54
C LEU D 318 -15.48 5.41 -29.11
N ARG D 319 -15.90 5.47 -30.37
CA ARG D 319 -16.38 6.72 -30.96
C ARG D 319 -17.21 7.52 -29.97
N SER D 320 -18.21 6.88 -29.36
CA SER D 320 -19.09 7.55 -28.41
C SER D 320 -19.39 6.60 -27.26
N ARG D 321 -20.02 7.15 -26.23
CA ARG D 321 -20.38 6.37 -25.06
C ARG D 321 -21.82 5.83 -25.20
N LEU D 322 -22.10 4.74 -24.50
CA LEU D 322 -23.39 4.08 -24.66
C LEU D 322 -24.55 5.01 -24.31
N ASP D 323 -24.42 5.75 -23.22
CA ASP D 323 -25.57 6.44 -22.65
C ASP D 323 -25.86 7.78 -23.32
N GLY D 324 -24.84 8.53 -23.73
CA GLY D 324 -25.09 9.88 -24.18
C GLY D 324 -23.88 10.74 -24.44
N SER D 325 -23.84 11.93 -23.83
CA SER D 325 -22.84 12.94 -24.13
C SER D 325 -21.43 12.35 -24.09
N THR D 326 -20.51 13.02 -24.79
CA THR D 326 -19.25 12.38 -25.17
C THR D 326 -18.22 12.38 -24.04
N GLU D 327 -17.73 13.56 -23.66
CA GLU D 327 -16.51 13.65 -22.86
C GLU D 327 -16.64 14.66 -21.72
N GLN D 328 -17.67 14.45 -20.88
CA GLN D 328 -17.81 15.32 -19.68
C GLN D 328 -16.66 14.97 -18.72
N SER D 329 -15.50 14.58 -19.26
CA SER D 329 -14.36 14.15 -18.41
C SER D 329 -13.59 15.36 -17.88
N THR D 330 -12.95 16.14 -18.75
CA THR D 330 -12.13 17.33 -18.33
C THR D 330 -10.76 16.86 -17.84
N VAL D 331 -9.72 17.67 -18.01
CA VAL D 331 -8.37 17.24 -17.66
C VAL D 331 -8.14 17.31 -16.16
N GLY D 332 -8.76 18.28 -15.48
CA GLY D 332 -8.58 18.38 -14.05
C GLY D 332 -8.96 17.11 -13.32
N ASP D 333 -9.96 16.38 -13.82
CA ASP D 333 -10.37 15.15 -13.16
C ASP D 333 -9.29 14.08 -13.22
N VAL D 334 -8.43 14.15 -14.24
CA VAL D 334 -7.28 13.24 -14.28
C VAL D 334 -6.43 13.41 -13.04
N LEU D 335 -6.42 14.60 -12.45
CA LEU D 335 -5.67 14.86 -11.23
C LEU D 335 -6.40 14.43 -9.97
N ARG D 336 -7.70 14.10 -10.08
CA ARG D 336 -8.52 13.83 -8.90
C ARG D 336 -8.50 12.36 -8.52
N ARG D 337 -7.39 11.66 -8.80
CA ARG D 337 -7.27 10.26 -8.40
C ARG D 337 -7.41 10.08 -6.89
N LYS D 338 -7.16 11.14 -6.12
CA LYS D 338 -7.33 11.13 -4.67
C LYS D 338 -8.67 11.73 -4.27
N SER D 339 -9.70 11.50 -5.08
CA SER D 339 -11.05 11.99 -4.82
C SER D 339 -11.08 13.53 -4.82
N GLY D 340 -10.74 14.11 -5.97
CA GLY D 340 -10.77 15.56 -6.12
C GLY D 340 -9.84 16.24 -5.12
N ALA D 341 -8.61 15.75 -5.05
CA ALA D 341 -7.68 16.11 -3.99
C ALA D 341 -6.31 16.47 -4.58
N LEU D 342 -6.28 17.45 -5.49
CA LEU D 342 -4.99 17.90 -6.08
C LEU D 342 -3.88 17.79 -5.03
N PRO D 343 -2.71 17.17 -5.33
CA PRO D 343 -1.68 16.93 -4.32
C PRO D 343 -0.64 18.03 -4.03
N ALA D 344 -1.06 19.29 -3.84
CA ALA D 344 -0.13 20.38 -3.43
C ALA D 344 0.98 20.66 -4.45
N LEU D 345 1.06 19.90 -5.54
CA LEU D 345 2.05 20.18 -6.62
C LEU D 345 3.49 19.95 -6.14
N VAL D 346 3.97 18.71 -6.18
CA VAL D 346 5.37 18.41 -5.88
C VAL D 346 6.26 19.33 -6.71
N HIS D 347 7.20 19.99 -6.05
CA HIS D 347 8.03 20.98 -6.71
C HIS D 347 9.43 20.98 -6.12
N THR D 348 10.33 21.71 -6.77
CA THR D 348 11.68 21.92 -6.30
C THR D 348 12.10 23.32 -6.67
N HIS D 349 13.15 23.82 -6.02
CA HIS D 349 13.56 25.20 -6.19
C HIS D 349 14.93 25.29 -6.84
N PRO D 350 15.25 26.42 -7.46
CA PRO D 350 16.52 26.56 -8.17
C PRO D 350 17.76 26.47 -7.27
N SER D 351 17.59 26.24 -5.96
CA SER D 351 18.72 26.09 -5.07
C SER D 351 18.88 24.70 -4.48
N GLU D 352 17.83 23.88 -4.50
CA GLU D 352 17.94 22.54 -3.96
C GLU D 352 18.99 21.74 -4.72
N THR D 353 19.34 20.58 -4.18
CA THR D 353 20.39 19.74 -4.73
C THR D 353 19.80 18.72 -5.68
N VAL D 354 20.53 18.42 -6.76
CA VAL D 354 20.10 17.41 -7.71
C VAL D 354 19.69 16.13 -6.98
N ARG D 355 20.46 15.77 -5.96
CA ARG D 355 20.10 14.59 -5.17
C ARG D 355 18.74 14.77 -4.53
N ASP D 356 18.44 15.97 -4.03
CA ASP D 356 17.14 16.20 -3.42
C ASP D 356 16.02 16.19 -4.44
N ALA D 357 16.27 16.70 -5.65
CA ALA D 357 15.25 16.63 -6.69
C ALA D 357 14.95 15.18 -7.06
N ILE D 358 15.99 14.37 -7.25
CA ILE D 358 15.77 12.95 -7.51
C ILE D 358 15.03 12.32 -6.35
N GLY D 359 15.34 12.74 -5.12
CA GLY D 359 14.66 12.24 -3.95
C GLY D 359 13.17 12.51 -3.96
N ILE D 360 12.78 13.76 -4.23
CA ILE D 360 11.36 14.07 -4.29
C ILE D 360 10.68 13.29 -5.41
N LEU D 361 11.32 13.23 -6.58
CA LEU D 361 10.76 12.47 -7.68
C LEU D 361 10.51 11.02 -7.28
N ARG D 362 11.50 10.37 -6.69
CA ARG D 362 11.32 8.98 -6.28
C ARG D 362 10.25 8.86 -5.21
N GLU D 363 10.22 9.78 -4.25
CA GLU D 363 9.33 9.64 -3.10
C GLU D 363 7.87 9.85 -3.46
N TYR D 364 7.58 10.66 -4.46
CA TYR D 364 6.19 10.93 -4.82
C TYR D 364 5.74 10.20 -6.08
N GLY D 365 6.59 9.37 -6.66
CA GLY D 365 6.19 8.56 -7.79
C GLY D 365 6.15 9.32 -9.11
N VAL D 366 5.88 10.63 -9.04
CA VAL D 366 5.80 11.43 -10.24
C VAL D 366 7.14 11.39 -10.98
N SER D 367 7.09 11.68 -12.28
CA SER D 367 8.28 11.66 -13.13
C SER D 367 8.66 13.02 -13.68
N GLN D 368 7.92 14.08 -13.36
CA GLN D 368 8.27 15.43 -13.78
C GLN D 368 7.84 16.41 -12.70
N MET D 369 8.58 17.51 -12.59
CA MET D 369 8.28 18.44 -11.52
C MET D 369 8.71 19.84 -11.91
N PRO D 370 7.86 20.85 -11.70
CA PRO D 370 8.24 22.23 -12.05
C PRO D 370 9.04 22.87 -10.93
N VAL D 371 10.26 23.28 -11.24
CA VAL D 371 11.05 24.06 -10.29
C VAL D 371 10.49 25.47 -10.24
N VAL D 372 9.97 25.85 -9.07
CA VAL D 372 9.25 27.10 -8.88
C VAL D 372 9.95 27.90 -7.78
N GLY D 373 10.04 29.20 -7.99
CA GLY D 373 10.84 30.05 -7.13
C GLY D 373 10.23 30.43 -5.80
N ALA D 374 9.25 29.65 -5.33
CA ALA D 374 8.65 29.91 -4.03
C ALA D 374 7.96 28.64 -3.55
N GLU D 375 8.44 28.08 -2.44
CA GLU D 375 7.82 26.87 -1.88
C GLU D 375 6.32 27.03 -1.73
N PRO D 376 5.78 28.17 -1.33
CA PRO D 376 4.34 28.38 -1.38
C PRO D 376 3.81 28.03 -2.76
N PRO D 377 2.97 27.00 -2.85
CA PRO D 377 2.41 26.59 -4.14
C PRO D 377 1.34 27.54 -4.64
N VAL D 378 1.73 28.79 -4.89
CA VAL D 378 0.80 29.81 -5.37
C VAL D 378 1.36 30.57 -6.55
N MET D 379 2.43 30.05 -7.16
CA MET D 379 3.09 30.75 -8.25
C MET D 379 2.10 31.05 -9.38
N ALA D 380 2.25 32.24 -9.97
CA ALA D 380 1.40 32.67 -11.08
C ALA D 380 2.14 32.43 -12.40
N GLY D 381 2.21 31.17 -12.80
CA GLY D 381 2.78 30.81 -14.09
C GLY D 381 4.19 31.30 -14.32
N GLU D 382 4.95 31.51 -13.25
CA GLU D 382 6.33 31.97 -13.35
C GLU D 382 7.30 30.94 -12.79
N VAL D 383 7.00 29.65 -13.01
CA VAL D 383 7.90 28.59 -12.57
C VAL D 383 9.22 28.70 -13.30
N ALA D 384 10.32 28.57 -12.56
CA ALA D 384 11.64 28.81 -13.14
C ALA D 384 12.00 27.76 -14.19
N GLY D 385 11.63 26.51 -13.98
CA GLY D 385 12.01 25.49 -14.94
C GLY D 385 11.27 24.20 -14.71
N SER D 386 11.74 23.15 -15.37
CA SER D 386 11.16 21.82 -15.19
C SER D 386 12.29 20.80 -15.06
N VAL D 387 12.12 19.86 -14.12
CA VAL D 387 13.07 18.79 -13.89
C VAL D 387 12.39 17.47 -14.18
N SER D 388 13.00 16.66 -15.02
CA SER D 388 12.47 15.36 -15.41
C SER D 388 13.41 14.28 -14.89
N GLU D 389 12.86 13.34 -14.12
CA GLU D 389 13.68 12.34 -13.46
C GLU D 389 14.63 11.65 -14.43
N ARG D 390 14.14 11.32 -15.63
CA ARG D 390 15.00 10.70 -16.62
C ARG D 390 16.19 11.58 -16.95
N GLU D 391 15.93 12.87 -17.21
CA GLU D 391 17.01 13.78 -17.58
C GLU D 391 18.03 13.90 -16.45
N LEU D 392 17.55 14.02 -15.22
CA LEU D 392 18.46 14.07 -14.08
C LEU D 392 19.33 12.83 -14.03
N LEU D 393 18.70 11.66 -13.91
CA LEU D 393 19.46 10.42 -13.82
C LEU D 393 20.47 10.31 -14.95
N SER D 394 20.11 10.77 -16.15
CA SER D 394 21.07 10.75 -17.25
C SER D 394 22.25 11.66 -16.97
N ALA D 395 21.98 12.91 -16.58
CA ALA D 395 23.07 13.85 -16.32
C ALA D 395 23.86 13.49 -15.07
N VAL D 396 23.36 12.56 -14.26
CA VAL D 396 24.04 12.15 -13.03
C VAL D 396 24.89 10.91 -13.26
N PHE D 397 24.44 9.99 -14.11
CA PHE D 397 25.22 8.80 -14.42
C PHE D 397 26.16 9.01 -15.60
N GLU D 398 26.14 10.18 -16.24
CA GLU D 398 27.09 10.51 -17.28
C GLU D 398 28.06 11.60 -16.86
N GLY D 399 28.27 11.76 -15.55
CA GLY D 399 29.28 12.69 -15.05
C GLY D 399 29.05 14.13 -15.39
N ARG D 400 27.93 14.44 -16.04
CA ARG D 400 27.63 15.81 -16.43
C ARG D 400 27.01 16.62 -15.30
N ALA D 401 26.77 16.01 -14.14
CA ALA D 401 26.22 16.74 -13.00
C ALA D 401 26.52 15.95 -11.74
N LYS D 402 27.29 16.53 -10.83
CA LYS D 402 27.51 15.90 -9.54
C LYS D 402 26.19 15.81 -8.78
N LEU D 403 26.07 14.77 -7.95
CA LEU D 403 24.85 14.63 -7.16
C LEU D 403 24.58 15.87 -6.34
N ALA D 404 25.62 16.56 -5.89
CA ALA D 404 25.46 17.71 -5.00
C ALA D 404 25.28 19.02 -5.73
N ASP D 405 25.51 19.07 -7.04
CA ASP D 405 25.39 20.31 -7.77
C ASP D 405 23.98 20.88 -7.64
N ALA D 406 23.89 22.21 -7.67
CA ALA D 406 22.59 22.85 -7.60
C ALA D 406 21.75 22.48 -8.81
N VAL D 407 20.44 22.34 -8.59
CA VAL D 407 19.56 21.90 -9.66
C VAL D 407 19.46 22.94 -10.76
N SER D 408 19.68 24.22 -10.42
CA SER D 408 19.48 25.29 -11.40
C SER D 408 20.42 25.16 -12.59
N ALA D 409 21.49 24.37 -12.47
CA ALA D 409 22.44 24.21 -13.56
C ALA D 409 22.10 23.06 -14.48
N HIS D 410 21.06 22.28 -14.18
CA HIS D 410 20.72 21.11 -14.98
C HIS D 410 19.21 20.96 -15.16
N MET D 411 18.48 22.07 -15.14
CA MET D 411 17.04 22.05 -15.29
C MET D 411 16.66 22.44 -16.72
N SER D 412 15.71 21.72 -17.29
CA SER D 412 15.29 21.94 -18.66
C SER D 412 14.29 23.08 -18.75
N PRO D 413 13.98 23.52 -19.96
CA PRO D 413 13.02 24.62 -20.12
C PRO D 413 11.66 24.25 -19.56
N PRO D 414 10.84 25.23 -19.21
CA PRO D 414 9.51 24.92 -18.65
C PRO D 414 8.68 24.11 -19.63
N LEU D 415 7.76 23.32 -19.08
CA LEU D 415 6.85 22.52 -19.87
C LEU D 415 5.54 23.28 -20.09
N ARG D 416 4.99 23.14 -21.29
CA ARG D 416 3.84 23.94 -21.70
C ARG D 416 2.66 23.72 -20.74
N MET D 417 1.66 24.58 -20.87
CA MET D 417 0.53 24.59 -19.95
C MET D 417 -0.78 24.41 -20.70
N ILE D 418 -1.73 23.77 -20.03
CA ILE D 418 -3.09 23.63 -20.54
C ILE D 418 -4.05 23.86 -19.39
N GLY D 419 -5.23 24.38 -19.71
CA GLY D 419 -6.21 24.65 -18.68
C GLY D 419 -6.65 23.40 -17.95
N ALA D 420 -7.27 23.60 -16.78
CA ALA D 420 -7.75 22.49 -15.97
C ALA D 420 -9.20 22.16 -16.22
N GLY D 421 -9.96 23.07 -16.84
CA GLY D 421 -11.35 22.83 -17.13
C GLY D 421 -11.58 22.46 -18.59
N GLU D 422 -10.54 21.94 -19.24
CA GLU D 422 -10.62 21.57 -20.64
C GLU D 422 -10.78 20.06 -20.79
N LEU D 423 -11.46 19.66 -21.86
CA LEU D 423 -11.84 18.27 -22.03
C LEU D 423 -10.62 17.39 -22.30
N VAL D 424 -10.73 16.12 -21.90
CA VAL D 424 -9.62 15.18 -22.03
C VAL D 424 -9.21 14.99 -23.47
N SER D 425 -10.14 15.15 -24.42
CA SER D 425 -9.78 15.06 -25.83
C SER D 425 -8.76 16.14 -26.19
N ALA D 426 -8.97 17.36 -25.68
CA ALA D 426 -7.98 18.41 -25.88
C ALA D 426 -6.65 18.03 -25.27
N ALA D 427 -6.67 17.38 -24.09
CA ALA D 427 -5.42 16.94 -23.48
C ALA D 427 -4.70 15.94 -24.37
N GLY D 428 -5.44 15.01 -24.97
CA GLY D 428 -4.80 14.09 -25.91
C GLY D 428 -4.22 14.81 -27.11
N LYS D 429 -4.99 15.72 -27.69
CA LYS D 429 -4.49 16.49 -28.83
C LYS D 429 -3.21 17.23 -28.47
N ALA D 430 -3.14 17.77 -27.25
CA ALA D 430 -1.96 18.50 -26.83
C ALA D 430 -0.78 17.57 -26.62
N LEU D 431 -0.94 16.58 -25.73
CA LEU D 431 0.13 15.63 -25.46
C LEU D 431 0.60 14.91 -26.72
N ARG D 432 -0.16 14.99 -27.81
CA ARG D 432 0.29 14.39 -29.06
C ARG D 432 1.64 14.96 -29.52
N ASP D 433 2.08 16.08 -28.96
CA ASP D 433 3.29 16.74 -29.43
C ASP D 433 4.37 16.91 -28.38
N TRP D 434 4.03 16.88 -27.09
CA TRP D 434 5.01 17.02 -26.03
C TRP D 434 4.99 15.77 -25.16
N ASP D 435 5.81 15.78 -24.11
CA ASP D 435 5.92 14.62 -23.23
C ASP D 435 5.02 14.70 -22.01
N ALA D 436 4.73 15.91 -21.53
CA ALA D 436 3.81 16.13 -20.42
C ALA D 436 3.66 17.63 -20.24
N LEU D 437 2.58 18.05 -19.60
CA LEU D 437 2.31 19.47 -19.48
C LEU D 437 1.57 19.76 -18.20
N MET D 438 1.84 20.93 -17.62
CA MET D 438 1.25 21.32 -16.35
C MET D 438 -0.08 22.02 -16.57
N VAL D 439 -1.05 21.71 -15.71
CA VAL D 439 -2.40 22.24 -15.82
C VAL D 439 -2.48 23.49 -14.95
N VAL D 440 -2.57 24.65 -15.60
CA VAL D 440 -2.64 25.93 -14.90
C VAL D 440 -4.12 26.23 -14.63
N GLU D 441 -4.54 26.02 -13.40
CA GLU D 441 -5.94 26.15 -13.01
C GLU D 441 -6.17 27.58 -12.50
N GLU D 442 -6.81 28.39 -13.32
CA GLU D 442 -7.10 29.79 -13.03
C GLU D 442 -5.86 30.50 -12.46
N GLY D 443 -4.84 30.58 -13.31
CA GLY D 443 -3.61 31.28 -12.97
C GLY D 443 -2.50 30.42 -12.39
N LYS D 444 -2.79 29.68 -11.33
CA LYS D 444 -1.73 28.93 -10.67
C LYS D 444 -1.65 27.51 -11.22
N PRO D 445 -0.46 26.91 -11.21
CA PRO D 445 -0.35 25.49 -11.59
C PRO D 445 -0.79 24.58 -10.46
N VAL D 446 -1.33 23.42 -10.84
CA VAL D 446 -1.85 22.48 -9.86
C VAL D 446 -1.36 21.07 -10.12
N GLY D 447 -0.39 20.91 -11.00
CA GLY D 447 0.19 19.61 -11.26
C GLY D 447 0.58 19.47 -12.72
N VAL D 448 0.98 18.26 -13.08
CA VAL D 448 1.42 17.95 -14.43
C VAL D 448 0.72 16.67 -14.89
N ILE D 449 0.02 16.75 -16.01
CA ILE D 449 -0.57 15.58 -16.64
C ILE D 449 0.38 15.08 -17.71
N THR D 450 0.60 13.77 -17.75
CA THR D 450 1.59 13.17 -18.61
C THR D 450 0.97 12.04 -19.42
N ARG D 451 1.59 11.74 -20.56
CA ARG D 451 1.07 10.72 -21.46
C ARG D 451 0.68 9.46 -20.69
N TYR D 452 1.57 8.97 -19.84
CA TYR D 452 1.32 7.75 -19.10
C TYR D 452 0.08 7.90 -18.22
N ASP D 453 -0.08 9.05 -17.57
CA ASP D 453 -1.22 9.27 -16.71
C ASP D 453 -2.52 9.38 -17.50
N LEU D 454 -2.52 10.11 -18.61
CA LEU D 454 -3.73 10.22 -19.41
C LEU D 454 -4.17 8.87 -19.96
N LEU D 455 -3.21 8.11 -20.52
CA LEU D 455 -3.54 6.81 -21.07
C LEU D 455 -3.86 5.79 -19.99
N GLY D 456 -3.45 6.04 -18.75
CA GLY D 456 -3.88 5.20 -17.65
C GLY D 456 -5.27 5.55 -17.17
N PHE D 457 -5.65 6.82 -17.27
CA PHE D 457 -6.99 7.22 -16.89
C PHE D 457 -8.03 6.76 -17.91
N LEU D 458 -7.72 6.90 -19.19
CA LEU D 458 -8.68 6.48 -20.22
C LEU D 458 -9.06 5.02 -20.05
N SER D 459 -8.12 4.19 -19.62
CA SER D 459 -8.32 2.75 -19.52
C SER D 459 -9.08 2.33 -18.27
N GLU D 460 -9.53 3.27 -17.46
CA GLU D 460 -10.29 2.91 -16.25
C GLU D 460 -11.59 3.67 -16.11
N GLY D 461 -11.71 4.85 -16.71
CA GLY D 461 -12.92 5.64 -16.59
C GLY D 461 -13.39 6.21 -17.91
N1 PLP E . -38.10 -15.81 -11.31
C2 PLP E . -37.41 -14.74 -11.74
C2A PLP E . -35.88 -14.72 -11.69
C3 PLP E . -38.10 -13.65 -12.24
O3 PLP E . -37.41 -12.52 -12.70
C4 PLP E . -39.45 -13.66 -12.28
C4A PLP E . -40.18 -12.45 -12.84
C5 PLP E . -40.13 -14.75 -11.85
C6 PLP E . -39.44 -15.84 -11.35
C5A PLP E . -41.66 -14.78 -11.89
O4P PLP E . -42.21 -13.66 -11.27
P PLP E . -43.84 -13.55 -11.22
O1P PLP E . -44.42 -14.79 -11.87
O2P PLP E . -44.30 -12.34 -11.96
O3P PLP E . -44.30 -13.47 -9.78
HO3 PLP E . -36.65 -12.81 -13.19
N1 PLP F . 24.31 6.16 34.66
C2 PLP F . 24.64 5.78 33.41
C2A PLP F . 23.79 6.22 32.22
C3 PLP F . 25.75 4.98 33.20
O3 PLP F . 26.10 4.59 31.91
C4 PLP F . 26.51 4.59 34.24
C4A PLP F . 27.72 3.71 33.98
C5 PLP F . 26.17 4.97 35.50
C6 PLP F . 25.07 5.77 35.71
C5A PLP F . 27.02 4.53 36.69
O4P PLP F . 27.20 3.15 36.70
P PLP F . 28.08 2.52 37.94
O1P PLP F . 29.30 1.83 37.39
O2P PLP F . 28.49 3.64 38.85
O3P PLP F . 27.24 1.52 38.70
HO3 PLP F . 25.97 5.31 31.31
N1 PLP G . 32.16 25.56 11.85
C2 PLP G . 30.91 25.42 12.34
C2A PLP G . 30.19 24.08 12.22
C3 PLP G . 30.30 26.49 12.95
O3 PLP G . 29.01 26.36 13.47
C4 PLP G . 30.94 27.67 13.07
C4A PLP G . 30.23 28.83 13.75
C5 PLP G . 32.19 27.81 12.57
C6 PLP G . 32.81 26.73 11.96
C5A PLP G . 32.93 29.14 12.69
O4P PLP G . 32.16 30.19 12.19
P PLP G . 32.82 31.69 12.22
O1P PLP G . 34.22 31.58 12.80
O2P PLP G . 31.99 32.59 13.09
O3P PLP G . 32.88 32.25 10.82
HO3 PLP G . 28.93 25.51 13.88
N1 PLP H . -18.40 -15.90 -35.20
C2 PLP H . -18.15 -16.46 -34.00
C2A PLP H . -18.09 -15.59 -32.74
C3 PLP H . -17.95 -17.82 -33.91
O3 PLP H . -17.69 -18.41 -32.67
C4 PLP H . -18.00 -18.58 -35.02
C4A PLP H . -17.77 -20.09 -34.90
C5 PLP H . -18.25 -18.02 -36.23
C6 PLP H . -18.45 -16.65 -36.32
C5A PLP H . -18.31 -18.87 -37.49
O4P PLP H . -17.17 -19.65 -37.61
P PLP H . -17.07 -20.62 -38.94
O1P PLP H . -17.01 -22.06 -38.52
O2P PLP H . -18.31 -20.40 -39.78
O3P PLP H . -15.84 -20.28 -39.74
HO3 PLP H . -18.24 -18.02 -32.02
#